data_4E7E
#
_entry.id   4E7E
#
_cell.length_a   81.110
_cell.length_b   101.420
_cell.length_c   213.240
_cell.angle_alpha   90.00
_cell.angle_beta   90.00
_cell.angle_gamma   90.00
#
_symmetry.space_group_name_H-M   'P 21 21 21'
#
loop_
_entity.id
_entity.type
_entity.pdbx_description
1 polymer 'UDP-N-acetylglucosamine 1-carboxyvinyltransferase'
2 non-polymer 1,2-ETHANEDIOL
3 non-polymer 'ACETATE ION'
4 non-polymer "URIDINE-5'-DIPHOSPHATE-GLUCOSE"
5 water water
#
_entity_poly.entity_id   1
_entity_poly.type   'polypeptide(L)'
_entity_poly.pdbx_seq_one_letter_code
;MDKFRVQGPTRLQGEVTISGAKNAALPILFAALLAEEPVEIQNVPKLKDIDTTMKLLTQLGTKVER(IAS)GSVWIDASN
VNNFSAPYDLVKTMRASIWALGPLVARFGQGQVSLPGGDAIGARPVDLHIFGLEKLGAEIKLEEGYVKASVNGRLKGAHI
VMDKVSVGATVTIMSAATLAEGTTIIENAAREPEIVDTANFLVALGAKISGQGTDRITIEGVERLGGGVYRVLPDRIETG
TFLVAAAISGGKIVCRNAQPDTLDAVLAKLREAGADIETGEDWISLDMHGKRPKAVTVRTAPHPAFPTDMQAQFTLLNLV
AEGTGVITETIFENRFMHVPELIRMGAHAEIESNTVICHGVEKLSGAQVMATDLRASASLVLAGCIAEGTTVVDRIYHID
RGYERIEDKLRALGANIERVKGE
;
_entity_poly.pdbx_strand_id   A,B,C,D
#
loop_
_chem_comp.id
_chem_comp.type
_chem_comp.name
_chem_comp.formula
ACT non-polymer 'ACETATE ION' 'C2 H3 O2 -1'
EDO non-polymer 1,2-ETHANEDIOL 'C2 H6 O2'
IAS L-beta-peptide, C-gamma linking 'BETA-L-ASPARTIC ACID' 'C4 H7 N O4'
UPG non-polymer URIDINE-5'-DIPHOSPHATE-GLUCOSE 'C15 H24 N2 O17 P2'
#
# COMPACT_ATOMS: atom_id res chain seq x y z
N MET A 1 24.79 32.77 7.25
CA MET A 1 23.87 32.01 6.34
C MET A 1 24.32 32.05 4.89
N ASP A 2 25.21 31.13 4.54
CA ASP A 2 25.72 31.04 3.18
C ASP A 2 24.69 30.92 2.05
N LYS A 3 25.04 31.50 0.90
CA LYS A 3 24.21 31.47 -0.31
C LYS A 3 25.10 31.23 -1.53
N PHE A 4 24.49 30.79 -2.62
CA PHE A 4 25.18 30.54 -3.89
C PHE A 4 24.62 31.52 -4.92
N ARG A 5 25.47 32.39 -5.48
CA ARG A 5 25.01 33.30 -6.53
C ARG A 5 25.50 32.77 -7.88
N VAL A 6 24.57 32.38 -8.74
CA VAL A 6 24.95 31.84 -10.05
C VAL A 6 24.54 32.77 -11.18
N GLN A 7 25.45 32.92 -12.14
CA GLN A 7 25.22 33.74 -13.33
C GLN A 7 25.01 32.81 -14.51
N GLY A 8 23.82 32.82 -15.11
CA GLY A 8 23.59 31.94 -16.24
C GLY A 8 23.17 32.63 -17.52
N PRO A 9 23.17 31.89 -18.66
CA PRO A 9 23.52 30.48 -18.76
C PRO A 9 24.96 30.13 -19.12
N THR A 10 25.42 28.99 -18.62
CA THR A 10 26.78 28.53 -18.90
C THR A 10 26.84 27.02 -19.13
N ARG A 11 27.48 26.64 -20.22
CA ARG A 11 27.66 25.25 -20.56
C ARG A 11 28.64 24.58 -19.60
N LEU A 12 28.18 23.52 -18.93
CA LEU A 12 29.03 22.78 -17.99
C LEU A 12 29.84 21.70 -18.69
N GLN A 13 31.14 21.94 -18.83
CA GLN A 13 31.97 20.99 -19.52
C GLN A 13 33.37 20.87 -18.96
N GLY A 14 33.98 19.72 -19.20
CA GLY A 14 35.34 19.51 -18.75
C GLY A 14 35.50 18.26 -17.92
N GLU A 15 36.15 18.44 -16.78
CA GLU A 15 36.41 17.37 -15.85
C GLU A 15 36.00 17.59 -14.39
N VAL A 16 35.67 16.50 -13.71
CA VAL A 16 35.28 16.57 -12.31
C VAL A 16 35.88 15.33 -11.68
N THR A 17 36.32 15.45 -10.43
CA THR A 17 36.86 14.27 -9.76
C THR A 17 35.84 13.93 -8.68
N ILE A 18 35.29 12.71 -8.76
CA ILE A 18 34.27 12.27 -7.82
C ILE A 18 34.79 11.97 -6.40
N SER A 19 34.16 12.55 -5.40
CA SER A 19 34.53 12.33 -4.00
C SER A 19 34.09 10.96 -3.51
N GLY A 20 34.65 10.51 -2.39
CA GLY A 20 34.26 9.22 -1.83
C GLY A 20 32.84 9.35 -1.27
N ALA A 21 32.15 8.22 -1.14
CA ALA A 21 30.79 8.21 -0.60
C ALA A 21 30.72 8.35 0.92
N LYS A 22 30.06 9.40 1.39
CA LYS A 22 29.89 9.59 2.82
C LYS A 22 29.22 8.35 3.40
N ASN A 23 28.22 7.86 2.65
CA ASN A 23 27.47 6.69 3.05
C ASN A 23 28.16 5.35 3.12
N ALA A 24 29.36 5.28 2.55
CA ALA A 24 30.13 4.06 2.64
C ALA A 24 31.22 4.37 3.66
N ALA A 25 31.66 5.63 3.68
CA ALA A 25 32.70 6.06 4.63
C ALA A 25 32.25 5.91 6.10
N LEU A 26 31.06 6.40 6.43
CA LEU A 26 30.51 6.28 7.79
C LEU A 26 30.56 4.87 8.37
N PRO A 27 29.84 3.92 7.75
CA PRO A 27 29.86 2.56 8.29
C PRO A 27 31.27 1.93 8.37
N ILE A 28 32.15 2.29 7.42
CA ILE A 28 33.50 1.75 7.43
C ILE A 28 34.25 2.34 8.63
N LEU A 29 34.11 3.64 8.83
CA LEU A 29 34.71 4.32 9.98
C LEU A 29 34.36 3.63 11.30
N PHE A 30 33.08 3.27 11.46
CA PHE A 30 32.59 2.57 12.65
C PHE A 30 33.11 1.14 12.76
N ALA A 31 33.15 0.48 11.61
CA ALA A 31 33.62 -0.88 11.54
C ALA A 31 35.09 -0.95 11.95
N ALA A 32 35.83 0.15 11.76
CA ALA A 32 37.25 0.20 12.09
C ALA A 32 37.49 -0.05 13.56
N LEU A 33 36.45 0.11 14.37
CA LEU A 33 36.50 -0.15 15.80
C LEU A 33 36.85 -1.62 16.02
N LEU A 34 36.62 -2.43 14.99
CA LEU A 34 36.90 -3.85 15.06
C LEU A 34 38.39 -4.17 14.87
N ALA A 35 39.09 -3.24 14.21
CA ALA A 35 40.51 -3.39 13.86
C ALA A 35 41.53 -3.41 14.99
N GLU A 36 42.29 -4.50 15.11
CA GLU A 36 43.32 -4.60 16.15
C GLU A 36 44.60 -3.84 15.83
N GLU A 37 44.88 -3.73 14.54
CA GLU A 37 46.06 -3.03 14.04
C GLU A 37 45.63 -1.76 13.32
N PRO A 38 46.56 -0.82 13.14
CA PRO A 38 46.23 0.43 12.46
C PRO A 38 45.54 0.24 11.09
N VAL A 39 44.73 1.22 10.72
CA VAL A 39 44.01 1.15 9.46
C VAL A 39 44.05 2.50 8.77
N GLU A 40 44.16 2.48 7.44
CA GLU A 40 44.17 3.71 6.66
C GLU A 40 42.96 3.71 5.76
N ILE A 41 41.99 4.58 6.02
CA ILE A 41 40.81 4.60 5.16
C ILE A 41 41.00 5.72 4.16
N GLN A 42 41.26 5.37 2.90
CA GLN A 42 41.44 6.41 1.88
C GLN A 42 40.19 6.90 1.18
N ASN A 43 40.31 8.05 0.51
CA ASN A 43 39.20 8.59 -0.25
C ASN A 43 37.93 8.99 0.54
N VAL A 44 38.15 9.47 1.76
CA VAL A 44 37.08 9.91 2.68
C VAL A 44 36.82 11.39 2.43
N PRO A 45 35.57 11.76 2.12
CA PRO A 45 35.27 13.18 1.86
C PRO A 45 35.31 14.02 3.12
N LYS A 46 35.50 15.33 2.94
CA LYS A 46 35.57 16.26 4.06
C LYS A 46 34.18 16.82 4.33
N LEU A 47 33.42 16.11 5.17
CA LEU A 47 32.05 16.48 5.48
C LEU A 47 31.78 16.51 6.99
N LYS A 48 30.78 17.28 7.40
CA LYS A 48 30.41 17.36 8.81
C LYS A 48 30.31 16.01 9.54
N ASP A 49 29.49 15.10 9.02
CA ASP A 49 29.35 13.76 9.65
C ASP A 49 30.67 13.03 9.85
N ILE A 50 31.64 13.28 8.98
CA ILE A 50 32.91 12.60 9.11
C ILE A 50 33.57 13.15 10.37
N ASP A 51 33.43 14.46 10.59
CA ASP A 51 34.03 15.08 11.78
C ASP A 51 33.43 14.58 13.07
N THR A 52 32.11 14.52 13.09
CA THR A 52 31.35 14.07 14.24
C THR A 52 31.81 12.66 14.56
N THR A 53 31.96 11.85 13.51
CA THR A 53 32.40 10.48 13.66
C THR A 53 33.82 10.45 14.20
N MET A 54 34.67 11.34 13.67
CA MET A 54 36.04 11.46 14.18
C MET A 54 36.04 11.76 15.69
N LYS A 55 35.28 12.78 16.10
CA LYS A 55 35.17 13.14 17.52
C LYS A 55 34.66 11.96 18.34
N LEU A 56 33.61 11.34 17.83
CA LEU A 56 33.03 10.19 18.51
C LEU A 56 34.07 9.09 18.76
N LEU A 57 34.84 8.77 17.72
CA LEU A 57 35.89 7.75 17.83
C LEU A 57 36.96 8.09 18.85
N THR A 58 37.43 9.34 18.80
CA THR A 58 38.48 9.76 19.70
C THR A 58 37.98 9.60 21.14
N GLN A 59 36.73 9.98 21.35
CA GLN A 59 36.08 9.88 22.64
C GLN A 59 36.09 8.46 23.20
N LEU A 60 36.10 7.48 22.30
CA LEU A 60 36.12 6.09 22.72
C LEU A 60 37.51 5.65 23.16
N GLY A 61 38.51 6.45 22.81
CA GLY A 61 39.89 6.11 23.16
C GLY A 61 40.66 5.71 21.93
N THR A 62 40.08 5.96 20.76
CA THR A 62 40.69 5.64 19.49
C THR A 62 41.66 6.73 19.07
N LYS A 63 42.74 6.34 18.39
CA LYS A 63 43.69 7.34 17.88
C LYS A 63 43.23 7.71 16.46
N VAL A 64 42.92 8.98 16.25
CA VAL A 64 42.40 9.43 14.97
C VAL A 64 43.07 10.69 14.39
N GLU A 65 43.34 10.63 13.10
CA GLU A 65 43.92 11.73 12.35
C GLU A 65 43.53 11.72 10.88
N ARG A 66 43.46 12.89 10.25
CA ARG A 66 43.08 12.96 8.85
C ARG A 66 43.78 14.04 8.05
N IAS A 67 43.64 13.97 6.73
CA IAS A 67 44.22 14.96 5.84
C IAS A 67 43.45 16.29 5.75
O IAS A 67 43.87 17.17 4.94
CB IAS A 67 44.64 14.39 4.49
CG IAS A 67 43.46 13.91 3.69
OD1 IAS A 67 42.31 14.20 4.02
OXT IAS A 67 42.45 16.46 6.47
N GLY A 68 43.73 13.18 2.60
CA GLY A 68 42.64 12.68 1.79
C GLY A 68 42.11 11.45 2.50
N SER A 69 42.98 10.90 3.34
CA SER A 69 42.68 9.71 4.09
C SER A 69 42.37 10.02 5.54
N VAL A 70 41.91 9.00 6.25
CA VAL A 70 41.65 9.12 7.65
C VAL A 70 42.42 7.97 8.26
N TRP A 71 43.34 8.29 9.17
CA TRP A 71 44.12 7.25 9.83
C TRP A 71 43.48 6.82 11.15
N ILE A 72 43.27 5.52 11.30
CA ILE A 72 42.65 4.99 12.50
C ILE A 72 43.53 3.97 13.22
N ASP A 73 43.59 4.10 14.53
CA ASP A 73 44.32 3.16 15.37
C ASP A 73 43.42 2.86 16.56
N ALA A 74 42.71 1.73 16.48
CA ALA A 74 41.76 1.33 17.51
C ALA A 74 42.32 0.30 18.49
N SER A 75 43.64 0.23 18.57
CA SER A 75 44.29 -0.70 19.48
C SER A 75 44.00 -0.45 20.95
N ASN A 76 43.75 0.81 21.29
CA ASN A 76 43.50 1.17 22.68
C ASN A 76 42.18 1.73 23.17
N VAL A 77 41.08 1.28 22.57
CA VAL A 77 39.75 1.73 22.97
C VAL A 77 39.56 1.36 24.44
N ASN A 78 39.30 2.39 25.26
CA ASN A 78 39.13 2.23 26.71
C ASN A 78 37.78 2.66 27.22
N ASN A 79 37.14 3.58 26.49
CA ASN A 79 35.81 4.07 26.84
C ASN A 79 34.73 3.43 25.98
N PHE A 80 33.64 2.96 26.59
CA PHE A 80 32.57 2.29 25.83
C PHE A 80 31.23 3.00 25.67
N SER A 81 31.24 4.31 25.87
CA SER A 81 30.02 5.10 25.78
C SER A 81 29.98 6.17 24.68
N ALA A 82 28.85 6.27 23.98
CA ALA A 82 28.66 7.30 22.94
C ALA A 82 27.67 8.26 23.60
N PRO A 83 28.20 9.23 24.36
CA PRO A 83 27.40 10.24 25.09
C PRO A 83 26.34 10.96 24.26
N TYR A 84 25.28 11.41 24.94
CA TYR A 84 24.20 12.13 24.27
C TYR A 84 24.77 13.29 23.46
N ASP A 85 25.90 13.79 23.93
CA ASP A 85 26.58 14.90 23.30
C ASP A 85 27.18 14.69 21.90
N LEU A 86 27.03 13.47 21.37
CA LEU A 86 27.54 13.10 20.04
C LEU A 86 26.46 12.57 19.10
N VAL A 87 25.70 11.59 19.58
CA VAL A 87 24.61 11.00 18.79
C VAL A 87 23.56 12.06 18.45
N LYS A 88 23.85 13.29 18.87
CA LYS A 88 22.98 14.43 18.65
C LYS A 88 22.37 14.64 17.28
N THR A 89 23.20 15.14 16.37
CA THR A 89 22.74 15.41 15.02
C THR A 89 23.24 14.32 14.09
N MET A 90 23.55 13.15 14.65
CA MET A 90 24.05 12.04 13.83
C MET A 90 23.51 10.63 14.00
N ARG A 91 22.51 10.30 13.22
CA ARG A 91 21.90 8.97 13.29
C ARG A 91 22.93 7.85 13.21
N ALA A 92 23.91 8.01 12.33
CA ALA A 92 24.98 7.05 12.13
C ALA A 92 25.65 6.60 13.45
N SER A 93 25.55 7.44 14.47
CA SER A 93 26.10 7.14 15.80
C SER A 93 25.83 5.72 16.25
N ILE A 94 24.62 5.26 15.96
CA ILE A 94 24.19 3.93 16.34
C ILE A 94 25.18 2.85 15.92
N TRP A 95 25.88 3.06 14.80
CA TRP A 95 26.88 2.12 14.27
C TRP A 95 28.03 1.75 15.19
N ALA A 96 28.19 2.50 16.28
CA ALA A 96 29.26 2.23 17.24
C ALA A 96 28.86 1.07 18.15
N LEU A 97 27.56 0.87 18.34
CA LEU A 97 27.08 -0.21 19.21
C LEU A 97 27.59 -1.63 18.98
N GLY A 98 27.37 -2.14 17.77
CA GLY A 98 27.77 -3.49 17.40
C GLY A 98 29.24 -3.83 17.58
N PRO A 99 30.16 -3.06 16.95
CA PRO A 99 31.60 -3.30 17.04
C PRO A 99 32.01 -3.33 18.50
N LEU A 100 31.52 -2.36 19.27
CA LEU A 100 31.81 -2.28 20.69
C LEU A 100 31.51 -3.54 21.48
N VAL A 101 30.28 -4.03 21.39
CA VAL A 101 29.95 -5.25 22.12
C VAL A 101 30.61 -6.44 21.47
N ALA A 102 30.71 -6.44 20.15
CA ALA A 102 31.29 -7.60 19.46
C ALA A 102 32.76 -7.76 19.79
N ARG A 103 33.48 -6.64 19.84
CA ARG A 103 34.90 -6.67 20.15
C ARG A 103 35.26 -6.58 21.62
N PHE A 104 34.57 -5.68 22.31
CA PHE A 104 34.81 -5.45 23.74
C PHE A 104 33.89 -6.10 24.78
N GLY A 105 32.74 -6.61 24.34
CA GLY A 105 31.80 -7.25 25.24
C GLY A 105 30.86 -6.25 25.90
N GLN A 106 30.90 -5.00 25.46
CA GLN A 106 30.08 -4.00 26.11
C GLN A 106 30.05 -2.71 25.32
N GLY A 107 28.88 -2.11 25.21
CA GLY A 107 28.77 -0.86 24.47
C GLY A 107 27.53 -0.14 24.92
N GLN A 108 27.57 1.19 24.89
CA GLN A 108 26.41 1.97 25.29
C GLN A 108 26.28 3.19 24.42
N VAL A 109 25.10 3.40 23.85
CA VAL A 109 24.88 4.53 22.98
C VAL A 109 23.67 5.31 23.41
N SER A 110 23.78 6.63 23.34
CA SER A 110 22.69 7.54 23.69
C SER A 110 21.57 7.57 22.64
N LEU A 111 20.34 7.68 23.10
CA LEU A 111 19.17 7.74 22.22
C LEU A 111 18.28 8.96 22.40
N PRO A 112 18.10 9.77 21.33
CA PRO A 112 17.24 10.95 21.47
C PRO A 112 15.83 10.60 21.99
N GLY A 113 15.21 11.54 22.69
CA GLY A 113 13.88 11.33 23.27
C GLY A 113 12.84 10.79 22.30
N GLY A 114 11.77 10.22 22.86
CA GLY A 114 10.69 9.65 22.06
C GLY A 114 10.07 10.51 20.97
N ASP A 115 10.33 11.81 20.98
CA ASP A 115 9.80 12.75 19.99
C ASP A 115 10.55 14.08 19.76
N ALA A 116 11.88 14.07 19.94
CA ALA A 116 12.70 15.27 19.77
C ALA A 116 13.56 15.26 18.50
N ILE A 117 13.00 15.78 17.41
CA ILE A 117 13.65 15.86 16.08
C ILE A 117 14.57 14.65 15.82
N GLY A 118 13.99 13.46 15.85
CA GLY A 118 14.75 12.24 15.62
C GLY A 118 14.19 11.08 16.42
N ALA A 119 12.88 10.88 16.35
CA ALA A 119 12.19 9.80 17.06
C ALA A 119 12.34 8.53 16.23
N ARG A 120 13.25 8.60 15.26
CA ARG A 120 13.55 7.50 14.35
C ARG A 120 14.00 6.20 15.04
N PRO A 121 13.13 5.18 15.06
CA PRO A 121 13.45 3.89 15.68
C PRO A 121 14.73 3.21 15.17
N VAL A 122 15.40 2.57 16.11
CA VAL A 122 16.63 1.83 15.87
C VAL A 122 16.42 0.41 16.40
N ASP A 123 15.16 0.01 16.38
CA ASP A 123 14.71 -1.30 16.83
C ASP A 123 15.42 -2.45 16.11
N LEU A 124 15.55 -2.32 14.80
CA LEU A 124 16.22 -3.35 14.03
C LEU A 124 17.63 -3.66 14.48
N HIS A 125 18.37 -2.60 14.79
CA HIS A 125 19.75 -2.70 15.26
C HIS A 125 19.78 -3.49 16.56
N ILE A 126 18.92 -3.05 17.46
CA ILE A 126 18.81 -3.63 18.78
C ILE A 126 18.44 -5.08 18.75
N PHE A 127 17.37 -5.39 18.02
CA PHE A 127 16.91 -6.75 17.91
C PHE A 127 17.90 -7.67 17.19
N GLY A 128 18.64 -7.09 16.25
CA GLY A 128 19.63 -7.84 15.51
C GLY A 128 20.73 -8.27 16.46
N LEU A 129 21.17 -7.34 17.30
CA LEU A 129 22.20 -7.64 18.29
C LEU A 129 21.73 -8.69 19.29
N GLU A 130 20.52 -8.51 19.83
CA GLU A 130 19.91 -9.47 20.76
C GLU A 130 19.96 -10.87 20.15
N LYS A 131 19.64 -10.93 18.86
CA LYS A 131 19.63 -12.16 18.06
C LYS A 131 21.01 -12.83 18.03
N LEU A 132 22.06 -12.01 18.07
CA LEU A 132 23.44 -12.46 18.09
C LEU A 132 23.92 -12.81 19.50
N GLY A 133 22.99 -12.84 20.46
CA GLY A 133 23.33 -13.17 21.84
C GLY A 133 23.69 -12.02 22.78
N ALA A 134 23.55 -10.79 22.31
CA ALA A 134 23.88 -9.68 23.18
C ALA A 134 22.76 -9.46 24.19
N GLU A 135 23.11 -9.18 25.43
CA GLU A 135 22.09 -8.85 26.40
C GLU A 135 21.83 -7.36 26.23
N ILE A 136 20.56 -6.99 26.11
CA ILE A 136 20.21 -5.61 25.91
C ILE A 136 19.54 -5.00 27.14
N LYS A 137 19.86 -3.74 27.39
CA LYS A 137 19.31 -2.99 28.52
C LYS A 137 18.80 -1.66 27.98
N LEU A 138 17.53 -1.40 28.18
CA LEU A 138 16.91 -0.17 27.71
C LEU A 138 16.33 0.60 28.88
N GLU A 139 16.64 1.86 29.01
CA GLU A 139 15.96 2.64 30.02
C GLU A 139 15.31 3.91 29.47
N GLU A 140 15.47 4.19 28.19
CA GLU A 140 14.75 5.31 27.58
C GLU A 140 15.66 6.54 27.46
N GLY A 141 16.32 6.63 26.33
CA GLY A 141 17.32 7.68 26.13
C GLY A 141 18.72 7.10 26.19
N TYR A 142 18.79 5.79 26.33
CA TYR A 142 20.05 5.09 26.39
C TYR A 142 19.81 3.64 25.98
N VAL A 143 20.81 3.03 25.37
CA VAL A 143 20.69 1.64 24.99
C VAL A 143 22.03 0.97 25.24
N LYS A 144 21.98 -0.08 26.05
CA LYS A 144 23.15 -0.86 26.41
C LYS A 144 23.13 -2.28 25.85
N ALA A 145 24.26 -2.73 25.35
CA ALA A 145 24.38 -4.07 24.82
C ALA A 145 25.63 -4.65 25.45
N SER A 146 25.56 -5.89 25.86
CA SER A 146 26.70 -6.50 26.49
C SER A 146 26.70 -7.99 26.28
N VAL A 147 27.87 -8.61 26.36
CA VAL A 147 27.93 -10.05 26.20
C VAL A 147 29.13 -10.59 26.93
N ASN A 148 28.94 -11.72 27.57
CA ASN A 148 30.01 -12.40 28.29
C ASN A 148 30.76 -13.32 27.29
N GLY A 149 31.91 -12.86 26.82
CA GLY A 149 32.64 -13.64 25.84
C GLY A 149 32.30 -13.21 24.42
N ARG A 150 32.10 -14.19 23.54
CA ARG A 150 31.78 -13.90 22.14
C ARG A 150 30.30 -13.90 21.80
N LEU A 151 29.96 -13.17 20.74
CA LEU A 151 28.60 -13.14 20.22
C LEU A 151 28.42 -14.50 19.48
N LYS A 152 27.18 -14.93 19.27
CA LYS A 152 26.94 -16.18 18.59
C LYS A 152 26.21 -16.01 17.25
N GLY A 153 26.78 -16.56 16.18
CA GLY A 153 26.15 -16.46 14.88
C GLY A 153 24.71 -16.96 14.88
N ALA A 154 23.84 -16.26 14.16
CA ALA A 154 22.45 -16.65 14.13
C ALA A 154 21.85 -16.48 12.75
N HIS A 155 20.74 -17.19 12.52
CA HIS A 155 20.01 -17.12 11.27
C HIS A 155 19.00 -16.01 11.51
N ILE A 156 19.23 -14.86 10.89
CA ILE A 156 18.39 -13.69 11.10
C ILE A 156 17.57 -13.27 9.90
N VAL A 157 16.26 -13.36 10.02
CA VAL A 157 15.37 -12.97 8.94
C VAL A 157 14.87 -11.53 9.12
N MET A 158 15.19 -10.65 8.22
CA MET A 158 14.70 -9.29 8.31
C MET A 158 13.36 -9.04 7.73
N ASP A 159 12.50 -8.52 8.55
CA ASP A 159 11.13 -8.21 8.15
C ASP A 159 11.02 -6.89 7.38
N LYS A 160 12.04 -6.05 7.52
CA LYS A 160 12.09 -4.76 6.86
C LYS A 160 13.51 -4.54 6.33
N VAL A 161 13.66 -4.28 5.03
CA VAL A 161 15.00 -4.06 4.48
C VAL A 161 15.57 -2.77 5.06
N SER A 162 16.73 -2.90 5.72
CA SER A 162 17.40 -1.78 6.37
C SER A 162 18.90 -1.65 6.14
N VAL A 163 19.32 -0.59 5.49
CA VAL A 163 20.74 -0.38 5.25
C VAL A 163 21.43 -0.30 6.61
N GLY A 164 20.85 0.50 7.50
CA GLY A 164 21.43 0.64 8.83
C GLY A 164 21.60 -0.62 9.66
N ALA A 165 20.55 -1.43 9.75
CA ALA A 165 20.62 -2.64 10.57
C ALA A 165 21.47 -3.74 9.94
N THR A 166 21.51 -3.77 8.60
CA THR A 166 22.32 -4.73 7.87
C THR A 166 23.78 -4.46 8.26
N VAL A 167 24.17 -3.20 8.30
CA VAL A 167 25.54 -2.85 8.67
C VAL A 167 25.84 -3.29 10.11
N THR A 168 24.92 -2.99 11.02
CA THR A 168 25.08 -3.36 12.42
C THR A 168 25.21 -4.86 12.60
N ILE A 169 24.28 -5.64 12.04
CA ILE A 169 24.33 -7.09 12.17
C ILE A 169 25.57 -7.72 11.49
N MET A 170 25.84 -7.30 10.26
CA MET A 170 27.00 -7.79 9.51
C MET A 170 28.33 -7.51 10.23
N SER A 171 28.50 -6.27 10.67
CA SER A 171 29.71 -5.86 11.40
C SER A 171 29.93 -6.70 12.66
N ALA A 172 28.91 -6.71 13.51
CA ALA A 172 29.00 -7.48 14.75
C ALA A 172 29.17 -8.98 14.48
N ALA A 173 28.61 -9.50 13.39
CA ALA A 173 28.75 -10.92 13.09
C ALA A 173 30.16 -11.39 12.73
N THR A 174 31.03 -10.50 12.30
CA THR A 174 32.37 -10.92 11.92
C THR A 174 33.21 -11.50 13.06
N LEU A 175 32.92 -11.06 14.30
CA LEU A 175 33.65 -11.54 15.49
C LEU A 175 32.91 -12.58 16.30
N ALA A 176 31.73 -12.94 15.83
CA ALA A 176 30.92 -13.91 16.53
C ALA A 176 31.38 -15.32 16.23
N GLU A 177 31.00 -16.25 17.11
CA GLU A 177 31.30 -17.67 16.96
C GLU A 177 30.23 -18.29 16.09
N GLY A 178 30.64 -18.82 14.93
CA GLY A 178 29.70 -19.45 14.05
C GLY A 178 29.35 -18.62 12.84
N THR A 179 28.33 -19.08 12.15
CA THR A 179 27.86 -18.44 10.95
C THR A 179 26.57 -17.63 11.17
N THR A 180 26.52 -16.43 10.59
CA THR A 180 25.32 -15.62 10.68
C THR A 180 24.76 -15.50 9.28
N ILE A 181 23.46 -15.61 9.13
CA ILE A 181 22.90 -15.45 7.81
C ILE A 181 21.89 -14.32 7.95
N ILE A 182 22.03 -13.32 7.09
CA ILE A 182 21.11 -12.20 7.10
C ILE A 182 20.21 -12.30 5.88
N GLU A 183 18.94 -12.62 6.09
CA GLU A 183 17.94 -12.73 5.01
C GLU A 183 17.25 -11.39 4.78
N ASN A 184 17.07 -11.00 3.53
CA ASN A 184 16.47 -9.70 3.23
C ASN A 184 17.45 -8.55 3.59
N ALA A 185 18.73 -8.77 3.30
CA ALA A 185 19.78 -7.78 3.57
C ALA A 185 19.69 -6.64 2.58
N ALA A 186 20.03 -5.43 3.02
CA ALA A 186 20.01 -4.29 2.10
C ALA A 186 21.04 -4.56 0.98
N ARG A 187 20.71 -4.15 -0.23
CA ARG A 187 21.56 -4.41 -1.40
C ARG A 187 22.54 -3.29 -1.80
N GLU A 188 22.37 -2.12 -1.21
CA GLU A 188 23.21 -0.95 -1.53
C GLU A 188 24.69 -1.13 -1.87
N PRO A 189 25.21 -0.36 -2.84
CA PRO A 189 26.64 -0.50 -3.15
C PRO A 189 27.46 -0.16 -1.88
N GLU A 190 26.88 0.64 -0.98
CA GLU A 190 27.54 0.98 0.28
C GLU A 190 27.67 -0.24 1.19
N ILE A 191 26.66 -1.11 1.16
CA ILE A 191 26.71 -2.35 1.95
C ILE A 191 27.89 -3.17 1.42
N VAL A 192 27.96 -3.33 0.09
CA VAL A 192 29.03 -4.08 -0.58
C VAL A 192 30.43 -3.57 -0.14
N ASP A 193 30.59 -2.26 -0.21
CA ASP A 193 31.83 -1.61 0.18
C ASP A 193 32.21 -1.92 1.63
N THR A 194 31.23 -1.86 2.53
CA THR A 194 31.47 -2.12 3.94
C THR A 194 31.81 -3.56 4.13
N ALA A 195 31.17 -4.46 3.38
CA ALA A 195 31.48 -5.88 3.51
C ALA A 195 32.92 -6.13 3.03
N ASN A 196 33.29 -5.49 1.92
CA ASN A 196 34.62 -5.64 1.33
C ASN A 196 35.75 -5.17 2.25
N PHE A 197 35.48 -4.07 2.93
CA PHE A 197 36.39 -3.49 3.91
C PHE A 197 36.59 -4.52 5.03
N LEU A 198 35.48 -5.11 5.48
CA LEU A 198 35.54 -6.13 6.53
C LEU A 198 36.38 -7.32 6.10
N VAL A 199 36.20 -7.73 4.85
CA VAL A 199 36.96 -8.84 4.30
C VAL A 199 38.44 -8.46 4.18
N ALA A 200 38.72 -7.20 3.90
CA ALA A 200 40.13 -6.79 3.79
C ALA A 200 40.83 -6.96 5.15
N LEU A 201 40.06 -6.84 6.22
CA LEU A 201 40.58 -6.99 7.58
C LEU A 201 40.71 -8.45 8.04
N GLY A 202 40.22 -9.38 7.21
CA GLY A 202 40.28 -10.79 7.57
C GLY A 202 38.92 -11.45 7.85
N ALA A 203 37.83 -10.73 7.67
CA ALA A 203 36.50 -11.30 7.92
C ALA A 203 36.08 -12.23 6.77
N LYS A 204 35.17 -13.14 7.09
CA LYS A 204 34.64 -14.09 6.12
C LYS A 204 33.19 -13.72 5.82
N ILE A 205 32.97 -13.07 4.69
CA ILE A 205 31.64 -12.63 4.29
C ILE A 205 31.38 -12.89 2.81
N SER A 206 30.18 -13.41 2.51
CA SER A 206 29.76 -13.65 1.15
C SER A 206 28.30 -13.27 0.95
N GLY A 207 27.93 -12.99 -0.30
CA GLY A 207 26.56 -12.65 -0.61
C GLY A 207 26.29 -11.16 -0.58
N GLN A 208 27.31 -10.35 -0.25
CA GLN A 208 27.12 -8.91 -0.24
C GLN A 208 26.62 -8.39 -1.59
N GLY A 209 25.54 -7.63 -1.56
CA GLY A 209 24.97 -7.13 -2.79
C GLY A 209 23.72 -7.92 -3.17
N THR A 210 23.52 -9.08 -2.53
CA THR A 210 22.34 -9.90 -2.83
C THR A 210 21.37 -9.80 -1.66
N ASP A 211 20.26 -10.54 -1.75
CA ASP A 211 19.23 -10.57 -0.71
C ASP A 211 19.69 -11.36 0.51
N ARG A 212 20.83 -12.02 0.38
CA ARG A 212 21.32 -12.88 1.43
C ARG A 212 22.82 -12.78 1.75
N ILE A 213 23.13 -12.29 2.96
CA ILE A 213 24.51 -12.15 3.41
C ILE A 213 24.87 -13.21 4.45
N THR A 214 25.97 -13.90 4.21
CA THR A 214 26.42 -14.96 5.09
C THR A 214 27.78 -14.59 5.66
N ILE A 215 27.89 -14.60 6.99
CA ILE A 215 29.16 -14.30 7.66
C ILE A 215 29.62 -15.47 8.54
N GLU A 216 30.91 -15.79 8.44
CA GLU A 216 31.49 -16.83 9.28
C GLU A 216 32.43 -16.06 10.25
N GLY A 217 32.15 -16.16 11.55
CA GLY A 217 32.97 -15.41 12.47
C GLY A 217 34.40 -15.83 12.62
N VAL A 218 35.27 -14.85 12.91
CA VAL A 218 36.68 -15.11 13.16
C VAL A 218 37.03 -14.46 14.48
N GLU A 219 38.11 -14.91 15.10
CA GLU A 219 38.52 -14.38 16.38
C GLU A 219 38.95 -12.93 16.43
N ARG A 220 39.52 -12.44 15.33
CA ARG A 220 39.99 -11.06 15.27
C ARG A 220 40.21 -10.50 13.87
N LEU A 221 40.15 -9.18 13.78
CA LEU A 221 40.38 -8.46 12.54
C LEU A 221 41.69 -7.69 12.67
N GLY A 222 42.47 -7.63 11.59
CA GLY A 222 43.74 -6.93 11.62
C GLY A 222 43.65 -5.46 11.22
N GLY A 223 44.59 -5.01 10.39
CA GLY A 223 44.60 -3.64 9.94
C GLY A 223 44.80 -3.63 8.44
N GLY A 224 45.28 -2.52 7.89
CA GLY A 224 45.49 -2.47 6.47
C GLY A 224 45.08 -1.16 5.85
N VAL A 225 44.96 -1.16 4.53
CA VAL A 225 44.57 0.03 3.79
C VAL A 225 43.34 -0.29 2.95
N TYR A 226 42.33 0.57 3.04
CA TYR A 226 41.08 0.40 2.29
C TYR A 226 40.63 1.71 1.67
N ARG A 227 40.25 1.64 0.40
CA ARG A 227 39.78 2.83 -0.31
C ARG A 227 38.26 2.90 -0.41
N VAL A 228 37.66 3.96 0.14
CA VAL A 228 36.21 4.11 0.12
C VAL A 228 35.71 4.29 -1.30
N LEU A 229 34.60 3.63 -1.63
CA LEU A 229 34.04 3.73 -2.96
C LEU A 229 33.53 5.10 -3.40
N PRO A 230 33.49 5.31 -4.71
CA PRO A 230 33.03 6.57 -5.29
C PRO A 230 31.58 6.83 -4.91
N ASP A 231 31.24 8.11 -4.84
CA ASP A 231 29.92 8.61 -4.53
C ASP A 231 29.01 8.53 -5.78
N ARG A 232 28.16 7.51 -5.84
CA ARG A 232 27.27 7.30 -6.96
C ARG A 232 26.29 8.43 -7.30
N ILE A 233 25.74 9.08 -6.27
CA ILE A 233 24.79 10.16 -6.48
C ILE A 233 25.51 11.44 -6.91
N GLU A 234 26.72 11.67 -6.36
CA GLU A 234 27.49 12.85 -6.78
C GLU A 234 27.83 12.71 -8.28
N THR A 235 28.26 11.51 -8.65
CA THR A 235 28.61 11.21 -10.03
C THR A 235 27.41 11.51 -10.90
N GLY A 236 26.25 11.01 -10.47
CA GLY A 236 25.02 11.21 -11.21
C GLY A 236 24.68 12.69 -11.33
N THR A 237 24.88 13.44 -10.24
CA THR A 237 24.59 14.85 -10.26
C THR A 237 25.42 15.56 -11.32
N PHE A 238 26.71 15.21 -11.40
CA PHE A 238 27.58 15.79 -12.42
C PHE A 238 27.21 15.39 -13.85
N LEU A 239 26.94 14.11 -14.04
CA LEU A 239 26.53 13.65 -15.35
C LEU A 239 25.34 14.48 -15.83
N VAL A 240 24.39 14.73 -14.92
CA VAL A 240 23.21 15.51 -15.26
C VAL A 240 23.56 16.97 -15.59
N ALA A 241 24.50 17.56 -14.86
CA ALA A 241 24.88 18.94 -15.13
C ALA A 241 25.35 19.03 -16.57
N ALA A 242 26.01 17.99 -17.05
CA ALA A 242 26.48 17.98 -18.43
C ALA A 242 25.33 17.72 -19.41
N ALA A 243 24.44 16.80 -19.04
CA ALA A 243 23.35 16.45 -19.93
C ALA A 243 22.32 17.53 -20.08
N ILE A 244 22.24 18.46 -19.15
CA ILE A 244 21.24 19.51 -19.28
C ILE A 244 21.80 20.79 -19.89
N SER A 245 23.13 20.82 -20.05
CA SER A 245 23.82 21.98 -20.58
C SER A 245 24.46 21.79 -21.96
N GLY A 246 24.16 20.66 -22.60
CA GLY A 246 24.71 20.39 -23.92
C GLY A 246 26.21 20.25 -23.84
N GLY A 247 26.68 19.91 -22.65
CA GLY A 247 28.10 19.79 -22.44
C GLY A 247 28.69 18.42 -22.65
N LYS A 248 29.97 18.33 -22.36
CA LYS A 248 30.75 17.12 -22.43
C LYS A 248 31.53 17.06 -21.10
N ILE A 249 31.47 15.93 -20.41
CA ILE A 249 32.16 15.83 -19.14
C ILE A 249 32.74 14.45 -18.95
N VAL A 250 33.82 14.37 -18.21
CA VAL A 250 34.40 13.08 -17.88
C VAL A 250 34.45 13.07 -16.36
N CYS A 251 33.90 12.00 -15.75
CA CYS A 251 33.91 11.84 -14.29
C CYS A 251 35.07 10.94 -13.89
N ARG A 252 36.03 11.49 -13.17
CA ARG A 252 37.21 10.75 -12.70
C ARG A 252 36.96 10.13 -11.33
N ASN A 253 37.67 9.05 -11.03
CA ASN A 253 37.49 8.38 -9.74
C ASN A 253 36.04 7.91 -9.57
N ALA A 254 35.49 7.40 -10.67
CA ALA A 254 34.11 6.93 -10.71
C ALA A 254 34.04 5.41 -10.69
N GLN A 255 32.85 4.90 -10.43
CA GLN A 255 32.59 3.44 -10.41
C GLN A 255 31.32 3.13 -11.21
N PRO A 256 31.48 3.01 -12.54
CA PRO A 256 30.42 2.71 -13.50
C PRO A 256 29.35 1.70 -13.04
N ASP A 257 29.78 0.54 -12.57
CA ASP A 257 28.88 -0.51 -12.13
C ASP A 257 27.85 -0.21 -11.01
N THR A 258 28.02 0.89 -10.30
CA THR A 258 27.09 1.28 -9.26
C THR A 258 26.02 2.21 -9.84
N LEU A 259 26.10 2.49 -11.13
CA LEU A 259 25.17 3.41 -11.80
C LEU A 259 24.44 2.92 -13.05
N ASP A 260 24.32 1.62 -13.23
CA ASP A 260 23.65 1.09 -14.42
C ASP A 260 22.37 1.77 -14.89
N ALA A 261 21.42 1.88 -13.97
CA ALA A 261 20.11 2.43 -14.27
C ALA A 261 20.18 3.90 -14.63
N VAL A 262 21.03 4.65 -13.93
CA VAL A 262 21.19 6.06 -14.21
C VAL A 262 21.81 6.25 -15.61
N LEU A 263 22.79 5.40 -15.97
CA LEU A 263 23.43 5.46 -17.30
C LEU A 263 22.48 5.15 -18.45
N ALA A 264 21.67 4.11 -18.26
CA ALA A 264 20.70 3.72 -19.28
C ALA A 264 19.64 4.83 -19.37
N LYS A 265 19.34 5.46 -18.25
CA LYS A 265 18.38 6.57 -18.26
C LYS A 265 18.96 7.77 -19.03
N LEU A 266 20.25 8.02 -18.83
CA LEU A 266 20.94 9.11 -19.51
C LEU A 266 20.93 8.89 -21.01
N ARG A 267 21.23 7.65 -21.41
CA ARG A 267 21.18 7.26 -22.83
C ARG A 267 19.79 7.52 -23.45
N GLU A 268 18.74 7.23 -22.69
CA GLU A 268 17.38 7.46 -23.18
C GLU A 268 17.13 8.95 -23.42
N ALA A 269 17.89 9.79 -22.72
CA ALA A 269 17.78 11.25 -22.83
C ALA A 269 18.53 11.76 -24.07
N GLY A 270 19.23 10.85 -24.74
CA GLY A 270 19.96 11.20 -25.94
C GLY A 270 21.45 11.39 -25.72
N ALA A 271 21.92 11.11 -24.51
CA ALA A 271 23.34 11.29 -24.18
C ALA A 271 24.27 10.25 -24.79
N ASP A 272 25.49 10.68 -25.13
CA ASP A 272 26.53 9.80 -25.66
C ASP A 272 27.49 9.40 -24.55
N ILE A 273 27.40 8.16 -24.12
CA ILE A 273 28.20 7.70 -23.00
C ILE A 273 29.20 6.60 -23.25
N GLU A 274 30.31 6.69 -22.54
CA GLU A 274 31.40 5.72 -22.61
C GLU A 274 31.87 5.51 -21.19
N THR A 275 32.40 4.34 -20.89
CA THR A 275 32.89 4.06 -19.56
C THR A 275 34.15 3.23 -19.58
N GLY A 276 34.98 3.44 -18.57
CA GLY A 276 36.20 2.68 -18.44
C GLY A 276 36.19 2.08 -17.05
N GLU A 277 37.33 1.56 -16.62
CA GLU A 277 37.41 0.94 -15.32
C GLU A 277 37.12 1.90 -14.16
N ASP A 278 37.55 3.15 -14.31
CA ASP A 278 37.37 4.14 -13.27
C ASP A 278 36.86 5.48 -13.73
N TRP A 279 36.14 5.50 -14.84
CA TRP A 279 35.65 6.77 -15.34
C TRP A 279 34.37 6.64 -16.15
N ILE A 280 33.70 7.76 -16.35
CA ILE A 280 32.49 7.79 -17.16
C ILE A 280 32.51 9.09 -17.96
N SER A 281 32.24 8.97 -19.27
CA SER A 281 32.19 10.13 -20.15
C SER A 281 30.78 10.35 -20.70
N LEU A 282 30.33 11.59 -20.62
CA LEU A 282 29.02 11.95 -21.14
C LEU A 282 29.16 13.08 -22.16
N ASP A 283 28.53 12.91 -23.33
CA ASP A 283 28.58 13.94 -24.37
C ASP A 283 27.23 14.25 -25.01
N MET A 284 26.75 15.48 -24.81
CA MET A 284 25.48 15.91 -25.39
C MET A 284 25.58 16.39 -26.84
N HIS A 285 26.81 16.65 -27.31
CA HIS A 285 27.01 17.12 -28.67
C HIS A 285 26.27 18.43 -28.97
N GLY A 286 26.16 19.30 -27.97
CA GLY A 286 25.48 20.57 -28.15
C GLY A 286 23.96 20.40 -28.13
N LYS A 287 23.52 19.15 -28.05
CA LYS A 287 22.09 18.84 -28.03
C LYS A 287 21.35 19.07 -26.72
N ARG A 288 20.07 19.37 -26.84
CA ARG A 288 19.16 19.56 -25.71
C ARG A 288 18.77 18.11 -25.33
N PRO A 289 18.47 17.84 -24.06
CA PRO A 289 18.10 16.48 -23.69
C PRO A 289 16.70 16.10 -24.15
N LYS A 290 16.49 14.79 -24.36
CA LYS A 290 15.17 14.25 -24.75
C LYS A 290 14.40 13.89 -23.49
N ALA A 291 13.14 14.29 -23.38
CA ALA A 291 12.36 13.93 -22.20
C ALA A 291 12.39 12.41 -21.96
N VAL A 292 12.50 12.01 -20.68
CA VAL A 292 12.51 10.58 -20.29
C VAL A 292 11.44 10.19 -19.26
N THR A 293 11.14 8.89 -19.19
CA THR A 293 10.17 8.39 -18.22
C THR A 293 10.99 7.76 -17.11
N VAL A 294 10.68 8.09 -15.86
CA VAL A 294 11.43 7.55 -14.72
C VAL A 294 10.56 6.94 -13.62
N ARG A 295 11.00 5.79 -13.11
CA ARG A 295 10.32 5.07 -12.03
C ARG A 295 11.37 4.72 -10.97
N THR A 296 11.33 5.40 -9.84
CA THR A 296 12.32 5.10 -8.81
C THR A 296 11.94 3.79 -8.14
N ALA A 297 12.94 3.05 -7.70
CA ALA A 297 12.70 1.77 -7.07
C ALA A 297 13.97 1.34 -6.32
N PRO A 298 13.91 0.23 -5.56
CA PRO A 298 15.06 -0.28 -4.79
C PRO A 298 16.28 -0.66 -5.64
N HIS A 299 17.47 -0.38 -5.12
CA HIS A 299 18.70 -0.72 -5.83
C HIS A 299 18.54 -2.19 -6.25
N PRO A 300 19.07 -2.59 -7.42
CA PRO A 300 19.84 -1.81 -8.42
C PRO A 300 19.04 -1.05 -9.46
N ALA A 301 17.75 -0.83 -9.22
CA ALA A 301 16.93 -0.07 -10.16
C ALA A 301 17.22 1.43 -9.96
N PHE A 302 16.51 2.29 -10.69
CA PHE A 302 16.67 3.73 -10.60
C PHE A 302 16.56 4.29 -9.16
N PRO A 303 17.64 4.91 -8.63
CA PRO A 303 17.69 5.48 -7.27
C PRO A 303 16.87 6.74 -7.02
N THR A 304 16.01 6.66 -6.01
CA THR A 304 15.19 7.80 -5.66
C THR A 304 16.09 9.04 -5.45
N ASP A 305 17.34 8.82 -5.03
CA ASP A 305 18.28 9.92 -4.81
C ASP A 305 18.70 10.76 -6.02
N MET A 306 18.35 10.29 -7.22
CA MET A 306 18.66 10.97 -8.45
C MET A 306 17.39 11.61 -8.99
N GLN A 307 16.31 11.47 -8.24
CA GLN A 307 15.05 12.01 -8.68
C GLN A 307 14.93 13.49 -9.01
N ALA A 308 15.34 14.34 -8.08
CA ALA A 308 15.27 15.79 -8.27
C ALA A 308 16.08 16.18 -9.49
N GLN A 309 17.23 15.55 -9.66
CA GLN A 309 18.10 15.80 -10.78
C GLN A 309 17.43 15.50 -12.12
N PHE A 310 16.82 14.32 -12.23
CA PHE A 310 16.13 13.92 -13.46
C PHE A 310 14.87 14.73 -13.73
N THR A 311 14.29 15.24 -12.66
CA THR A 311 13.11 16.07 -12.75
C THR A 311 13.53 17.36 -13.44
N LEU A 312 14.70 17.87 -13.06
CA LEU A 312 15.28 19.07 -13.65
C LEU A 312 15.64 18.81 -15.12
N LEU A 313 16.20 17.63 -15.41
CA LEU A 313 16.53 17.27 -16.78
C LEU A 313 15.28 17.34 -17.70
N ASN A 314 14.20 16.68 -17.25
CA ASN A 314 12.93 16.69 -17.99
C ASN A 314 12.40 18.09 -18.22
N LEU A 315 12.53 18.93 -17.19
CA LEU A 315 12.06 20.30 -17.24
C LEU A 315 12.68 21.20 -18.30
N VAL A 316 13.84 20.82 -18.81
CA VAL A 316 14.51 21.59 -19.83
C VAL A 316 14.72 20.73 -21.07
N ALA A 317 13.98 19.62 -21.14
CA ALA A 317 14.13 18.71 -22.27
C ALA A 317 13.10 18.91 -23.36
N GLU A 318 13.33 18.26 -24.48
CA GLU A 318 12.40 18.33 -25.59
C GLU A 318 11.27 17.34 -25.26
N GLY A 319 10.05 17.86 -25.12
CA GLY A 319 8.92 16.99 -24.84
C GLY A 319 8.48 16.80 -23.40
N THR A 320 7.56 15.86 -23.22
CA THR A 320 6.99 15.56 -21.93
C THR A 320 7.52 14.24 -21.34
N GLY A 321 7.79 14.27 -20.03
CA GLY A 321 8.31 13.11 -19.32
C GLY A 321 7.71 13.08 -17.92
N VAL A 322 7.40 11.89 -17.43
CA VAL A 322 6.82 11.74 -16.10
C VAL A 322 7.71 10.97 -15.14
N ILE A 323 7.88 11.52 -13.94
CA ILE A 323 8.70 10.87 -12.92
C ILE A 323 7.79 10.33 -11.86
N THR A 324 7.86 9.03 -11.61
CA THR A 324 7.04 8.36 -10.61
C THR A 324 7.88 7.86 -9.44
N GLU A 325 7.43 8.12 -8.21
CA GLU A 325 8.11 7.66 -6.98
C GLU A 325 7.31 6.44 -6.54
N THR A 326 7.81 5.24 -6.80
CA THR A 326 7.08 4.03 -6.43
C THR A 326 7.18 3.63 -4.96
N ILE A 327 8.08 4.25 -4.21
CA ILE A 327 8.26 3.93 -2.80
C ILE A 327 8.05 5.12 -1.86
N PHE A 328 8.66 6.25 -2.18
CA PHE A 328 8.55 7.45 -1.33
C PHE A 328 7.38 8.44 -1.52
N GLU A 329 6.98 9.11 -0.44
CA GLU A 329 5.90 10.11 -0.49
C GLU A 329 6.48 11.50 -0.30
N ASN A 330 5.74 12.53 -0.74
CA ASN A 330 6.20 13.89 -0.56
C ASN A 330 7.61 14.19 -1.03
N ARG A 331 7.98 13.64 -2.17
CA ARG A 331 9.31 13.87 -2.69
C ARG A 331 9.45 14.99 -3.71
N PHE A 332 8.37 15.71 -3.97
CA PHE A 332 8.40 16.77 -4.96
C PHE A 332 8.30 18.19 -4.44
N MET A 333 8.41 18.36 -3.13
CA MET A 333 8.31 19.68 -2.52
C MET A 333 9.05 20.86 -3.14
N HIS A 334 10.15 20.55 -3.83
CA HIS A 334 10.98 21.54 -4.48
C HIS A 334 10.44 22.09 -5.80
N VAL A 335 9.64 21.29 -6.51
CA VAL A 335 9.09 21.67 -7.82
C VAL A 335 8.56 23.11 -7.95
N PRO A 336 7.82 23.61 -6.95
CA PRO A 336 7.34 24.99 -7.09
C PRO A 336 8.49 25.98 -7.35
N GLU A 337 9.63 25.73 -6.69
CA GLU A 337 10.81 26.57 -6.86
C GLU A 337 11.28 26.59 -8.31
N LEU A 338 11.14 25.44 -8.97
CA LEU A 338 11.49 25.32 -10.36
C LEU A 338 10.47 26.06 -11.25
N ILE A 339 9.21 26.00 -10.85
CA ILE A 339 8.16 26.67 -11.59
C ILE A 339 8.40 28.18 -11.57
N ARG A 340 8.95 28.67 -10.46
CA ARG A 340 9.28 30.10 -10.33
C ARG A 340 10.41 30.50 -11.29
N MET A 341 11.11 29.50 -11.80
CA MET A 341 12.19 29.72 -12.75
C MET A 341 11.74 29.55 -14.19
N GLY A 342 10.43 29.31 -14.36
CA GLY A 342 9.86 29.16 -15.69
C GLY A 342 9.59 27.74 -16.16
N ALA A 343 9.62 26.78 -15.25
CA ALA A 343 9.37 25.39 -15.64
C ALA A 343 7.90 25.09 -15.69
N HIS A 344 7.55 24.10 -16.51
CA HIS A 344 6.15 23.66 -16.66
C HIS A 344 5.91 22.28 -16.05
N ALA A 345 5.23 22.22 -14.92
CA ALA A 345 5.01 20.92 -14.31
C ALA A 345 3.72 20.79 -13.54
N GLU A 346 3.25 19.55 -13.45
CA GLU A 346 2.04 19.18 -12.71
C GLU A 346 2.37 18.05 -11.74
N ILE A 347 2.05 18.24 -10.47
CA ILE A 347 2.31 17.21 -9.50
C ILE A 347 1.03 16.43 -9.28
N GLU A 348 1.04 15.16 -9.59
CA GLU A 348 -0.14 14.34 -9.37
C GLU A 348 0.15 13.02 -8.68
N SER A 349 -0.44 12.82 -7.50
CA SER A 349 -0.20 11.59 -6.77
C SER A 349 1.31 11.43 -6.51
N ASN A 350 1.84 10.23 -6.74
CA ASN A 350 3.26 9.95 -6.55
C ASN A 350 4.09 10.33 -7.79
N THR A 351 3.58 11.27 -8.59
CA THR A 351 4.27 11.66 -9.83
C THR A 351 4.42 13.16 -10.10
N VAL A 352 5.30 13.47 -11.03
CA VAL A 352 5.48 14.86 -11.47
C VAL A 352 5.48 14.78 -12.99
N ILE A 353 4.55 15.49 -13.62
CA ILE A 353 4.43 15.52 -15.07
C ILE A 353 5.26 16.71 -15.56
N CYS A 354 6.30 16.41 -16.33
CA CYS A 354 7.22 17.41 -16.85
C CYS A 354 7.03 17.80 -18.31
N HIS A 355 6.83 19.09 -18.55
CA HIS A 355 6.69 19.64 -19.88
C HIS A 355 7.93 20.49 -20.10
N GLY A 356 8.92 19.93 -20.80
CA GLY A 356 10.15 20.66 -21.02
C GLY A 356 10.06 22.00 -21.74
N VAL A 357 10.86 22.97 -21.29
CA VAL A 357 10.87 24.28 -21.92
C VAL A 357 12.30 24.57 -22.40
N GLU A 358 12.42 25.55 -23.28
CA GLU A 358 13.70 25.88 -23.86
C GLU A 358 14.76 26.42 -22.91
N LYS A 359 14.39 27.38 -22.10
CA LYS A 359 15.34 27.97 -21.17
C LYS A 359 14.68 28.48 -19.91
N LEU A 360 15.38 28.28 -18.79
CA LEU A 360 14.91 28.73 -17.47
C LEU A 360 15.32 30.16 -17.20
N SER A 361 14.59 30.80 -16.29
CA SER A 361 14.90 32.17 -15.90
C SER A 361 15.33 32.29 -14.43
N GLY A 362 16.51 32.88 -14.19
CA GLY A 362 17.04 33.03 -12.84
C GLY A 362 16.07 33.54 -11.79
N ALA A 363 16.32 33.25 -10.52
CA ALA A 363 15.43 33.74 -9.49
C ALA A 363 15.98 33.33 -8.16
N GLN A 364 15.32 33.79 -7.09
CA GLN A 364 15.72 33.50 -5.72
C GLN A 364 15.08 32.21 -5.26
N VAL A 365 15.88 31.17 -5.08
CA VAL A 365 15.32 29.88 -4.69
C VAL A 365 15.92 29.22 -3.45
N MET A 366 15.18 28.22 -2.94
CA MET A 366 15.56 27.50 -1.75
C MET A 366 14.82 26.17 -1.55
N ALA A 367 15.59 25.14 -1.22
CA ALA A 367 15.04 23.80 -0.95
C ALA A 367 15.84 23.28 0.24
N THR A 368 15.19 22.49 1.09
CA THR A 368 15.86 21.96 2.26
C THR A 368 16.55 20.63 1.95
N ASP A 369 15.94 19.85 1.07
CA ASP A 369 16.53 18.57 0.68
C ASP A 369 17.88 18.70 -0.04
N LEU A 370 18.84 17.87 0.39
CA LEU A 370 20.17 17.82 -0.19
C LEU A 370 20.17 17.78 -1.74
N ARG A 371 19.53 16.75 -2.29
CA ARG A 371 19.46 16.55 -3.73
C ARG A 371 18.74 17.66 -4.46
N ALA A 372 17.56 18.02 -3.96
CA ALA A 372 16.74 19.07 -4.57
C ALA A 372 17.44 20.41 -4.55
N SER A 373 18.20 20.67 -3.49
CA SER A 373 18.91 21.93 -3.36
C SER A 373 20.01 21.99 -4.40
N ALA A 374 20.77 20.91 -4.48
CA ALA A 374 21.85 20.81 -5.46
C ALA A 374 21.23 21.03 -6.84
N SER A 375 20.08 20.41 -7.09
CA SER A 375 19.44 20.58 -8.39
C SER A 375 19.14 22.07 -8.73
N LEU A 376 18.78 22.84 -7.72
CA LEU A 376 18.49 24.26 -7.89
C LEU A 376 19.73 25.04 -8.36
N VAL A 377 20.90 24.56 -7.95
CA VAL A 377 22.14 25.19 -8.33
C VAL A 377 22.38 24.85 -9.80
N LEU A 378 22.14 23.58 -10.15
CA LEU A 378 22.28 23.14 -11.53
C LEU A 378 21.40 24.01 -12.44
N ALA A 379 20.17 24.22 -12.01
CA ALA A 379 19.24 25.04 -12.76
C ALA A 379 19.83 26.44 -12.88
N GLY A 380 20.37 26.94 -11.78
CA GLY A 380 20.95 28.29 -11.79
C GLY A 380 22.00 28.43 -12.87
N CYS A 381 22.76 27.36 -13.10
CA CYS A 381 23.78 27.35 -14.11
C CYS A 381 23.24 27.50 -15.54
N ILE A 382 22.09 26.90 -15.83
CA ILE A 382 21.51 26.96 -17.16
C ILE A 382 20.42 27.99 -17.37
N ALA A 383 19.94 28.56 -16.28
CA ALA A 383 18.91 29.56 -16.38
C ALA A 383 19.49 30.87 -16.90
N GLU A 384 18.64 31.72 -17.47
CA GLU A 384 19.07 33.01 -17.99
C GLU A 384 19.10 34.06 -16.89
N GLY A 385 20.28 34.64 -16.67
CA GLY A 385 20.40 35.67 -15.65
C GLY A 385 20.99 35.22 -14.34
N THR A 386 20.55 35.86 -13.26
CA THR A 386 21.04 35.58 -11.93
C THR A 386 20.11 34.75 -11.05
N THR A 387 20.67 33.73 -10.44
CA THR A 387 19.92 32.85 -9.57
C THR A 387 20.63 32.81 -8.23
N VAL A 388 19.87 32.98 -7.14
CA VAL A 388 20.45 32.93 -5.81
C VAL A 388 19.85 31.73 -5.07
N VAL A 389 20.69 30.76 -4.76
CA VAL A 389 20.22 29.57 -4.06
C VAL A 389 20.50 29.75 -2.58
N ASP A 390 19.45 29.83 -1.80
CA ASP A 390 19.60 30.06 -0.37
C ASP A 390 19.79 28.87 0.55
N ARG A 391 20.40 29.11 1.71
CA ARG A 391 20.57 28.07 2.70
C ARG A 391 21.27 26.87 2.13
N ILE A 392 22.43 27.10 1.53
CA ILE A 392 23.15 26.01 0.93
C ILE A 392 23.91 25.10 1.86
N TYR A 393 23.80 25.34 3.16
CA TYR A 393 24.47 24.48 4.12
C TYR A 393 24.02 23.03 3.93
N HIS A 394 22.75 22.85 3.53
CA HIS A 394 22.19 21.51 3.28
C HIS A 394 23.03 20.77 2.26
N ILE A 395 23.48 21.51 1.25
CA ILE A 395 24.31 20.93 0.20
C ILE A 395 25.69 20.56 0.75
N ASP A 396 26.32 21.48 1.49
CA ASP A 396 27.64 21.22 2.08
C ASP A 396 27.71 19.93 2.92
N ARG A 397 26.55 19.50 3.40
CA ARG A 397 26.42 18.31 4.23
C ARG A 397 26.77 17.02 3.50
N GLY A 398 26.45 17.00 2.21
CA GLY A 398 26.71 15.80 1.41
C GLY A 398 27.51 16.03 0.15
N TYR A 399 27.88 17.29 -0.10
CA TYR A 399 28.69 17.64 -1.26
C TYR A 399 29.99 18.32 -0.88
N GLU A 400 31.10 17.73 -1.31
CA GLU A 400 32.41 18.27 -1.03
C GLU A 400 32.70 19.45 -1.98
N ARG A 401 32.78 20.66 -1.41
CA ARG A 401 33.04 21.87 -2.19
C ARG A 401 32.51 21.87 -3.64
N ILE A 402 31.19 21.79 -3.76
CA ILE A 402 30.52 21.75 -5.04
C ILE A 402 30.67 23.02 -5.87
N GLU A 403 30.85 24.17 -5.24
CA GLU A 403 31.01 25.37 -6.01
C GLU A 403 32.31 25.33 -6.81
N ASP A 404 33.34 24.74 -6.22
CA ASP A 404 34.65 24.59 -6.87
C ASP A 404 34.62 23.63 -8.05
N LYS A 405 33.81 22.57 -7.93
CA LYS A 405 33.70 21.59 -8.99
C LYS A 405 32.95 22.19 -10.16
N LEU A 406 31.82 22.82 -9.86
CA LEU A 406 31.06 23.48 -10.89
C LEU A 406 31.94 24.50 -11.59
N ARG A 407 32.55 25.38 -10.80
CA ARG A 407 33.42 26.39 -11.38
C ARG A 407 34.40 25.86 -12.42
N ALA A 408 35.08 24.78 -12.07
CA ALA A 408 36.08 24.15 -12.92
C ALA A 408 35.46 23.54 -14.17
N LEU A 409 34.12 23.55 -14.19
CA LEU A 409 33.33 23.04 -15.31
C LEU A 409 32.80 24.19 -16.17
N GLY A 410 33.04 25.43 -15.72
CA GLY A 410 32.58 26.60 -16.46
C GLY A 410 31.50 27.44 -15.79
N ALA A 411 31.01 27.00 -14.64
CA ALA A 411 29.97 27.75 -13.98
C ALA A 411 30.45 29.11 -13.45
N ASN A 412 29.53 30.07 -13.47
CA ASN A 412 29.79 31.41 -12.94
C ASN A 412 29.10 31.36 -11.59
N ILE A 413 29.82 30.87 -10.59
CA ILE A 413 29.25 30.71 -9.26
C ILE A 413 30.03 31.36 -8.11
N GLU A 414 29.28 31.89 -7.15
CA GLU A 414 29.90 32.59 -6.04
C GLU A 414 29.31 32.32 -4.65
N ARG A 415 30.17 31.85 -3.73
CA ARG A 415 29.72 31.61 -2.36
C ARG A 415 29.61 32.93 -1.59
N VAL A 416 28.39 33.38 -1.33
CA VAL A 416 28.19 34.62 -0.61
C VAL A 416 27.90 34.43 0.88
N LYS A 417 28.87 34.80 1.71
CA LYS A 417 28.77 34.68 3.17
C LYS A 417 27.97 35.77 3.90
N GLY A 418 27.64 35.50 5.16
CA GLY A 418 26.89 36.47 5.95
C GLY A 418 25.44 36.67 5.50
N GLU A 419 25.29 37.39 4.40
CA GLU A 419 23.97 37.67 3.81
C GLU A 419 23.97 37.71 2.28
N MET B 1 -3.68 40.40 -9.43
CA MET B 1 -3.32 39.25 -8.55
C MET B 1 -3.55 39.67 -7.08
N ASP B 2 -4.80 39.59 -6.65
CA ASP B 2 -5.17 39.94 -5.29
C ASP B 2 -4.31 39.30 -4.22
N LYS B 3 -4.17 39.99 -3.09
CA LYS B 3 -3.39 39.53 -1.94
C LYS B 3 -4.08 39.89 -0.64
N PHE B 4 -3.66 39.24 0.44
CA PHE B 4 -4.18 39.52 1.76
C PHE B 4 -3.03 40.02 2.61
N ARG B 5 -3.21 41.19 3.23
CA ARG B 5 -2.21 41.75 4.12
C ARG B 5 -2.75 41.68 5.52
N VAL B 6 -2.13 40.86 6.37
CA VAL B 6 -2.62 40.71 7.72
C VAL B 6 -1.62 41.25 8.74
N GLN B 7 -2.18 41.89 9.76
CA GLN B 7 -1.42 42.48 10.85
C GLN B 7 -1.78 41.70 12.10
N GLY B 8 -0.80 41.07 12.72
CA GLY B 8 -1.07 40.34 13.93
C GLY B 8 -0.21 40.88 15.05
N PRO B 9 -0.40 40.40 16.29
CA PRO B 9 -1.40 39.38 16.57
C PRO B 9 -2.75 39.94 17.03
N THR B 10 -3.80 39.21 16.67
CA THR B 10 -5.17 39.57 17.02
C THR B 10 -5.89 38.29 17.47
N ARG B 11 -6.65 38.39 18.55
CA ARG B 11 -7.42 37.25 19.02
C ARG B 11 -8.73 37.19 18.22
N LEU B 12 -9.01 36.03 17.64
CA LEU B 12 -10.21 35.80 16.85
C LEU B 12 -11.36 35.43 17.77
N GLN B 13 -12.33 36.33 17.91
CA GLN B 13 -13.46 36.09 18.79
C GLN B 13 -14.78 36.75 18.37
N GLY B 14 -15.88 36.19 18.83
CA GLY B 14 -17.18 36.73 18.50
C GLY B 14 -18.08 35.76 17.76
N GLU B 15 -18.69 36.22 16.67
CA GLU B 15 -19.60 35.38 15.90
C GLU B 15 -19.44 35.34 14.40
N VAL B 16 -19.82 34.21 13.83
CA VAL B 16 -19.76 34.01 12.39
C VAL B 16 -20.98 33.20 11.98
N THR B 17 -21.46 33.44 10.76
CA THR B 17 -22.61 32.72 10.24
C THR B 17 -22.03 31.85 9.11
N ILE B 18 -22.19 30.53 9.22
CA ILE B 18 -21.65 29.61 8.24
C ILE B 18 -22.50 29.63 6.97
N SER B 19 -21.83 29.59 5.82
CA SER B 19 -22.49 29.59 4.51
C SER B 19 -22.87 28.17 4.10
N GLY B 20 -23.82 28.05 3.19
CA GLY B 20 -24.23 26.74 2.69
C GLY B 20 -23.02 26.13 2.00
N ALA B 21 -22.95 24.80 1.96
CA ALA B 21 -21.80 24.14 1.34
C ALA B 21 -21.78 24.10 -0.19
N LYS B 22 -20.72 24.66 -0.76
CA LYS B 22 -20.51 24.65 -2.20
C LYS B 22 -20.64 23.23 -2.77
N ASN B 23 -20.04 22.27 -2.06
CA ASN B 23 -20.09 20.88 -2.45
C ASN B 23 -21.38 20.08 -2.39
N ALA B 24 -22.41 20.71 -1.81
CA ALA B 24 -23.73 20.12 -1.73
C ALA B 24 -24.61 20.87 -2.73
N ALA B 25 -24.41 22.20 -2.80
CA ALA B 25 -25.20 23.03 -3.69
C ALA B 25 -24.98 22.61 -5.14
N LEU B 26 -23.73 22.33 -5.45
CA LEU B 26 -23.36 21.89 -6.79
C LEU B 26 -24.15 20.69 -7.31
N PRO B 27 -24.01 19.54 -6.64
CA PRO B 27 -24.75 18.38 -7.14
C PRO B 27 -26.26 18.58 -7.07
N ILE B 28 -26.72 19.33 -6.07
CA ILE B 28 -28.15 19.60 -5.92
C ILE B 28 -28.65 20.45 -7.09
N LEU B 29 -27.89 21.49 -7.43
CA LEU B 29 -28.24 22.33 -8.57
C LEU B 29 -28.42 21.49 -9.84
N PHE B 30 -27.50 20.57 -10.07
CA PHE B 30 -27.59 19.71 -11.23
C PHE B 30 -28.77 18.77 -11.15
N ALA B 31 -28.99 18.22 -9.96
CA ALA B 31 -30.08 17.31 -9.72
C ALA B 31 -31.38 18.01 -10.10
N ALA B 32 -31.42 19.33 -9.95
CA ALA B 32 -32.60 20.11 -10.28
C ALA B 32 -33.05 19.90 -11.71
N LEU B 33 -32.16 19.49 -12.59
CA LEU B 33 -32.50 19.20 -13.99
C LEU B 33 -33.57 18.10 -14.09
N LEU B 34 -33.80 17.42 -12.98
CA LEU B 34 -34.77 16.32 -12.88
C LEU B 34 -36.19 16.78 -12.58
N ALA B 35 -36.30 17.92 -11.92
CA ALA B 35 -37.59 18.46 -11.52
C ALA B 35 -38.47 19.00 -12.67
N GLU B 36 -39.73 18.58 -12.67
CA GLU B 36 -40.70 19.03 -13.67
C GLU B 36 -41.40 20.31 -13.22
N GLU B 37 -41.40 20.54 -11.92
CA GLU B 37 -42.02 21.70 -11.29
C GLU B 37 -40.96 22.65 -10.67
N PRO B 38 -41.28 23.95 -10.55
CA PRO B 38 -40.33 24.92 -9.99
C PRO B 38 -39.74 24.50 -8.65
N VAL B 39 -38.46 24.85 -8.44
CA VAL B 39 -37.74 24.50 -7.22
C VAL B 39 -36.98 25.69 -6.60
N GLU B 40 -37.00 25.76 -5.28
CA GLU B 40 -36.26 26.82 -4.58
C GLU B 40 -35.12 26.19 -3.77
N ILE B 41 -33.89 26.53 -4.11
CA ILE B 41 -32.74 25.98 -3.40
C ILE B 41 -32.18 27.07 -2.50
N GLN B 42 -32.41 26.92 -1.20
CA GLN B 42 -31.97 27.91 -0.23
C GLN B 42 -30.56 27.74 0.25
N ASN B 43 -30.07 28.81 0.86
CA ASN B 43 -28.75 28.80 1.48
C ASN B 43 -27.60 28.42 0.54
N VAL B 44 -27.65 28.95 -0.68
CA VAL B 44 -26.63 28.71 -1.68
C VAL B 44 -25.60 29.84 -1.61
N PRO B 45 -24.29 29.49 -1.52
CA PRO B 45 -23.23 30.50 -1.45
C PRO B 45 -22.99 31.22 -2.77
N LYS B 46 -22.46 32.44 -2.66
CA LYS B 46 -22.12 33.25 -3.83
C LYS B 46 -20.67 32.95 -4.21
N LEU B 47 -20.48 31.91 -4.99
CA LEU B 47 -19.14 31.51 -5.39
C LEU B 47 -19.02 31.29 -6.88
N LYS B 48 -17.80 31.42 -7.41
CA LYS B 48 -17.57 31.22 -8.83
C LYS B 48 -18.29 30.01 -9.45
N ASP B 49 -18.06 28.83 -8.88
CA ASP B 49 -18.70 27.62 -9.40
C ASP B 49 -20.23 27.69 -9.50
N ILE B 50 -20.87 28.37 -8.56
CA ILE B 50 -22.33 28.53 -8.60
C ILE B 50 -22.69 29.33 -9.84
N ASP B 51 -21.98 30.42 -10.07
CA ASP B 51 -22.23 31.20 -11.27
C ASP B 51 -22.10 30.37 -12.55
N THR B 52 -21.03 29.60 -12.65
CA THR B 52 -20.80 28.78 -13.84
C THR B 52 -21.90 27.73 -14.04
N THR B 53 -22.42 27.20 -12.94
CA THR B 53 -23.47 26.21 -13.07
C THR B 53 -24.75 26.85 -13.59
N MET B 54 -25.08 28.02 -13.04
CA MET B 54 -26.25 28.78 -13.48
C MET B 54 -26.29 29.01 -14.99
N LYS B 55 -25.19 29.58 -15.50
CA LYS B 55 -25.03 29.88 -16.91
C LYS B 55 -25.24 28.59 -17.69
N LEU B 56 -24.70 27.51 -17.13
CA LEU B 56 -24.83 26.20 -17.75
C LEU B 56 -26.29 25.72 -17.78
N LEU B 57 -27.00 25.89 -16.66
CA LEU B 57 -28.40 25.49 -16.58
C LEU B 57 -29.19 26.37 -17.56
N THR B 58 -28.90 27.66 -17.54
CA THR B 58 -29.55 28.61 -18.42
C THR B 58 -29.43 28.16 -19.86
N GLN B 59 -28.22 27.76 -20.25
CA GLN B 59 -27.94 27.28 -21.60
C GLN B 59 -28.66 25.99 -22.00
N LEU B 60 -29.13 25.24 -21.00
CA LEU B 60 -29.90 24.01 -21.22
C LEU B 60 -31.40 24.32 -21.37
N GLY B 61 -31.74 25.59 -21.33
CA GLY B 61 -33.14 25.99 -21.46
C GLY B 61 -33.83 26.20 -20.12
N THR B 62 -33.06 26.16 -19.04
CA THR B 62 -33.61 26.34 -17.71
C THR B 62 -33.78 27.80 -17.35
N LYS B 63 -34.90 28.12 -16.70
CA LYS B 63 -35.13 29.47 -16.20
C LYS B 63 -34.42 29.47 -14.85
N VAL B 64 -33.34 30.24 -14.75
CA VAL B 64 -32.56 30.24 -13.53
C VAL B 64 -32.33 31.59 -12.90
N GLU B 65 -32.60 31.66 -11.60
CA GLU B 65 -32.35 32.88 -10.85
C GLU B 65 -31.89 32.88 -9.44
N ARG B 66 -31.24 33.96 -9.03
CA ARG B 66 -30.74 34.04 -7.66
C ARG B 66 -30.83 35.38 -6.97
N IAS B 67 -30.34 35.38 -5.73
CA IAS B 67 -30.30 36.54 -4.86
C IAS B 67 -28.91 37.20 -4.76
O IAS B 67 -28.04 36.93 -5.61
CB IAS B 67 -30.94 36.25 -3.49
CG IAS B 67 -30.13 35.24 -2.67
OD1 IAS B 67 -29.07 34.76 -3.11
OXT IAS B 67 -28.73 38.01 -3.83
N GLY B 68 -30.63 34.93 -1.47
CA GLY B 68 -29.93 33.97 -0.63
C GLY B 68 -30.12 32.60 -1.25
N SER B 69 -31.13 32.53 -2.10
CA SER B 69 -31.45 31.30 -2.80
C SER B 69 -31.37 31.31 -4.30
N VAL B 70 -31.37 30.12 -4.89
CA VAL B 70 -31.34 30.01 -6.33
C VAL B 70 -32.69 29.41 -6.74
N TRP B 71 -33.41 30.14 -7.60
CA TRP B 71 -34.70 29.71 -8.12
C TRP B 71 -34.53 29.01 -9.46
N ILE B 72 -34.97 27.75 -9.52
CA ILE B 72 -34.84 26.94 -10.72
C ILE B 72 -36.16 26.47 -11.29
N ASP B 73 -36.25 26.55 -12.62
CA ASP B 73 -37.44 26.10 -13.35
C ASP B 73 -36.98 25.25 -14.52
N ALA B 74 -36.92 23.95 -14.33
CA ALA B 74 -36.47 23.10 -15.42
C ALA B 74 -37.63 22.39 -16.09
N SER B 75 -38.82 22.97 -16.04
CA SER B 75 -39.96 22.33 -16.68
C SER B 75 -39.77 22.24 -18.19
N ASN B 76 -39.09 23.24 -18.76
CA ASN B 76 -38.85 23.30 -20.20
C ASN B 76 -37.43 23.14 -20.73
N VAL B 77 -36.66 22.22 -20.17
CA VAL B 77 -35.30 22.01 -20.66
C VAL B 77 -35.38 21.58 -22.12
N ASN B 78 -34.83 22.38 -23.03
CA ASN B 78 -34.86 22.05 -24.44
C ASN B 78 -33.53 22.01 -25.19
N ASN B 79 -32.44 22.02 -24.43
CA ASN B 79 -31.09 21.92 -24.99
C ASN B 79 -30.40 20.80 -24.23
N PHE B 80 -29.60 20.00 -24.92
CA PHE B 80 -28.98 18.83 -24.28
C PHE B 80 -27.47 18.71 -24.20
N SER B 81 -26.78 19.78 -24.57
CA SER B 81 -25.34 19.80 -24.57
C SER B 81 -24.66 20.87 -23.69
N ALA B 82 -23.57 20.48 -23.04
CA ALA B 82 -22.76 21.39 -22.20
C ALA B 82 -21.44 21.53 -22.96
N PRO B 83 -21.27 22.64 -23.69
CA PRO B 83 -20.08 22.95 -24.50
C PRO B 83 -18.81 23.25 -23.73
N TYR B 84 -17.69 23.13 -24.43
CA TYR B 84 -16.37 23.40 -23.89
C TYR B 84 -16.31 24.80 -23.27
N ASP B 85 -16.84 25.78 -23.98
CA ASP B 85 -16.84 27.17 -23.52
C ASP B 85 -17.31 27.29 -22.08
N LEU B 86 -18.47 26.71 -21.81
CA LEU B 86 -19.03 26.75 -20.46
C LEU B 86 -18.69 25.75 -19.36
N VAL B 87 -17.84 24.77 -19.68
CA VAL B 87 -17.44 23.75 -18.72
C VAL B 87 -15.94 23.66 -18.49
N LYS B 88 -15.16 24.40 -19.26
CA LYS B 88 -13.71 24.35 -19.08
C LYS B 88 -13.14 24.52 -17.69
N THR B 89 -13.70 25.44 -16.90
CA THR B 89 -13.23 25.70 -15.54
C THR B 89 -13.98 24.94 -14.44
N MET B 90 -14.80 23.97 -14.82
CA MET B 90 -15.58 23.24 -13.82
C MET B 90 -15.87 21.74 -13.93
N ARG B 91 -14.96 20.93 -13.41
CA ARG B 91 -15.13 19.47 -13.44
C ARG B 91 -16.51 18.96 -13.06
N ALA B 92 -17.18 19.68 -12.16
CA ALA B 92 -18.51 19.33 -11.69
C ALA B 92 -19.56 19.30 -12.82
N SER B 93 -19.21 19.88 -13.97
CA SER B 93 -20.07 19.89 -15.14
C SER B 93 -20.55 18.50 -15.50
N ILE B 94 -19.72 17.50 -15.20
CA ILE B 94 -20.08 16.12 -15.50
C ILE B 94 -21.45 15.76 -14.92
N TRP B 95 -21.84 16.41 -13.82
CA TRP B 95 -23.12 16.18 -13.15
C TRP B 95 -24.38 16.42 -13.96
N ALA B 96 -24.24 17.15 -15.06
CA ALA B 96 -25.35 17.44 -15.95
C ALA B 96 -25.71 16.21 -16.74
N LEU B 97 -24.73 15.32 -16.90
CA LEU B 97 -24.95 14.11 -17.70
C LEU B 97 -26.09 13.17 -17.32
N GLY B 98 -26.08 12.70 -16.07
CA GLY B 98 -27.09 11.77 -15.61
C GLY B 98 -28.51 12.28 -15.63
N PRO B 99 -28.79 13.43 -15.03
CA PRO B 99 -30.15 14.01 -15.00
C PRO B 99 -30.69 14.13 -16.43
N LEU B 100 -29.83 14.53 -17.36
CA LEU B 100 -30.19 14.69 -18.77
C LEU B 100 -30.64 13.43 -19.48
N VAL B 101 -29.85 12.37 -19.32
CA VAL B 101 -30.18 11.13 -19.97
C VAL B 101 -31.30 10.40 -19.25
N ALA B 102 -31.36 10.54 -17.93
CA ALA B 102 -32.40 9.85 -17.16
C ALA B 102 -33.79 10.43 -17.46
N ARG B 103 -33.88 11.76 -17.51
CA ARG B 103 -35.14 12.44 -17.78
C ARG B 103 -35.51 12.65 -19.27
N PHE B 104 -34.48 12.91 -20.09
CA PHE B 104 -34.66 13.19 -21.51
C PHE B 104 -34.29 12.14 -22.54
N GLY B 105 -33.45 11.20 -22.14
CA GLY B 105 -33.01 10.13 -23.02
C GLY B 105 -31.73 10.46 -23.74
N GLN B 106 -31.21 11.66 -23.54
CA GLN B 106 -29.98 12.09 -24.22
C GLN B 106 -29.31 13.22 -23.49
N GLY B 107 -28.00 13.29 -23.58
CA GLY B 107 -27.27 14.36 -22.93
C GLY B 107 -25.80 14.22 -23.29
N GLN B 108 -25.06 15.33 -23.23
CA GLN B 108 -23.63 15.34 -23.54
C GLN B 108 -22.85 16.48 -22.86
N VAL B 109 -21.66 16.16 -22.37
CA VAL B 109 -20.80 17.10 -21.66
C VAL B 109 -19.40 17.15 -22.27
N SER B 110 -18.91 18.36 -22.51
CA SER B 110 -17.58 18.53 -23.07
C SER B 110 -16.48 17.95 -22.19
N LEU B 111 -15.58 17.18 -22.79
CA LEU B 111 -14.46 16.61 -22.06
C LEU B 111 -13.11 17.24 -22.39
N PRO B 112 -12.55 18.03 -21.47
CA PRO B 112 -11.25 18.67 -21.72
C PRO B 112 -10.18 17.64 -22.06
N GLY B 113 -9.25 18.01 -22.95
CA GLY B 113 -8.19 17.11 -23.35
C GLY B 113 -7.53 16.32 -22.22
N GLY B 114 -7.03 15.12 -22.53
CA GLY B 114 -6.39 14.31 -21.52
C GLY B 114 -5.04 14.85 -21.13
N ASP B 115 -4.50 15.69 -22.00
CA ASP B 115 -3.19 16.34 -21.83
C ASP B 115 -3.25 17.89 -21.75
N ALA B 116 -4.22 18.44 -21.03
CA ALA B 116 -4.39 19.89 -20.88
C ALA B 116 -3.98 20.42 -19.48
N ILE B 117 -4.80 21.30 -18.89
CA ILE B 117 -4.52 21.84 -17.55
C ILE B 117 -4.99 20.78 -16.54
N GLY B 118 -4.59 19.53 -16.78
CA GLY B 118 -5.00 18.42 -15.94
C GLY B 118 -6.05 17.65 -16.71
N ALA B 119 -6.57 16.57 -16.13
CA ALA B 119 -7.60 15.78 -16.82
C ALA B 119 -7.91 14.49 -16.04
N ARG B 120 -8.96 14.53 -15.23
CA ARG B 120 -9.37 13.38 -14.42
C ARG B 120 -10.45 12.36 -14.84
N PRO B 121 -10.18 11.05 -14.67
CA PRO B 121 -11.14 10.02 -15.04
C PRO B 121 -12.58 10.24 -14.56
N VAL B 122 -13.49 10.45 -15.52
CA VAL B 122 -14.91 10.59 -15.24
C VAL B 122 -15.44 9.21 -15.55
N ASP B 123 -14.50 8.27 -15.67
CA ASP B 123 -14.83 6.90 -15.95
C ASP B 123 -15.77 6.14 -15.03
N LEU B 124 -15.82 6.53 -13.76
CA LEU B 124 -16.73 5.90 -12.80
C LEU B 124 -18.15 6.30 -13.17
N HIS B 125 -18.27 7.55 -13.65
CA HIS B 125 -19.54 8.10 -14.07
C HIS B 125 -20.02 7.30 -15.30
N ILE B 126 -19.13 7.17 -16.29
CA ILE B 126 -19.42 6.44 -17.51
C ILE B 126 -19.89 5.02 -17.23
N PHE B 127 -19.15 4.35 -16.37
CA PHE B 127 -19.48 2.99 -16.02
C PHE B 127 -20.81 2.82 -15.29
N GLY B 128 -21.10 3.75 -14.37
CA GLY B 128 -22.34 3.69 -13.65
C GLY B 128 -23.51 3.89 -14.61
N LEU B 129 -23.39 4.86 -15.50
CA LEU B 129 -24.46 5.11 -16.46
C LEU B 129 -24.66 3.92 -17.40
N GLU B 130 -23.56 3.28 -17.78
CA GLU B 130 -23.61 2.13 -18.66
C GLU B 130 -24.36 0.98 -17.98
N LYS B 131 -24.07 0.83 -16.68
CA LYS B 131 -24.71 -0.17 -15.82
C LYS B 131 -26.21 0.07 -15.76
N LEU B 132 -26.59 1.36 -15.74
CA LEU B 132 -27.99 1.75 -15.73
C LEU B 132 -28.72 1.60 -17.09
N GLY B 133 -28.00 1.10 -18.09
CA GLY B 133 -28.60 0.88 -19.40
C GLY B 133 -28.29 1.89 -20.49
N ALA B 134 -27.62 2.98 -20.14
CA ALA B 134 -27.30 4.02 -21.11
C ALA B 134 -26.26 3.61 -22.12
N GLU B 135 -26.39 4.14 -23.32
CA GLU B 135 -25.42 3.92 -24.38
C GLU B 135 -24.43 5.09 -24.18
N ILE B 136 -23.13 4.79 -24.16
CA ILE B 136 -22.15 5.84 -23.97
C ILE B 136 -21.27 6.01 -25.18
N LYS B 137 -21.10 7.25 -25.61
CA LYS B 137 -20.21 7.57 -26.72
C LYS B 137 -19.11 8.54 -26.34
N LEU B 138 -17.88 8.19 -26.71
CA LEU B 138 -16.72 9.04 -26.45
C LEU B 138 -16.30 9.52 -27.82
N GLU B 139 -16.73 10.71 -28.16
CA GLU B 139 -16.43 11.25 -29.49
C GLU B 139 -16.45 12.78 -29.53
N GLU B 140 -15.71 13.33 -30.50
CA GLU B 140 -15.64 14.77 -30.69
C GLU B 140 -15.50 15.67 -29.44
N GLY B 141 -14.64 15.25 -28.51
CA GLY B 141 -14.44 16.03 -27.29
C GLY B 141 -15.59 15.99 -26.29
N TYR B 142 -16.52 15.07 -26.54
CA TYR B 142 -17.69 14.88 -25.69
C TYR B 142 -17.80 13.49 -25.07
N VAL B 143 -18.57 13.43 -24.00
CA VAL B 143 -18.91 12.18 -23.38
C VAL B 143 -20.41 12.30 -23.64
N LYS B 144 -20.96 11.35 -24.39
CA LYS B 144 -22.40 11.36 -24.71
C LYS B 144 -23.12 10.14 -24.15
N ALA B 145 -24.33 10.36 -23.65
CA ALA B 145 -25.12 9.27 -23.11
C ALA B 145 -26.53 9.31 -23.69
N SER B 146 -27.04 8.14 -24.07
CA SER B 146 -28.40 8.05 -24.60
C SER B 146 -29.10 6.77 -24.21
N VAL B 147 -30.42 6.83 -24.13
CA VAL B 147 -31.19 5.63 -23.84
C VAL B 147 -32.56 5.74 -24.50
N ASN B 148 -33.02 4.59 -24.99
CA ASN B 148 -34.33 4.52 -25.61
C ASN B 148 -35.33 4.10 -24.56
N GLY B 149 -36.16 5.05 -24.16
CA GLY B 149 -37.13 4.79 -23.12
C GLY B 149 -36.47 5.21 -21.81
N ARG B 150 -36.68 4.49 -20.74
CA ARG B 150 -36.09 4.84 -19.47
C ARG B 150 -34.87 4.05 -19.12
N LEU B 151 -34.12 4.56 -18.16
CA LEU B 151 -32.97 3.84 -17.64
C LEU B 151 -33.52 2.62 -16.89
N LYS B 152 -32.66 1.65 -16.64
CA LYS B 152 -33.05 0.45 -15.93
C LYS B 152 -32.30 0.24 -14.61
N GLY B 153 -33.02 0.10 -13.51
CA GLY B 153 -32.39 -0.11 -12.21
C GLY B 153 -31.35 -1.22 -12.19
N ALA B 154 -30.23 -1.01 -11.54
CA ALA B 154 -29.23 -2.08 -11.51
C ALA B 154 -28.50 -2.16 -10.17
N HIS B 155 -27.85 -3.29 -9.94
CA HIS B 155 -27.07 -3.53 -8.71
C HIS B 155 -25.63 -3.16 -9.08
N ILE B 156 -25.21 -1.98 -8.65
CA ILE B 156 -23.89 -1.51 -8.98
C ILE B 156 -22.87 -1.57 -7.85
N VAL B 157 -21.80 -2.30 -8.12
CA VAL B 157 -20.72 -2.44 -7.16
C VAL B 157 -19.62 -1.43 -7.47
N MET B 158 -19.47 -0.46 -6.58
CA MET B 158 -18.45 0.55 -6.77
C MET B 158 -17.08 0.03 -6.40
N ASP B 159 -16.23 -0.17 -7.39
CA ASP B 159 -14.89 -0.65 -7.13
C ASP B 159 -14.06 0.35 -6.31
N LYS B 160 -14.34 1.63 -6.52
CA LYS B 160 -13.66 2.70 -5.81
C LYS B 160 -14.68 3.70 -5.25
N VAL B 161 -14.45 4.21 -4.04
CA VAL B 161 -15.37 5.16 -3.44
C VAL B 161 -15.29 6.49 -4.21
N SER B 162 -16.40 6.91 -4.81
CA SER B 162 -16.40 8.17 -5.58
C SER B 162 -17.57 9.08 -5.30
N VAL B 163 -17.31 10.26 -4.75
CA VAL B 163 -18.43 11.16 -4.47
C VAL B 163 -19.15 11.52 -5.76
N GLY B 164 -18.36 11.82 -6.80
CA GLY B 164 -18.90 12.20 -8.09
C GLY B 164 -19.79 11.15 -8.69
N ALA B 165 -19.25 9.94 -8.81
CA ALA B 165 -20.02 8.86 -9.39
C ALA B 165 -21.18 8.43 -8.47
N THR B 166 -21.03 8.61 -7.16
CA THR B 166 -22.14 8.23 -6.28
C THR B 166 -23.32 9.17 -6.59
N VAL B 167 -23.06 10.46 -6.76
CA VAL B 167 -24.10 11.45 -7.08
C VAL B 167 -24.69 11.20 -8.48
N THR B 168 -23.83 10.88 -9.44
CA THR B 168 -24.30 10.63 -10.79
C THR B 168 -25.21 9.42 -10.86
N ILE B 169 -24.79 8.32 -10.25
CA ILE B 169 -25.58 7.09 -10.26
C ILE B 169 -26.89 7.26 -9.47
N MET B 170 -26.83 7.80 -8.26
CA MET B 170 -28.01 8.05 -7.43
C MET B 170 -29.03 8.96 -8.09
N SER B 171 -28.57 10.06 -8.67
CA SER B 171 -29.43 11.01 -9.36
C SER B 171 -30.22 10.41 -10.51
N ALA B 172 -29.52 9.78 -11.44
CA ALA B 172 -30.16 9.16 -12.59
C ALA B 172 -31.04 7.99 -12.22
N ALA B 173 -30.67 7.25 -11.17
CA ALA B 173 -31.46 6.08 -10.77
C ALA B 173 -32.87 6.46 -10.31
N THR B 174 -33.06 7.72 -9.93
CA THR B 174 -34.37 8.15 -9.44
C THR B 174 -35.49 8.07 -10.49
N LEU B 175 -35.14 8.12 -11.78
CA LEU B 175 -36.13 8.01 -12.86
C LEU B 175 -36.05 6.68 -13.60
N ALA B 176 -35.21 5.78 -13.10
CA ALA B 176 -35.03 4.49 -13.75
C ALA B 176 -36.18 3.55 -13.40
N GLU B 177 -36.27 2.48 -14.17
CA GLU B 177 -37.31 1.48 -13.97
C GLU B 177 -36.83 0.44 -12.99
N GLY B 178 -37.51 0.31 -11.86
CA GLY B 178 -37.07 -0.69 -10.88
C GLY B 178 -36.14 -0.17 -9.79
N THR B 179 -35.42 -1.08 -9.16
CA THR B 179 -34.51 -0.75 -8.08
C THR B 179 -33.02 -0.73 -8.44
N THR B 180 -32.32 0.26 -7.90
CA THR B 180 -30.87 0.42 -8.10
C THR B 180 -30.18 0.36 -6.75
N ILE B 181 -29.08 -0.37 -6.66
CA ILE B 181 -28.36 -0.47 -5.40
C ILE B 181 -26.89 -0.15 -5.67
N ILE B 182 -26.33 0.75 -4.86
CA ILE B 182 -24.93 1.17 -5.01
C ILE B 182 -24.10 0.66 -3.83
N GLU B 183 -23.19 -0.27 -4.12
CA GLU B 183 -22.30 -0.84 -3.10
C GLU B 183 -21.06 0.04 -2.96
N ASN B 184 -20.55 0.22 -1.74
CA ASN B 184 -19.38 1.07 -1.55
C ASN B 184 -19.69 2.52 -1.95
N ALA B 185 -20.85 3.04 -1.52
CA ALA B 185 -21.28 4.41 -1.83
C ALA B 185 -20.51 5.39 -1.00
N ALA B 186 -20.21 6.56 -1.55
CA ALA B 186 -19.52 7.58 -0.78
C ALA B 186 -20.49 7.97 0.32
N ARG B 187 -19.96 8.26 1.51
CA ARG B 187 -20.75 8.63 2.70
C ARG B 187 -20.88 10.11 3.01
N GLU B 188 -20.11 10.93 2.31
CA GLU B 188 -20.12 12.38 2.51
C GLU B 188 -21.48 13.03 2.84
N PRO B 189 -21.48 13.98 3.79
CA PRO B 189 -22.72 14.67 4.19
C PRO B 189 -23.34 15.35 2.96
N GLU B 190 -22.49 15.75 2.02
CA GLU B 190 -22.94 16.36 0.77
C GLU B 190 -23.76 15.35 -0.05
N ILE B 191 -23.48 14.06 0.13
CA ILE B 191 -24.20 12.98 -0.55
C ILE B 191 -25.60 12.86 0.14
N VAL B 192 -25.65 12.94 1.47
CA VAL B 192 -26.94 12.85 2.20
C VAL B 192 -27.84 14.03 1.83
N ASP B 193 -27.23 15.20 1.68
CA ASP B 193 -27.94 16.41 1.30
C ASP B 193 -28.54 16.28 -0.10
N THR B 194 -27.77 15.76 -1.04
CA THR B 194 -28.24 15.57 -2.40
C THR B 194 -29.41 14.56 -2.37
N ALA B 195 -29.22 13.44 -1.67
CA ALA B 195 -30.27 12.41 -1.55
C ALA B 195 -31.53 13.02 -0.96
N ASN B 196 -31.38 13.77 0.13
CA ASN B 196 -32.51 14.45 0.79
C ASN B 196 -33.29 15.40 -0.11
N PHE B 197 -32.55 16.08 -0.98
CA PHE B 197 -33.11 16.98 -1.97
C PHE B 197 -33.96 16.16 -2.94
N LEU B 198 -33.43 15.00 -3.31
CA LEU B 198 -34.14 14.12 -4.21
C LEU B 198 -35.45 13.62 -3.64
N VAL B 199 -35.38 13.18 -2.38
CA VAL B 199 -36.54 12.69 -1.66
C VAL B 199 -37.59 13.81 -1.62
N ALA B 200 -37.19 15.03 -1.30
CA ALA B 200 -38.16 16.12 -1.22
C ALA B 200 -38.90 16.34 -2.55
N LEU B 201 -38.33 15.86 -3.65
CA LEU B 201 -38.92 15.99 -4.97
C LEU B 201 -39.85 14.82 -5.31
N GLY B 202 -39.88 13.82 -4.45
CA GLY B 202 -40.72 12.67 -4.69
C GLY B 202 -39.90 11.41 -4.92
N ALA B 203 -38.57 11.53 -4.85
CA ALA B 203 -37.70 10.38 -5.07
C ALA B 203 -37.72 9.36 -3.93
N LYS B 204 -37.41 8.11 -4.26
CA LYS B 204 -37.36 7.04 -3.25
C LYS B 204 -35.92 6.60 -2.98
N ILE B 205 -35.39 7.05 -1.85
CA ILE B 205 -33.99 6.79 -1.49
C ILE B 205 -33.80 6.51 -0.02
N SER B 206 -32.91 5.55 0.27
CA SER B 206 -32.58 5.18 1.64
C SER B 206 -31.13 4.70 1.72
N GLY B 207 -30.55 4.74 2.91
CA GLY B 207 -29.17 4.34 3.08
C GLY B 207 -28.17 5.48 2.83
N GLN B 208 -28.65 6.66 2.44
CA GLN B 208 -27.73 7.77 2.21
C GLN B 208 -26.92 8.04 3.47
N GLY B 209 -25.59 8.07 3.36
CA GLY B 209 -24.77 8.31 4.54
C GLY B 209 -24.05 7.04 4.95
N THR B 210 -24.57 5.90 4.47
CA THR B 210 -23.95 4.60 4.72
C THR B 210 -23.28 4.20 3.41
N ASP B 211 -22.59 3.07 3.41
CA ASP B 211 -21.92 2.58 2.22
C ASP B 211 -22.86 1.86 1.26
N ARG B 212 -24.16 1.90 1.56
CA ARG B 212 -25.10 1.21 0.68
C ARG B 212 -26.36 1.97 0.37
N ILE B 213 -26.45 2.55 -0.82
CA ILE B 213 -27.62 3.33 -1.18
C ILE B 213 -28.57 2.54 -2.08
N THR B 214 -29.85 2.59 -1.76
CA THR B 214 -30.88 1.88 -2.51
C THR B 214 -31.82 2.93 -3.11
N ILE B 215 -32.03 2.84 -4.42
CA ILE B 215 -32.89 3.77 -5.12
C ILE B 215 -34.05 3.08 -5.81
N GLU B 216 -35.26 3.51 -5.50
CA GLU B 216 -36.45 2.98 -6.15
C GLU B 216 -36.99 3.99 -7.17
N GLY B 217 -36.83 3.69 -8.46
CA GLY B 217 -37.29 4.62 -9.47
C GLY B 217 -38.77 5.01 -9.45
N VAL B 218 -39.05 6.28 -9.75
CA VAL B 218 -40.42 6.76 -9.82
C VAL B 218 -40.60 7.31 -11.24
N GLU B 219 -41.83 7.62 -11.60
CA GLU B 219 -42.15 8.14 -12.93
C GLU B 219 -41.62 9.54 -13.17
N ARG B 220 -41.73 10.40 -12.16
CA ARG B 220 -41.29 11.78 -12.29
C ARG B 220 -41.02 12.49 -10.97
N LEU B 221 -40.24 13.57 -11.04
CA LEU B 221 -39.93 14.37 -9.85
C LEU B 221 -40.70 15.69 -9.86
N GLY B 222 -41.06 16.18 -8.69
CA GLY B 222 -41.83 17.42 -8.63
C GLY B 222 -41.04 18.71 -8.42
N GLY B 223 -41.50 19.53 -7.48
CA GLY B 223 -40.82 20.77 -7.19
C GLY B 223 -40.78 20.92 -5.68
N GLY B 224 -40.40 22.10 -5.20
CA GLY B 224 -40.36 22.29 -3.76
C GLY B 224 -39.28 23.25 -3.31
N VAL B 225 -39.13 23.35 -2.00
CA VAL B 225 -38.16 24.22 -1.38
C VAL B 225 -37.20 23.31 -0.62
N TYR B 226 -35.89 23.57 -0.76
CA TYR B 226 -34.85 22.81 -0.09
C TYR B 226 -33.69 23.67 0.36
N ARG B 227 -33.27 23.47 1.60
CA ARG B 227 -32.19 24.26 2.18
C ARG B 227 -30.87 23.50 2.20
N VAL B 228 -29.87 24.01 1.48
CA VAL B 228 -28.56 23.36 1.42
C VAL B 228 -27.93 23.37 2.83
N LEU B 229 -27.32 22.24 3.20
CA LEU B 229 -26.66 22.10 4.52
C LEU B 229 -25.47 23.07 4.68
N PRO B 230 -25.10 23.41 5.92
CA PRO B 230 -23.98 24.31 6.16
C PRO B 230 -22.63 23.73 5.70
N ASP B 231 -21.67 24.62 5.43
CA ASP B 231 -20.33 24.22 5.01
C ASP B 231 -19.51 23.74 6.22
N ARG B 232 -19.31 22.43 6.34
CA ARG B 232 -18.56 21.84 7.46
C ARG B 232 -17.08 22.25 7.55
N ILE B 233 -16.43 22.42 6.40
CA ILE B 233 -15.01 22.77 6.41
C ILE B 233 -14.89 24.22 6.82
N GLU B 234 -15.78 25.06 6.31
CA GLU B 234 -15.79 26.48 6.67
C GLU B 234 -15.96 26.61 8.19
N THR B 235 -16.91 25.85 8.72
CA THR B 235 -17.19 25.84 10.14
C THR B 235 -15.92 25.42 10.84
N GLY B 236 -15.30 24.34 10.37
CA GLY B 236 -14.05 23.87 10.96
C GLY B 236 -12.98 24.94 10.88
N THR B 237 -12.88 25.63 9.74
CA THR B 237 -11.88 26.67 9.62
C THR B 237 -12.10 27.73 10.69
N PHE B 238 -13.36 28.09 10.94
CA PHE B 238 -13.68 29.08 11.97
C PHE B 238 -13.41 28.66 13.42
N LEU B 239 -13.68 27.40 13.71
CA LEU B 239 -13.42 26.87 15.04
C LEU B 239 -11.92 26.94 15.31
N VAL B 240 -11.14 26.55 14.32
CA VAL B 240 -9.69 26.57 14.45
C VAL B 240 -9.19 28.01 14.63
N ALA B 241 -9.84 28.94 13.94
CA ALA B 241 -9.45 30.36 14.07
C ALA B 241 -9.52 30.74 15.56
N ALA B 242 -10.63 30.40 16.21
CA ALA B 242 -10.76 30.70 17.63
C ALA B 242 -9.80 29.85 18.48
N ALA B 243 -9.65 28.57 18.12
CA ALA B 243 -8.80 27.65 18.88
C ALA B 243 -7.29 27.98 18.92
N ILE B 244 -6.77 28.65 17.90
CA ILE B 244 -5.37 28.97 17.90
C ILE B 244 -5.07 30.38 18.43
N SER B 245 -6.12 31.15 18.70
CA SER B 245 -5.95 32.53 19.17
C SER B 245 -6.43 32.83 20.58
N GLY B 246 -6.77 31.77 21.33
CA GLY B 246 -7.25 31.91 22.68
C GLY B 246 -8.64 32.50 22.76
N GLY B 247 -9.32 32.57 21.61
CA GLY B 247 -10.64 33.16 21.59
C GLY B 247 -11.87 32.32 21.89
N LYS B 248 -13.02 32.97 21.70
CA LYS B 248 -14.32 32.35 21.86
C LYS B 248 -15.18 32.67 20.65
N ILE B 249 -15.79 31.67 20.06
CA ILE B 249 -16.59 31.93 18.88
C ILE B 249 -17.87 31.15 18.90
N VAL B 250 -18.91 31.74 18.32
CA VAL B 250 -20.18 31.06 18.19
C VAL B 250 -20.42 30.98 16.70
N CYS B 251 -20.57 29.76 16.18
CA CYS B 251 -20.83 29.54 14.75
C CYS B 251 -22.33 29.43 14.52
N ARG B 252 -22.90 30.37 13.78
CA ARG B 252 -24.34 30.35 13.50
C ARG B 252 -24.67 29.64 12.18
N ASN B 253 -25.88 29.09 12.08
CA ASN B 253 -26.25 28.38 10.86
C ASN B 253 -25.33 27.18 10.62
N ALA B 254 -25.01 26.47 11.69
CA ALA B 254 -24.16 25.31 11.56
C ALA B 254 -24.92 23.99 11.81
N GLN B 255 -24.27 22.87 11.47
CA GLN B 255 -24.84 21.54 11.68
C GLN B 255 -23.81 20.67 12.43
N PRO B 256 -23.88 20.62 13.76
CA PRO B 256 -22.93 19.83 14.56
C PRO B 256 -22.66 18.39 14.13
N ASP B 257 -23.69 17.67 13.70
CA ASP B 257 -23.49 16.26 13.32
C ASP B 257 -22.55 15.89 12.17
N THR B 258 -22.25 16.88 11.34
CA THR B 258 -21.37 16.67 10.21
C THR B 258 -19.93 16.85 10.65
N LEU B 259 -19.77 17.31 11.89
CA LEU B 259 -18.47 17.59 12.48
C LEU B 259 -17.94 16.73 13.63
N ASP B 260 -18.51 15.55 13.83
CA ASP B 260 -18.06 14.67 14.91
C ASP B 260 -16.55 14.62 15.24
N ALA B 261 -15.76 14.17 14.28
CA ALA B 261 -14.33 14.00 14.44
C ALA B 261 -13.57 15.30 14.66
N VAL B 262 -13.97 16.35 13.95
CA VAL B 262 -13.32 17.64 14.11
C VAL B 262 -13.55 18.18 15.52
N LEU B 263 -14.77 18.08 16.01
CA LEU B 263 -15.09 18.54 17.38
C LEU B 263 -14.35 17.71 18.43
N ALA B 264 -14.34 16.39 18.26
CA ALA B 264 -13.64 15.53 19.22
C ALA B 264 -12.17 15.89 19.22
N LYS B 265 -11.66 16.26 18.05
CA LYS B 265 -10.26 16.65 17.93
C LYS B 265 -10.01 17.94 18.68
N LEU B 266 -10.89 18.93 18.48
CA LEU B 266 -10.78 20.21 19.18
C LEU B 266 -10.81 20.00 20.71
N ARG B 267 -11.72 19.15 21.17
CA ARG B 267 -11.76 18.85 22.60
C ARG B 267 -10.42 18.32 23.12
N GLU B 268 -9.76 17.50 22.31
CA GLU B 268 -8.46 16.97 22.66
C GLU B 268 -7.45 18.09 22.83
N ALA B 269 -7.62 19.13 22.01
CA ALA B 269 -6.73 20.28 22.07
C ALA B 269 -7.07 21.17 23.26
N GLY B 270 -8.10 20.78 24.02
CA GLY B 270 -8.47 21.55 25.20
C GLY B 270 -9.51 22.64 25.06
N ALA B 271 -10.27 22.59 23.97
CA ALA B 271 -11.31 23.57 23.74
C ALA B 271 -12.59 23.23 24.51
N ASP B 272 -13.27 24.25 25.02
CA ASP B 272 -14.55 24.09 25.71
C ASP B 272 -15.63 24.26 24.65
N ILE B 273 -16.18 23.14 24.22
CA ILE B 273 -17.17 23.13 23.17
C ILE B 273 -18.60 22.79 23.59
N GLU B 274 -19.55 23.50 23.01
CA GLU B 274 -20.95 23.29 23.27
C GLU B 274 -21.72 23.30 21.95
N THR B 275 -22.78 22.52 21.83
CA THR B 275 -23.53 22.53 20.58
C THR B 275 -25.04 22.64 20.76
N GLY B 276 -25.71 23.11 19.71
CA GLY B 276 -27.15 23.24 19.71
C GLY B 276 -27.67 22.53 18.47
N GLU B 277 -28.90 22.83 18.07
CA GLU B 277 -29.47 22.20 16.87
C GLU B 277 -28.83 22.79 15.63
N ASP B 278 -28.56 24.09 15.71
CA ASP B 278 -28.01 24.84 14.59
C ASP B 278 -26.79 25.71 14.89
N TRP B 279 -26.10 25.43 15.97
CA TRP B 279 -24.94 26.22 16.35
C TRP B 279 -23.86 25.44 17.06
N ILE B 280 -22.66 25.99 17.08
CA ILE B 280 -21.53 25.38 17.77
C ILE B 280 -20.75 26.49 18.42
N SER B 281 -20.40 26.31 19.70
CA SER B 281 -19.61 27.29 20.44
C SER B 281 -18.24 26.75 20.84
N LEU B 282 -17.21 27.59 20.67
CA LEU B 282 -15.86 27.21 21.03
C LEU B 282 -15.19 28.25 21.91
N ASP B 283 -14.74 27.81 23.07
CA ASP B 283 -14.08 28.69 24.02
C ASP B 283 -12.69 28.13 24.43
N MET B 284 -11.64 28.92 24.23
CA MET B 284 -10.30 28.50 24.62
C MET B 284 -10.00 29.01 26.02
N HIS B 285 -10.86 29.90 26.53
CA HIS B 285 -10.64 30.48 27.86
C HIS B 285 -9.27 31.15 27.90
N GLY B 286 -8.91 31.80 26.80
CA GLY B 286 -7.63 32.50 26.70
C GLY B 286 -6.42 31.58 26.67
N LYS B 287 -6.68 30.28 26.62
CA LYS B 287 -5.61 29.29 26.62
C LYS B 287 -5.03 28.87 25.28
N ARG B 288 -3.75 28.54 25.31
CA ARG B 288 -3.05 28.06 24.14
C ARG B 288 -3.50 26.60 23.91
N PRO B 289 -3.57 26.16 22.65
CA PRO B 289 -3.99 24.78 22.34
C PRO B 289 -3.01 23.68 22.72
N LYS B 290 -3.53 22.50 23.04
CA LYS B 290 -2.68 21.34 23.36
C LYS B 290 -2.48 20.60 22.03
N ALA B 291 -1.28 20.08 21.79
CA ALA B 291 -1.00 19.36 20.55
C ALA B 291 -1.89 18.11 20.46
N VAL B 292 -2.18 17.68 19.24
CA VAL B 292 -3.01 16.52 19.04
C VAL B 292 -2.44 15.61 17.97
N THR B 293 -2.95 14.39 17.89
CA THR B 293 -2.52 13.43 16.88
C THR B 293 -3.69 13.33 15.92
N VAL B 294 -3.41 13.54 14.64
CA VAL B 294 -4.42 13.50 13.60
C VAL B 294 -4.11 12.52 12.47
N ARG B 295 -5.11 11.70 12.13
CA ARG B 295 -5.00 10.76 11.02
C ARG B 295 -6.20 11.01 10.12
N THR B 296 -5.97 11.45 8.88
CA THR B 296 -7.10 11.68 8.00
C THR B 296 -7.61 10.31 7.52
N ALA B 297 -8.88 10.26 7.17
CA ALA B 297 -9.51 9.04 6.71
C ALA B 297 -10.88 9.41 6.11
N PRO B 298 -11.54 8.47 5.43
CA PRO B 298 -12.84 8.72 4.81
C PRO B 298 -13.95 9.08 5.79
N HIS B 299 -14.84 9.97 5.36
CA HIS B 299 -15.99 10.36 6.17
C HIS B 299 -16.72 9.10 6.64
N PRO B 300 -17.24 9.10 7.88
CA PRO B 300 -17.24 10.13 8.91
C PRO B 300 -15.99 10.35 9.80
N ALA B 301 -14.83 9.82 9.43
CA ALA B 301 -13.63 10.03 10.24
C ALA B 301 -13.02 11.41 9.95
N PHE B 302 -11.86 11.69 10.54
CA PHE B 302 -11.19 12.97 10.34
C PHE B 302 -11.01 13.43 8.88
N PRO B 303 -11.59 14.59 8.50
CA PRO B 303 -11.51 15.10 7.13
C PRO B 303 -10.18 15.71 6.67
N THR B 304 -9.73 15.28 5.50
CA THR B 304 -8.50 15.76 4.88
C THR B 304 -8.60 17.26 4.59
N ASP B 305 -9.80 17.77 4.33
CA ASP B 305 -9.94 19.23 4.12
C ASP B 305 -9.68 20.10 5.36
N MET B 306 -9.57 19.43 6.52
CA MET B 306 -9.30 20.13 7.78
C MET B 306 -7.82 19.96 8.14
N GLN B 307 -7.12 19.15 7.35
CA GLN B 307 -5.71 18.88 7.59
C GLN B 307 -4.73 20.03 7.75
N ALA B 308 -4.74 20.94 6.78
CA ALA B 308 -3.84 22.09 6.82
C ALA B 308 -4.14 22.93 8.05
N GLN B 309 -5.42 23.12 8.33
CA GLN B 309 -5.85 23.89 9.49
C GLN B 309 -5.38 23.31 10.82
N PHE B 310 -5.47 21.99 10.96
CA PHE B 310 -5.04 21.33 12.18
C PHE B 310 -3.53 21.30 12.31
N THR B 311 -2.86 21.36 11.16
CA THR B 311 -1.40 21.37 11.13
C THR B 311 -1.00 22.71 11.74
N LEU B 312 -1.71 23.78 11.36
CA LEU B 312 -1.46 25.11 11.89
C LEU B 312 -1.63 25.08 13.40
N LEU B 313 -2.72 24.43 13.83
CA LEU B 313 -3.02 24.30 15.25
C LEU B 313 -1.88 23.66 16.03
N ASN B 314 -1.38 22.54 15.52
CA ASN B 314 -0.26 21.87 16.17
C ASN B 314 1.00 22.74 16.26
N LEU B 315 1.28 23.47 15.19
CA LEU B 315 2.44 24.36 15.11
C LEU B 315 2.54 25.49 16.16
N VAL B 316 1.42 25.81 16.79
CA VAL B 316 1.39 26.84 17.84
C VAL B 316 0.85 26.23 19.11
N ALA B 317 0.76 24.90 19.14
CA ALA B 317 0.24 24.18 20.29
C ALA B 317 1.31 23.85 21.32
N GLU B 318 0.85 23.50 22.51
CA GLU B 318 1.76 23.09 23.56
C GLU B 318 2.12 21.64 23.30
N GLY B 319 3.38 21.36 23.03
CA GLY B 319 3.76 19.99 22.78
C GLY B 319 4.19 19.65 21.36
N THR B 320 4.36 18.36 21.14
CA THR B 320 4.76 17.85 19.85
C THR B 320 3.52 17.15 19.31
N GLY B 321 3.13 17.47 18.09
CA GLY B 321 1.96 16.87 17.48
C GLY B 321 2.27 16.11 16.21
N VAL B 322 1.39 15.21 15.83
CA VAL B 322 1.62 14.41 14.63
C VAL B 322 0.40 14.48 13.71
N ILE B 323 0.64 14.78 12.42
CA ILE B 323 -0.44 14.85 11.44
C ILE B 323 -0.14 13.77 10.41
N THR B 324 -1.09 12.86 10.18
CA THR B 324 -0.92 11.80 9.19
C THR B 324 -2.00 11.81 8.09
N GLU B 325 -1.55 11.98 6.84
CA GLU B 325 -2.39 12.03 5.63
C GLU B 325 -2.49 10.70 4.90
N THR B 326 -3.62 10.02 5.00
CA THR B 326 -3.81 8.74 4.32
C THR B 326 -4.62 8.90 3.04
N ILE B 327 -5.24 10.07 2.85
CA ILE B 327 -6.10 10.31 1.68
C ILE B 327 -5.36 10.86 0.48
N PHE B 328 -4.77 12.03 0.64
CA PHE B 328 -4.04 12.64 -0.46
C PHE B 328 -2.55 12.54 -0.32
N GLU B 329 -1.89 12.61 -1.45
CA GLU B 329 -0.45 12.57 -1.47
C GLU B 329 -0.02 13.99 -1.78
N ASN B 330 1.18 14.36 -1.36
CA ASN B 330 1.64 15.70 -1.64
C ASN B 330 0.72 16.81 -1.11
N ARG B 331 0.20 16.65 0.11
CA ARG B 331 -0.67 17.67 0.69
C ARG B 331 -0.06 18.41 1.88
N PHE B 332 1.26 18.58 1.84
CA PHE B 332 2.00 19.26 2.88
C PHE B 332 2.61 20.62 2.52
N MET B 333 2.19 21.19 1.39
CA MET B 333 2.72 22.48 0.92
C MET B 333 2.67 23.63 1.91
N HIS B 334 1.68 23.61 2.80
CA HIS B 334 1.56 24.66 3.78
C HIS B 334 2.73 24.65 4.78
N VAL B 335 3.32 23.48 5.00
CA VAL B 335 4.38 23.34 5.98
C VAL B 335 5.59 24.22 5.79
N PRO B 336 6.23 24.21 4.61
CA PRO B 336 7.40 25.06 4.40
C PRO B 336 7.05 26.56 4.59
N GLU B 337 5.83 26.94 4.20
CA GLU B 337 5.32 28.32 4.34
C GLU B 337 5.23 28.71 5.80
N LEU B 338 4.69 27.78 6.58
CA LEU B 338 4.57 28.00 7.99
C LEU B 338 5.95 28.09 8.66
N ILE B 339 6.88 27.26 8.20
CA ILE B 339 8.23 27.24 8.76
C ILE B 339 8.87 28.64 8.60
N ARG B 340 8.62 29.27 7.46
CA ARG B 340 9.15 30.61 7.23
C ARG B 340 8.56 31.60 8.23
N MET B 341 7.42 31.21 8.79
CA MET B 341 6.74 32.02 9.77
C MET B 341 7.20 31.79 11.23
N GLY B 342 8.17 30.90 11.41
CA GLY B 342 8.68 30.63 12.75
C GLY B 342 8.36 29.23 13.29
N ALA B 343 7.55 28.46 12.56
CA ALA B 343 7.17 27.11 13.00
C ALA B 343 8.27 26.08 12.88
N HIS B 344 8.15 24.99 13.64
CA HIS B 344 9.12 23.90 13.59
C HIS B 344 8.48 22.55 13.33
N ALA B 345 8.94 21.88 12.29
CA ALA B 345 8.39 20.58 11.96
C ALA B 345 9.25 19.78 11.00
N GLU B 346 9.02 18.47 10.98
CA GLU B 346 9.72 17.55 10.09
C GLU B 346 8.67 16.72 9.33
N ILE B 347 8.85 16.64 8.01
CA ILE B 347 7.95 15.85 7.20
C ILE B 347 8.63 14.54 6.93
N GLU B 348 8.01 13.46 7.35
CA GLU B 348 8.52 12.11 7.18
C GLU B 348 7.46 11.25 6.53
N SER B 349 7.65 10.92 5.26
CA SER B 349 6.67 10.12 4.57
C SER B 349 5.30 10.82 4.45
N ASN B 350 4.25 10.17 4.89
CA ASN B 350 2.91 10.75 4.82
C ASN B 350 2.51 11.45 6.09
N THR B 351 3.48 11.83 6.91
CA THR B 351 3.17 12.47 8.18
C THR B 351 4.07 13.67 8.48
N VAL B 352 3.58 14.59 9.30
CA VAL B 352 4.37 15.74 9.67
C VAL B 352 4.45 15.82 11.20
N ILE B 353 5.67 15.85 11.71
CA ILE B 353 5.93 15.93 13.15
C ILE B 353 5.97 17.41 13.56
N CYS B 354 5.00 17.83 14.36
CA CYS B 354 4.92 19.22 14.79
C CYS B 354 5.49 19.55 16.15
N HIS B 355 6.30 20.60 16.22
CA HIS B 355 6.89 21.06 17.48
C HIS B 355 6.34 22.44 17.77
N GLY B 356 5.17 22.48 18.41
CA GLY B 356 4.53 23.74 18.70
C GLY B 356 5.32 24.87 19.34
N VAL B 357 5.26 26.05 18.73
CA VAL B 357 5.97 27.21 19.26
C VAL B 357 4.97 28.18 19.84
N GLU B 358 5.44 29.08 20.69
CA GLU B 358 4.55 30.07 21.30
C GLU B 358 4.08 31.19 20.39
N LYS B 359 4.98 31.66 19.54
CA LYS B 359 4.70 32.77 18.66
C LYS B 359 5.16 32.58 17.22
N LEU B 360 4.32 33.02 16.29
CA LEU B 360 4.67 33.01 14.86
C LEU B 360 5.04 34.43 14.44
N SER B 361 5.83 34.56 13.39
CA SER B 361 6.24 35.87 12.89
C SER B 361 5.82 36.15 11.47
N GLY B 362 5.37 37.38 11.23
CA GLY B 362 4.93 37.76 9.89
C GLY B 362 5.91 37.41 8.79
N ALA B 363 5.38 37.05 7.62
CA ALA B 363 6.23 36.71 6.47
C ALA B 363 5.39 36.76 5.19
N GLN B 364 6.06 36.67 4.05
CA GLN B 364 5.38 36.67 2.75
C GLN B 364 5.19 35.21 2.35
N VAL B 365 3.94 34.80 2.26
CA VAL B 365 3.64 33.39 1.96
C VAL B 365 2.63 33.14 0.85
N MET B 366 2.67 31.93 0.33
CA MET B 366 1.76 31.53 -0.74
C MET B 366 1.52 30.03 -0.80
N ALA B 367 0.26 29.63 -0.94
CA ALA B 367 -0.10 28.22 -1.08
C ALA B 367 -1.20 28.14 -2.13
N THR B 368 -1.11 27.16 -3.03
CA THR B 368 -2.11 27.02 -4.08
C THR B 368 -3.38 26.29 -3.65
N ASP B 369 -3.25 25.39 -2.69
CA ASP B 369 -4.39 24.65 -2.16
C ASP B 369 -5.35 25.55 -1.37
N LEU B 370 -6.63 25.39 -1.61
CA LEU B 370 -7.67 26.13 -0.90
C LEU B 370 -7.48 26.20 0.64
N ARG B 371 -7.42 25.03 1.26
CA ARG B 371 -7.27 24.90 2.71
C ARG B 371 -5.95 25.44 3.29
N ALA B 372 -4.84 25.15 2.61
CA ALA B 372 -3.53 25.63 3.05
C ALA B 372 -3.53 27.16 2.98
N SER B 373 -4.03 27.70 1.87
CA SER B 373 -4.11 29.15 1.72
C SER B 373 -4.87 29.82 2.86
N ALA B 374 -6.05 29.30 3.19
CA ALA B 374 -6.84 29.84 4.30
C ALA B 374 -6.08 29.65 5.62
N SER B 375 -5.38 28.53 5.77
CA SER B 375 -4.59 28.31 6.98
C SER B 375 -3.52 29.40 7.13
N LEU B 376 -2.99 29.86 6.01
CA LEU B 376 -2.00 30.91 6.02
C LEU B 376 -2.57 32.25 6.48
N VAL B 377 -3.79 32.52 6.05
CA VAL B 377 -4.44 33.76 6.46
C VAL B 377 -4.62 33.69 7.99
N LEU B 378 -5.02 32.53 8.49
CA LEU B 378 -5.18 32.32 9.94
C LEU B 378 -3.87 32.57 10.69
N ALA B 379 -2.78 31.96 10.21
CA ALA B 379 -1.47 32.13 10.82
C ALA B 379 -1.14 33.63 10.88
N GLY B 380 -1.38 34.33 9.78
CA GLY B 380 -1.14 35.78 9.75
C GLY B 380 -1.89 36.52 10.84
N CYS B 381 -3.13 36.10 11.14
CA CYS B 381 -3.90 36.74 12.20
C CYS B 381 -3.27 36.61 13.59
N ILE B 382 -2.63 35.48 13.88
CA ILE B 382 -2.00 35.29 15.18
C ILE B 382 -0.49 35.52 15.17
N ALA B 383 0.11 35.72 13.99
CA ALA B 383 1.55 35.96 13.93
C ALA B 383 1.87 37.42 14.24
N GLU B 384 3.09 37.65 14.71
CA GLU B 384 3.53 38.98 15.05
C GLU B 384 3.97 39.78 13.84
N GLY B 385 3.42 40.98 13.70
CA GLY B 385 3.82 41.80 12.57
C GLY B 385 2.94 41.63 11.35
N THR B 386 3.56 41.77 10.19
CA THR B 386 2.83 41.70 8.94
C THR B 386 3.08 40.47 8.08
N THR B 387 1.97 39.83 7.72
CA THR B 387 1.98 38.65 6.87
C THR B 387 1.31 39.04 5.54
N VAL B 388 1.82 38.53 4.43
CA VAL B 388 1.21 38.82 3.14
C VAL B 388 0.96 37.52 2.39
N VAL B 389 -0.30 37.10 2.34
CA VAL B 389 -0.68 35.87 1.64
C VAL B 389 -0.96 36.19 0.16
N ASP B 390 -0.25 35.53 -0.72
CA ASP B 390 -0.41 35.77 -2.14
C ASP B 390 -1.40 34.79 -2.79
N ARG B 391 -1.87 35.13 -3.99
CA ARG B 391 -2.78 34.27 -4.76
C ARG B 391 -4.06 33.81 -4.05
N ILE B 392 -4.69 34.74 -3.33
CA ILE B 392 -5.89 34.43 -2.60
C ILE B 392 -7.12 34.08 -3.44
N TYR B 393 -7.07 34.25 -4.75
CA TYR B 393 -8.22 33.87 -5.55
C TYR B 393 -8.60 32.43 -5.19
N HIS B 394 -7.61 31.66 -4.74
CA HIS B 394 -7.86 30.27 -4.33
C HIS B 394 -8.94 30.24 -3.24
N ILE B 395 -8.78 31.07 -2.22
CA ILE B 395 -9.73 31.17 -1.13
C ILE B 395 -11.06 31.72 -1.64
N ASP B 396 -11.01 32.74 -2.51
CA ASP B 396 -12.24 33.31 -3.06
C ASP B 396 -13.15 32.27 -3.66
N ARG B 397 -12.56 31.28 -4.32
CA ARG B 397 -13.34 30.21 -4.92
C ARG B 397 -14.12 29.28 -3.98
N GLY B 398 -13.61 29.09 -2.77
CA GLY B 398 -14.29 28.21 -1.83
C GLY B 398 -14.82 28.87 -0.56
N TYR B 399 -14.37 30.07 -0.27
CA TYR B 399 -14.83 30.79 0.92
C TYR B 399 -15.60 32.04 0.55
N GLU B 400 -16.84 32.11 1.01
CA GLU B 400 -17.66 33.26 0.75
C GLU B 400 -17.26 34.44 1.63
N ARG B 401 -16.56 35.42 1.05
CA ARG B 401 -16.19 36.60 1.83
C ARG B 401 -15.43 36.37 3.13
N ILE B 402 -14.35 35.58 3.05
CA ILE B 402 -13.58 35.29 4.22
C ILE B 402 -13.08 36.56 4.93
N GLU B 403 -12.64 37.57 4.18
CA GLU B 403 -12.15 38.79 4.80
C GLU B 403 -13.14 39.45 5.73
N ASP B 404 -14.39 39.52 5.28
CA ASP B 404 -15.46 40.11 6.04
C ASP B 404 -15.76 39.34 7.32
N LYS B 405 -15.79 38.01 7.19
CA LYS B 405 -16.05 37.15 8.34
C LYS B 405 -14.95 37.28 9.40
N LEU B 406 -13.70 37.29 8.94
CA LEU B 406 -12.53 37.44 9.83
C LEU B 406 -12.51 38.81 10.50
N ARG B 407 -12.74 39.85 9.69
CA ARG B 407 -12.79 41.23 10.20
C ARG B 407 -13.72 41.34 11.41
N ALA B 408 -14.95 40.85 11.26
CA ALA B 408 -15.93 40.88 12.36
C ALA B 408 -15.49 40.02 13.56
N LEU B 409 -14.42 39.25 13.37
CA LEU B 409 -13.89 38.44 14.47
C LEU B 409 -12.73 39.14 15.18
N GLY B 410 -12.35 40.31 14.67
CA GLY B 410 -11.27 41.08 15.28
C GLY B 410 -9.99 41.08 14.50
N ALA B 411 -10.01 40.60 13.28
CA ALA B 411 -8.81 40.54 12.44
C ALA B 411 -8.46 41.88 11.80
N ASN B 412 -7.17 42.05 11.55
CA ASN B 412 -6.66 43.24 10.89
C ASN B 412 -6.24 42.75 9.51
N ILE B 413 -7.11 42.90 8.53
CA ILE B 413 -6.84 42.39 7.20
C ILE B 413 -7.42 43.26 6.09
N GLU B 414 -6.67 43.37 5.02
CA GLU B 414 -7.10 44.17 3.89
C GLU B 414 -6.73 43.53 2.57
N ARG B 415 -7.59 43.69 1.59
CA ARG B 415 -7.35 43.14 0.27
C ARG B 415 -6.53 44.13 -0.54
N VAL B 416 -5.49 43.65 -1.20
CA VAL B 416 -4.64 44.53 -1.98
C VAL B 416 -4.52 44.08 -3.44
N LYS B 417 -4.82 44.99 -4.36
CA LYS B 417 -4.72 44.69 -5.79
C LYS B 417 -3.34 44.72 -6.44
N GLY B 418 -3.27 44.66 -7.75
CA GLY B 418 -1.98 44.76 -8.41
C GLY B 418 -0.95 43.70 -8.08
N GLU B 419 0.16 44.11 -7.49
CA GLU B 419 1.22 43.17 -7.20
C GLU B 419 1.23 42.03 -8.22
N MET C 1 -6.51 -36.43 17.66
CA MET C 1 -6.89 -35.70 16.40
C MET C 1 -8.34 -35.96 16.02
N ASP C 2 -9.25 -35.52 16.90
CA ASP C 2 -10.69 -35.67 16.70
C ASP C 2 -11.20 -35.03 15.41
N LYS C 3 -12.41 -35.35 15.05
CA LYS C 3 -13.03 -34.82 13.86
C LYS C 3 -14.54 -34.68 13.90
N PHE C 4 -15.08 -33.89 12.99
CA PHE C 4 -16.52 -33.68 12.93
C PHE C 4 -17.16 -34.41 11.74
N ARG C 5 -18.31 -35.03 11.96
CA ARG C 5 -19.06 -35.72 10.91
C ARG C 5 -20.47 -35.15 10.81
N VAL C 6 -20.77 -34.52 9.68
CA VAL C 6 -22.08 -33.89 9.52
C VAL C 6 -23.04 -34.44 8.49
N GLN C 7 -24.30 -34.51 8.88
CA GLN C 7 -25.39 -34.99 8.03
C GLN C 7 -26.32 -33.86 7.56
N GLY C 8 -26.28 -33.57 6.26
CA GLY C 8 -27.13 -32.52 5.71
C GLY C 8 -27.90 -32.97 4.48
N PRO C 9 -28.70 -32.07 3.90
CA PRO C 9 -28.88 -30.70 4.38
C PRO C 9 -29.82 -30.63 5.57
N THR C 10 -29.40 -29.91 6.60
CA THR C 10 -30.19 -29.74 7.80
C THR C 10 -30.44 -28.27 8.11
N ARG C 11 -31.69 -27.90 8.35
CA ARG C 11 -31.99 -26.52 8.70
C ARG C 11 -31.71 -26.18 10.18
N LEU C 12 -30.91 -25.14 10.39
CA LEU C 12 -30.53 -24.68 11.73
C LEU C 12 -31.47 -23.65 12.32
N GLN C 13 -32.15 -24.02 13.40
CA GLN C 13 -33.11 -23.10 14.01
C GLN C 13 -33.31 -23.22 15.51
N GLY C 14 -33.88 -22.19 16.11
CA GLY C 14 -34.14 -22.20 17.54
C GLY C 14 -33.32 -21.26 18.40
N GLU C 15 -32.69 -21.82 19.42
CA GLU C 15 -31.90 -21.02 20.34
C GLU C 15 -30.49 -21.44 20.62
N VAL C 16 -29.67 -20.46 20.95
CA VAL C 16 -28.29 -20.70 21.31
C VAL C 16 -27.95 -19.67 22.38
N THR C 17 -27.18 -20.10 23.37
CA THR C 17 -26.77 -19.17 24.42
C THR C 17 -25.29 -18.92 24.14
N ILE C 18 -24.95 -17.63 23.96
CA ILE C 18 -23.58 -17.20 23.64
C ILE C 18 -22.61 -17.19 24.83
N SER C 19 -21.43 -17.75 24.62
CA SER C 19 -20.36 -17.81 25.63
C SER C 19 -19.59 -16.48 25.78
N GLY C 20 -18.88 -16.31 26.90
CA GLY C 20 -18.11 -15.11 27.08
C GLY C 20 -16.95 -15.14 26.09
N ALA C 21 -16.50 -13.95 25.68
CA ALA C 21 -15.38 -13.81 24.75
C ALA C 21 -14.05 -14.15 25.41
N LYS C 22 -13.41 -15.17 24.86
CA LYS C 22 -12.10 -15.64 25.27
C LYS C 22 -11.17 -14.44 25.20
N ASN C 23 -11.37 -13.64 24.16
CA ASN C 23 -10.58 -12.44 23.94
C ASN C 23 -10.66 -11.29 24.93
N ALA C 24 -11.69 -11.31 25.78
CA ALA C 24 -11.85 -10.29 26.81
C ALA C 24 -11.42 -10.94 28.15
N ALA C 25 -11.78 -12.21 28.33
CA ALA C 25 -11.42 -12.94 29.55
C ALA C 25 -9.90 -12.96 29.74
N LEU C 26 -9.16 -13.26 28.66
CA LEU C 26 -7.70 -13.27 28.74
C LEU C 26 -7.03 -12.04 29.37
N PRO C 27 -7.19 -10.84 28.75
CA PRO C 27 -6.60 -9.62 29.28
C PRO C 27 -7.12 -9.29 30.68
N ILE C 28 -8.39 -9.61 30.94
CA ILE C 28 -8.99 -9.37 32.24
C ILE C 28 -8.31 -10.30 33.28
N LEU C 29 -8.12 -11.58 32.94
CA LEU C 29 -7.44 -12.51 33.86
C LEU C 29 -6.05 -11.98 34.24
N PHE C 30 -5.33 -11.40 33.27
CA PHE C 30 -4.02 -10.84 33.56
C PHE C 30 -4.09 -9.54 34.36
N ALA C 31 -5.04 -8.69 34.02
CA ALA C 31 -5.20 -7.43 34.72
C ALA C 31 -5.52 -7.68 36.22
N ALA C 32 -6.16 -8.80 36.50
CA ALA C 32 -6.52 -9.14 37.87
C ALA C 32 -5.28 -9.25 38.77
N LEU C 33 -4.11 -9.38 38.14
CA LEU C 33 -2.84 -9.43 38.87
C LEU C 33 -2.65 -8.15 39.69
N LEU C 34 -3.31 -7.08 39.24
CA LEU C 34 -3.26 -5.76 39.87
C LEU C 34 -4.16 -5.65 41.13
N ALA C 35 -5.09 -6.60 41.28
CA ALA C 35 -6.05 -6.57 42.40
C ALA C 35 -5.52 -6.91 43.79
N GLU C 36 -5.79 -6.04 44.74
CA GLU C 36 -5.39 -6.27 46.13
C GLU C 36 -6.38 -7.07 46.97
N GLU C 37 -7.55 -7.34 46.39
CA GLU C 37 -8.61 -8.12 47.03
C GLU C 37 -9.05 -9.18 46.03
N PRO C 38 -9.76 -10.23 46.50
CA PRO C 38 -10.22 -11.31 45.63
C PRO C 38 -11.11 -10.81 44.50
N VAL C 39 -11.05 -11.50 43.39
CA VAL C 39 -11.80 -11.12 42.23
C VAL C 39 -12.47 -12.37 41.66
N GLU C 40 -13.73 -12.22 41.30
CA GLU C 40 -14.48 -13.30 40.69
C GLU C 40 -14.81 -12.84 39.28
N ILE C 41 -14.30 -13.55 38.28
CA ILE C 41 -14.56 -13.19 36.88
C ILE C 41 -15.61 -14.16 36.37
N GLN C 42 -16.79 -13.65 36.07
CA GLN C 42 -17.91 -14.48 35.59
C GLN C 42 -17.98 -14.65 34.07
N ASN C 43 -18.66 -15.71 33.64
CA ASN C 43 -18.84 -15.91 32.21
C ASN C 43 -17.55 -16.16 31.40
N VAL C 44 -16.64 -16.94 31.97
CA VAL C 44 -15.38 -17.28 31.31
C VAL C 44 -15.58 -18.64 30.63
N PRO C 45 -15.37 -18.71 29.31
CA PRO C 45 -15.54 -19.96 28.56
C PRO C 45 -14.48 -21.00 28.95
N LYS C 46 -14.83 -22.28 28.83
CA LYS C 46 -13.92 -23.37 29.16
C LYS C 46 -13.08 -23.72 27.95
N LEU C 47 -11.98 -22.98 27.78
CA LEU C 47 -11.06 -23.13 26.65
C LEU C 47 -9.60 -23.33 27.07
N LYS C 48 -8.81 -23.89 26.16
CA LYS C 48 -7.40 -24.14 26.42
C LYS C 48 -6.61 -22.95 26.99
N ASP C 49 -6.71 -21.81 26.31
CA ASP C 49 -6.02 -20.58 26.74
C ASP C 49 -6.31 -20.18 28.18
N ILE C 50 -7.54 -20.43 28.63
CA ILE C 50 -7.93 -20.13 30.00
C ILE C 50 -7.18 -21.10 30.94
N ASP C 51 -7.08 -22.37 30.56
CA ASP C 51 -6.33 -23.32 31.38
C ASP C 51 -4.89 -22.84 31.54
N THR C 52 -4.27 -22.49 30.41
CA THR C 52 -2.88 -22.02 30.39
C THR C 52 -2.67 -20.77 31.21
N THR C 53 -3.62 -19.84 31.12
CA THR C 53 -3.54 -18.61 31.89
C THR C 53 -3.62 -18.98 33.36
N MET C 54 -4.47 -19.95 33.68
CA MET C 54 -4.56 -20.41 35.07
C MET C 54 -3.21 -20.96 35.54
N LYS C 55 -2.67 -21.92 34.77
CA LYS C 55 -1.36 -22.54 35.11
C LYS C 55 -0.34 -21.44 35.35
N LEU C 56 -0.37 -20.48 34.44
CA LEU C 56 0.53 -19.35 34.49
C LEU C 56 0.40 -18.54 35.78
N LEU C 57 -0.84 -18.17 36.14
CA LEU C 57 -1.07 -17.40 37.37
C LEU C 57 -0.64 -18.19 38.64
N THR C 58 -1.10 -19.44 38.73
CA THR C 58 -0.75 -20.31 39.84
C THR C 58 0.78 -20.28 40.04
N GLN C 59 1.53 -20.54 38.97
CA GLN C 59 2.97 -20.52 39.07
C GLN C 59 3.67 -19.23 39.45
N LEU C 60 2.88 -18.17 39.59
CA LEU C 60 3.37 -16.87 40.01
C LEU C 60 3.13 -16.75 41.51
N GLY C 61 2.29 -17.65 42.02
CA GLY C 61 1.94 -17.66 43.43
C GLY C 61 0.50 -17.18 43.63
N THR C 62 -0.28 -17.17 42.56
CA THR C 62 -1.67 -16.73 42.63
C THR C 62 -2.53 -17.88 43.09
N LYS C 63 -3.53 -17.58 43.92
CA LYS C 63 -4.49 -18.60 44.34
C LYS C 63 -5.57 -18.53 43.23
N VAL C 64 -5.72 -19.60 42.47
CA VAL C 64 -6.66 -19.60 41.36
C VAL C 64 -7.51 -20.84 41.23
N GLU C 65 -8.78 -20.64 40.93
CA GLU C 65 -9.71 -21.72 40.69
C GLU C 65 -10.80 -21.41 39.64
N ARG C 66 -11.53 -22.41 39.19
CA ARG C 66 -12.61 -22.20 38.23
C ARG C 66 -13.70 -23.26 38.34
N IAS C 67 -14.82 -23.03 37.66
CA IAS C 67 -15.95 -23.97 37.65
C IAS C 67 -15.77 -25.09 36.62
O IAS C 67 -14.78 -25.05 35.84
CB IAS C 67 -17.32 -23.31 37.58
CG IAS C 67 -17.46 -22.39 36.36
OD1 IAS C 67 -16.57 -22.33 35.53
OXT IAS C 67 -16.63 -25.99 36.59
N GLY C 68 -18.59 -21.71 36.24
CA GLY C 68 -18.78 -20.81 35.13
C GLY C 68 -17.84 -19.64 35.31
N SER C 69 -17.32 -19.50 36.53
CA SER C 69 -16.39 -18.43 36.83
C SER C 69 -14.94 -18.80 37.13
N VAL C 70 -14.09 -17.78 37.15
CA VAL C 70 -12.71 -18.00 37.50
C VAL C 70 -12.50 -17.10 38.70
N TRP C 71 -11.98 -17.66 39.79
CA TRP C 71 -11.72 -16.90 41.01
C TRP C 71 -10.23 -16.62 41.13
N ILE C 72 -9.86 -15.35 41.31
CA ILE C 72 -8.46 -14.98 41.44
C ILE C 72 -8.15 -14.25 42.74
N ASP C 73 -7.08 -14.70 43.42
CA ASP C 73 -6.63 -14.09 44.67
C ASP C 73 -5.10 -13.93 44.60
N ALA C 74 -4.65 -12.73 44.26
CA ALA C 74 -3.22 -12.44 44.10
C ALA C 74 -2.54 -12.01 45.39
N SER C 75 -2.99 -12.57 46.51
CA SER C 75 -2.44 -12.23 47.82
C SER C 75 -0.98 -12.59 48.00
N ASN C 76 -0.69 -13.84 47.66
CA ASN C 76 0.62 -14.44 47.80
C ASN C 76 1.50 -14.53 46.57
N VAL C 77 1.32 -13.61 45.62
CA VAL C 77 2.12 -13.63 44.41
C VAL C 77 3.56 -13.28 44.82
N ASN C 78 4.44 -14.27 44.70
CA ASN C 78 5.84 -14.13 45.06
C ASN C 78 6.83 -14.42 43.94
N ASN C 79 6.33 -14.98 42.84
CA ASN C 79 7.15 -15.32 41.67
C ASN C 79 6.81 -14.40 40.49
N PHE C 80 7.82 -13.82 39.85
CA PHE C 80 7.57 -12.88 38.77
C PHE C 80 7.84 -13.30 37.32
N SER C 81 7.79 -14.59 37.06
CA SER C 81 8.11 -15.07 35.74
C SER C 81 7.21 -16.05 35.01
N ALA C 82 6.91 -15.73 33.75
CA ALA C 82 6.10 -16.61 32.92
C ALA C 82 7.11 -17.38 32.04
N PRO C 83 7.37 -18.66 32.37
CA PRO C 83 8.32 -19.52 31.65
C PRO C 83 7.96 -19.93 30.22
N TYR C 84 9.00 -20.26 29.46
CA TYR C 84 8.87 -20.65 28.07
C TYR C 84 7.78 -21.66 27.65
N ASP C 85 7.52 -22.64 28.51
CA ASP C 85 6.49 -23.62 28.20
C ASP C 85 5.12 -22.97 28.02
N LEU C 86 4.79 -22.07 28.95
CA LEU C 86 3.52 -21.35 28.92
C LEU C 86 3.35 -20.43 27.72
N VAL C 87 4.37 -19.63 27.46
CA VAL C 87 4.32 -18.68 26.36
C VAL C 87 4.37 -19.30 24.98
N LYS C 88 5.05 -20.43 24.83
CA LYS C 88 5.14 -21.08 23.53
C LYS C 88 3.76 -21.45 23.02
N THR C 89 2.92 -21.89 23.94
CA THR C 89 1.56 -22.30 23.62
C THR C 89 0.57 -21.12 23.65
N MET C 90 0.97 -20.01 24.25
CA MET C 90 0.08 -18.86 24.36
C MET C 90 0.71 -17.47 24.25
N ARG C 91 0.73 -16.91 23.08
CA ARG C 91 1.32 -15.61 22.90
C ARG C 91 0.72 -14.50 23.79
N ALA C 92 -0.52 -14.65 24.19
CA ALA C 92 -1.17 -13.73 25.09
C ALA C 92 -0.47 -13.70 26.47
N SER C 93 0.46 -14.64 26.70
CA SER C 93 1.23 -14.70 27.94
C SER C 93 1.90 -13.36 28.21
N ILE C 94 2.19 -12.65 27.12
CA ILE C 94 2.85 -11.36 27.22
C ILE C 94 2.04 -10.43 28.13
N TRP C 95 0.75 -10.72 28.31
CA TRP C 95 -0.09 -9.89 29.17
C TRP C 95 0.24 -9.82 30.66
N ALA C 96 1.05 -10.75 31.13
CA ALA C 96 1.49 -10.79 32.53
C ALA C 96 2.56 -9.73 32.77
N LEU C 97 3.24 -9.31 31.71
CA LEU C 97 4.31 -8.31 31.83
C LEU C 97 3.97 -6.96 32.48
N GLY C 98 2.99 -6.27 31.91
CA GLY C 98 2.60 -4.97 32.43
C GLY C 98 2.08 -4.98 33.85
N PRO C 99 1.10 -5.86 34.16
CA PRO C 99 0.57 -5.90 35.52
C PRO C 99 1.68 -6.18 36.54
N LEU C 100 2.54 -7.15 36.25
CA LEU C 100 3.66 -7.47 37.12
C LEU C 100 4.52 -6.28 37.53
N VAL C 101 5.05 -5.56 36.53
CA VAL C 101 5.89 -4.41 36.81
C VAL C 101 5.11 -3.25 37.43
N ALA C 102 3.86 -3.09 37.04
CA ALA C 102 3.04 -2.00 37.57
C ALA C 102 2.73 -2.18 39.06
N ARG C 103 2.38 -3.41 39.43
CA ARG C 103 2.05 -3.73 40.82
C ARG C 103 3.19 -4.16 41.75
N PHE C 104 4.05 -5.04 41.25
CA PHE C 104 5.19 -5.52 42.00
C PHE C 104 6.54 -4.85 41.76
N GLY C 105 6.66 -4.08 40.70
CA GLY C 105 7.93 -3.43 40.39
C GLY C 105 8.81 -4.28 39.48
N GLN C 106 8.41 -5.52 39.27
CA GLN C 106 9.19 -6.41 38.43
C GLN C 106 8.38 -7.45 37.71
N GLY C 107 8.86 -7.86 36.55
CA GLY C 107 8.16 -8.87 35.79
C GLY C 107 8.99 -9.37 34.64
N GLN C 108 8.85 -10.64 34.33
CA GLN C 108 9.57 -11.25 33.23
C GLN C 108 8.83 -12.33 32.47
N VAL C 109 8.66 -12.12 31.18
CA VAL C 109 7.96 -13.09 30.34
C VAL C 109 8.90 -13.69 29.29
N SER C 110 8.82 -14.99 29.09
CA SER C 110 9.63 -15.68 28.10
C SER C 110 9.35 -15.30 26.65
N LEU C 111 10.37 -15.31 25.82
CA LEU C 111 10.20 -14.99 24.40
C LEU C 111 10.52 -16.10 23.42
N PRO C 112 9.57 -16.41 22.51
CA PRO C 112 9.76 -17.45 21.50
C PRO C 112 10.90 -17.08 20.57
N GLY C 113 11.38 -18.05 19.80
CA GLY C 113 12.48 -17.77 18.88
C GLY C 113 11.91 -17.12 17.64
N GLY C 114 12.54 -16.03 17.18
CA GLY C 114 12.09 -15.34 15.99
C GLY C 114 12.07 -16.29 14.83
N ASP C 115 12.51 -17.53 15.13
CA ASP C 115 12.59 -18.64 14.18
C ASP C 115 11.63 -19.83 14.40
N ALA C 116 10.81 -19.75 15.46
CA ALA C 116 9.84 -20.79 15.78
C ALA C 116 8.43 -20.21 16.09
N ILE C 117 7.42 -21.08 16.10
CA ILE C 117 6.03 -20.68 16.35
C ILE C 117 5.77 -20.14 17.77
N GLY C 118 5.29 -18.90 17.86
CA GLY C 118 5.02 -18.32 19.17
C GLY C 118 4.35 -16.95 19.15
N ALA C 119 5.16 -15.89 19.12
CA ALA C 119 4.66 -14.52 19.11
C ALA C 119 5.48 -13.63 18.16
N ARG C 120 6.22 -12.67 18.72
CA ARG C 120 7.08 -11.75 17.96
C ARG C 120 6.76 -10.25 17.88
N PRO C 121 5.46 -9.90 17.88
CA PRO C 121 5.06 -8.49 17.81
C PRO C 121 5.01 -7.89 19.22
N VAL C 122 5.80 -8.46 20.13
CA VAL C 122 5.82 -7.96 21.50
C VAL C 122 6.63 -6.67 21.54
N ASP C 123 7.13 -6.24 20.38
CA ASP C 123 7.89 -5.03 20.33
C ASP C 123 7.09 -3.81 20.80
N LEU C 124 5.79 -3.81 20.49
CA LEU C 124 4.90 -2.74 20.88
C LEU C 124 4.71 -2.70 22.38
N HIS C 125 4.65 -3.89 22.98
CA HIS C 125 4.50 -4.01 24.44
C HIS C 125 5.72 -3.45 25.20
N ILE C 126 6.90 -3.83 24.73
CA ILE C 126 8.16 -3.41 25.35
C ILE C 126 8.27 -1.90 25.32
N PHE C 127 8.09 -1.33 24.14
CA PHE C 127 8.17 0.11 23.98
C PHE C 127 7.13 0.88 24.76
N GLY C 128 5.92 0.34 24.82
CA GLY C 128 4.89 1.02 25.61
C GLY C 128 5.32 1.09 27.07
N LEU C 129 5.78 -0.02 27.64
CA LEU C 129 6.22 -0.05 29.03
C LEU C 129 7.37 0.89 29.28
N GLU C 130 8.26 0.95 28.31
CA GLU C 130 9.41 1.82 28.36
C GLU C 130 8.95 3.28 28.45
N LYS C 131 7.88 3.61 27.74
CA LYS C 131 7.35 4.97 27.78
C LYS C 131 6.86 5.31 29.19
N LEU C 132 6.46 4.28 29.93
CA LEU C 132 5.97 4.40 31.29
C LEU C 132 7.06 4.44 32.37
N GLY C 133 8.32 4.51 31.93
CA GLY C 133 9.42 4.57 32.88
C GLY C 133 10.03 3.24 33.25
N ALA C 134 9.62 2.15 32.60
CA ALA C 134 10.17 0.85 32.94
C ALA C 134 11.56 0.67 32.37
N GLU C 135 12.36 -0.13 33.05
CA GLU C 135 13.70 -0.49 32.61
C GLU C 135 13.48 -1.81 31.88
N ILE C 136 13.90 -1.89 30.62
CA ILE C 136 13.71 -3.13 29.88
C ILE C 136 15.02 -3.90 29.70
N LYS C 137 14.99 -5.21 29.89
CA LYS C 137 16.15 -6.07 29.70
C LYS C 137 15.77 -7.24 28.81
N LEU C 138 16.57 -7.48 27.77
CA LEU C 138 16.39 -8.60 26.84
C LEU C 138 17.61 -9.49 27.06
N GLU C 139 17.40 -10.57 27.81
CA GLU C 139 18.46 -11.50 28.16
C GLU C 139 17.93 -12.88 28.49
N GLU C 140 18.69 -13.90 28.12
CA GLU C 140 18.27 -15.27 28.42
C GLU C 140 16.96 -15.73 27.78
N GLY C 141 16.60 -15.09 26.67
CA GLY C 141 15.36 -15.43 25.96
C GLY C 141 14.13 -14.83 26.59
N TYR C 142 14.33 -13.91 27.54
CA TYR C 142 13.26 -13.23 28.25
C TYR C 142 13.22 -11.76 27.94
N VAL C 143 12.11 -11.13 28.28
CA VAL C 143 12.03 -9.70 28.19
C VAL C 143 11.75 -9.38 29.65
N LYS C 144 12.61 -8.60 30.27
CA LYS C 144 12.41 -8.23 31.67
C LYS C 144 12.01 -6.78 31.86
N ALA C 145 11.09 -6.52 32.78
CA ALA C 145 10.66 -5.17 33.05
C ALA C 145 10.73 -4.92 34.53
N SER C 146 11.26 -3.75 34.88
CA SER C 146 11.38 -3.38 36.27
C SER C 146 11.36 -1.88 36.41
N VAL C 147 10.91 -1.42 37.58
CA VAL C 147 10.86 0.02 37.84
C VAL C 147 11.14 0.34 39.32
N ASN C 148 11.75 1.50 39.56
CA ASN C 148 12.05 2.02 40.91
C ASN C 148 10.74 2.60 41.47
N GLY C 149 9.99 1.82 42.24
CA GLY C 149 8.73 2.34 42.75
C GLY C 149 7.56 2.25 41.77
N ARG C 150 6.89 3.38 41.53
CA ARG C 150 5.74 3.42 40.60
C ARG C 150 6.07 3.73 39.14
N LEU C 151 5.23 3.24 38.22
CA LEU C 151 5.41 3.57 36.81
C LEU C 151 5.03 5.05 36.71
N LYS C 152 5.43 5.69 35.61
CA LYS C 152 5.16 7.11 35.37
C LYS C 152 4.24 7.40 34.18
N GLY C 153 3.15 8.12 34.41
CA GLY C 153 2.24 8.46 33.34
C GLY C 153 2.92 9.11 32.14
N ALA C 154 2.46 8.78 30.94
CA ALA C 154 3.04 9.35 29.75
C ALA C 154 2.01 9.51 28.64
N HIS C 155 2.32 10.40 27.69
CA HIS C 155 1.49 10.67 26.51
C HIS C 155 2.13 9.77 25.44
N ILE C 156 1.41 8.74 25.02
CA ILE C 156 1.95 7.80 24.07
C ILE C 156 1.26 7.77 22.70
N VAL C 157 2.06 7.87 21.64
CA VAL C 157 1.51 7.83 20.28
C VAL C 157 1.74 6.45 19.69
N MET C 158 0.66 5.73 19.46
CA MET C 158 0.74 4.41 18.88
C MET C 158 1.02 4.46 17.39
N ASP C 159 2.09 3.79 16.95
CA ASP C 159 2.42 3.76 15.54
C ASP C 159 1.41 3.04 14.67
N LYS C 160 1.06 1.85 15.14
CA LYS C 160 0.06 1.04 14.47
C LYS C 160 -0.93 0.66 15.55
N VAL C 161 -2.19 0.47 15.16
CA VAL C 161 -3.22 0.09 16.11
C VAL C 161 -2.97 -1.35 16.57
N SER C 162 -2.76 -1.51 17.87
CA SER C 162 -2.49 -2.81 18.49
C SER C 162 -3.34 -3.15 19.69
N VAL C 163 -4.16 -4.19 19.55
CA VAL C 163 -5.02 -4.65 20.63
C VAL C 163 -4.15 -5.07 21.82
N GLY C 164 -3.16 -5.92 21.60
CA GLY C 164 -2.31 -6.36 22.70
C GLY C 164 -1.60 -5.21 23.41
N ALA C 165 -0.90 -4.39 22.62
CA ALA C 165 -0.18 -3.25 23.19
C ALA C 165 -1.09 -2.26 23.90
N THR C 166 -2.31 -2.09 23.40
CA THR C 166 -3.23 -1.16 24.03
C THR C 166 -3.60 -1.66 25.41
N VAL C 167 -3.81 -2.97 25.54
CA VAL C 167 -4.14 -3.56 26.85
C VAL C 167 -2.97 -3.48 27.83
N THR C 168 -1.77 -3.82 27.35
CA THR C 168 -0.58 -3.78 28.21
C THR C 168 -0.40 -2.36 28.76
N ILE C 169 -0.42 -1.38 27.87
CA ILE C 169 -0.25 0.01 28.27
C ILE C 169 -1.35 0.50 29.22
N MET C 170 -2.60 0.33 28.80
CA MET C 170 -3.75 0.74 29.60
C MET C 170 -3.75 0.13 31.01
N SER C 171 -3.55 -1.19 31.08
CA SER C 171 -3.50 -1.93 32.36
C SER C 171 -2.42 -1.42 33.30
N ALA C 172 -1.20 -1.30 32.78
CA ALA C 172 -0.09 -0.84 33.59
C ALA C 172 -0.28 0.60 34.06
N ALA C 173 -0.83 1.47 33.20
CA ALA C 173 -1.01 2.89 33.58
C ALA C 173 -1.98 3.10 34.74
N THR C 174 -2.79 2.09 35.06
CA THR C 174 -3.73 2.27 36.15
C THR C 174 -3.08 2.43 37.51
N LEU C 175 -1.84 1.95 37.64
CA LEU C 175 -1.09 2.07 38.91
C LEU C 175 0.01 3.09 38.78
N ALA C 176 0.11 3.72 37.62
CA ALA C 176 1.18 4.69 37.46
C ALA C 176 0.89 6.00 38.16
N GLU C 177 1.96 6.73 38.39
CA GLU C 177 1.90 8.05 38.98
C GLU C 177 1.55 9.01 37.84
N GLY C 178 0.43 9.73 37.96
CA GLY C 178 0.06 10.68 36.93
C GLY C 178 -0.88 10.17 35.86
N THR C 179 -1.03 10.98 34.80
CA THR C 179 -1.93 10.66 33.71
C THR C 179 -1.24 10.09 32.45
N THR C 180 -1.84 9.04 31.89
CA THR C 180 -1.34 8.40 30.67
C THR C 180 -2.39 8.59 29.58
N ILE C 181 -1.96 8.85 28.36
CA ILE C 181 -2.88 9.03 27.23
C ILE C 181 -2.35 8.19 26.08
N ILE C 182 -3.22 7.37 25.51
CA ILE C 182 -2.87 6.49 24.39
C ILE C 182 -3.54 6.95 23.11
N GLU C 183 -2.73 7.46 22.17
CA GLU C 183 -3.19 7.93 20.86
C GLU C 183 -3.24 6.74 19.91
N ASN C 184 -4.23 6.71 19.02
CA ASN C 184 -4.38 5.58 18.10
C ASN C 184 -4.66 4.26 18.80
N ALA C 185 -5.39 4.30 19.91
CA ALA C 185 -5.71 3.08 20.66
C ALA C 185 -6.63 2.17 19.88
N ALA C 186 -6.47 0.87 20.09
CA ALA C 186 -7.32 -0.12 19.45
C ALA C 186 -8.74 0.11 20.01
N ARG C 187 -9.76 -0.08 19.17
CA ARG C 187 -11.16 0.14 19.59
C ARG C 187 -12.01 -1.07 20.00
N GLU C 188 -11.48 -2.28 19.76
CA GLU C 188 -12.18 -3.54 20.08
C GLU C 188 -13.06 -3.60 21.34
N PRO C 189 -14.22 -4.26 21.26
CA PRO C 189 -15.08 -4.33 22.46
C PRO C 189 -14.32 -4.99 23.60
N GLU C 190 -13.42 -5.92 23.26
CA GLU C 190 -12.60 -6.59 24.26
C GLU C 190 -11.74 -5.62 25.09
N ILE C 191 -11.33 -4.50 24.47
CA ILE C 191 -10.56 -3.46 25.13
C ILE C 191 -11.50 -2.67 26.10
N VAL C 192 -12.73 -2.43 25.64
CA VAL C 192 -13.73 -1.72 26.43
C VAL C 192 -14.03 -2.54 27.67
N ASP C 193 -14.13 -3.85 27.48
CA ASP C 193 -14.42 -4.77 28.56
C ASP C 193 -13.29 -4.78 29.59
N THR C 194 -12.05 -4.76 29.12
CA THR C 194 -10.88 -4.74 30.01
C THR C 194 -10.84 -3.41 30.78
N ALA C 195 -11.09 -2.31 30.09
CA ALA C 195 -11.11 -1.00 30.73
C ALA C 195 -12.20 -0.99 31.82
N ASN C 196 -13.41 -1.47 31.47
CA ASN C 196 -14.54 -1.53 32.42
C ASN C 196 -14.23 -2.39 33.64
N PHE C 197 -13.47 -3.46 33.40
CA PHE C 197 -13.04 -4.33 34.50
C PHE C 197 -12.12 -3.52 35.41
N LEU C 198 -11.14 -2.84 34.80
CA LEU C 198 -10.21 -2.02 35.56
C LEU C 198 -10.93 -0.96 36.39
N VAL C 199 -11.91 -0.27 35.78
CA VAL C 199 -12.66 0.76 36.48
C VAL C 199 -13.43 0.14 37.65
N ALA C 200 -13.97 -1.06 37.48
CA ALA C 200 -14.71 -1.71 38.55
C ALA C 200 -13.79 -1.97 39.77
N LEU C 201 -12.48 -2.10 39.50
CA LEU C 201 -11.48 -2.32 40.53
C LEU C 201 -11.06 -1.02 41.19
N GLY C 202 -11.51 0.08 40.61
CA GLY C 202 -11.14 1.39 41.13
C GLY C 202 -10.25 2.22 40.23
N ALA C 203 -9.96 1.76 39.01
CA ALA C 203 -9.10 2.55 38.12
C ALA C 203 -9.87 3.74 37.53
N LYS C 204 -9.14 4.69 36.98
CA LYS C 204 -9.76 5.86 36.37
C LYS C 204 -9.41 5.86 34.87
N ILE C 205 -10.38 5.42 34.07
CA ILE C 205 -10.19 5.30 32.63
C ILE C 205 -11.33 5.87 31.82
N SER C 206 -11.01 6.52 30.72
CA SER C 206 -12.00 7.10 29.83
C SER C 206 -11.57 7.04 28.37
N GLY C 207 -12.54 7.05 27.47
CA GLY C 207 -12.22 6.99 26.06
C GLY C 207 -12.10 5.59 25.51
N GLN C 208 -12.24 4.57 26.35
CA GLN C 208 -12.18 3.17 25.87
C GLN C 208 -13.23 2.97 24.77
N GLY C 209 -12.83 2.38 23.64
CA GLY C 209 -13.78 2.20 22.55
C GLY C 209 -13.53 3.24 21.46
N THR C 210 -12.80 4.31 21.80
CA THR C 210 -12.47 5.34 20.83
C THR C 210 -10.97 5.24 20.57
N ASP C 211 -10.48 6.05 19.65
CA ASP C 211 -9.07 6.05 19.33
C ASP C 211 -8.14 6.72 20.35
N ARG C 212 -8.72 7.20 21.45
CA ARG C 212 -7.96 7.91 22.47
C ARG C 212 -8.35 7.55 23.89
N ILE C 213 -7.44 6.88 24.60
CA ILE C 213 -7.73 6.46 25.95
C ILE C 213 -6.91 7.27 26.95
N THR C 214 -7.55 7.66 28.06
CA THR C 214 -6.93 8.44 29.13
C THR C 214 -7.03 7.66 30.44
N ILE C 215 -5.90 7.49 31.11
CA ILE C 215 -5.90 6.78 32.38
C ILE C 215 -5.25 7.67 33.44
N GLU C 216 -5.95 7.86 34.56
CA GLU C 216 -5.41 8.63 35.68
C GLU C 216 -5.00 7.59 36.68
N GLY C 217 -3.71 7.53 36.99
CA GLY C 217 -3.23 6.52 37.92
C GLY C 217 -3.75 6.65 39.34
N VAL C 218 -3.95 5.52 40.01
CA VAL C 218 -4.42 5.52 41.40
C VAL C 218 -3.48 4.68 42.25
N GLU C 219 -3.52 4.88 43.55
CA GLU C 219 -2.63 4.15 44.45
C GLU C 219 -2.71 2.65 44.32
N ARG C 220 -3.93 2.12 44.45
CA ARG C 220 -4.16 0.69 44.41
C ARG C 220 -5.52 0.29 43.88
N LEU C 221 -5.59 -0.96 43.48
CA LEU C 221 -6.82 -1.51 42.97
C LEU C 221 -7.41 -2.51 43.95
N GLY C 222 -8.73 -2.44 44.14
CA GLY C 222 -9.42 -3.34 45.05
C GLY C 222 -9.77 -4.67 44.42
N GLY C 223 -11.01 -5.12 44.61
CA GLY C 223 -11.42 -6.39 44.07
C GLY C 223 -12.87 -6.34 43.67
N GLY C 224 -13.51 -7.50 43.51
CA GLY C 224 -14.91 -7.53 43.13
C GLY C 224 -15.34 -8.67 42.23
N VAL C 225 -16.51 -8.51 41.65
CA VAL C 225 -17.11 -9.47 40.76
C VAL C 225 -17.32 -8.81 39.41
N TYR C 226 -16.87 -9.46 38.35
CA TYR C 226 -16.98 -8.93 36.99
C TYR C 226 -17.38 -9.97 35.94
N ARG C 227 -18.39 -9.64 35.15
CA ARG C 227 -18.92 -10.50 34.10
C ARG C 227 -18.35 -10.22 32.73
N VAL C 228 -17.65 -11.18 32.15
CA VAL C 228 -17.04 -11.02 30.83
C VAL C 228 -18.06 -10.88 29.71
N LEU C 229 -17.90 -9.86 28.87
CA LEU C 229 -18.82 -9.65 27.75
C LEU C 229 -18.99 -10.86 26.81
N PRO C 230 -20.11 -10.93 26.08
CA PRO C 230 -20.36 -12.04 25.14
C PRO C 230 -19.33 -12.07 23.99
N ASP C 231 -19.08 -13.26 23.48
CA ASP C 231 -18.17 -13.48 22.36
C ASP C 231 -18.93 -13.03 21.11
N ARG C 232 -18.55 -11.88 20.55
CA ARG C 232 -19.21 -11.34 19.35
C ARG C 232 -19.02 -12.20 18.10
N ILE C 233 -17.88 -12.86 18.00
CA ILE C 233 -17.59 -13.68 16.82
C ILE C 233 -18.39 -14.97 16.89
N GLU C 234 -18.58 -15.51 18.09
CA GLU C 234 -19.39 -16.70 18.23
C GLU C 234 -20.82 -16.35 17.81
N THR C 235 -21.31 -15.19 18.27
CA THR C 235 -22.65 -14.76 17.95
C THR C 235 -22.82 -14.62 16.44
N GLY C 236 -21.82 -14.06 15.78
CA GLY C 236 -21.88 -13.89 14.34
C GLY C 236 -21.90 -15.24 13.63
N THR C 237 -21.15 -16.18 14.16
CA THR C 237 -21.09 -17.52 13.60
C THR C 237 -22.46 -18.22 13.66
N PHE C 238 -23.20 -18.07 14.76
CA PHE C 238 -24.53 -18.65 14.87
C PHE C 238 -25.59 -17.92 14.05
N LEU C 239 -25.37 -16.62 13.84
CA LEU C 239 -26.28 -15.83 13.03
C LEU C 239 -26.23 -16.33 11.58
N VAL C 240 -25.01 -16.48 11.08
CA VAL C 240 -24.80 -16.96 9.72
C VAL C 240 -25.43 -18.37 9.54
N ALA C 241 -25.26 -19.21 10.56
CA ALA C 241 -25.79 -20.58 10.56
C ALA C 241 -27.27 -20.55 10.18
N ALA C 242 -28.03 -19.67 10.81
CA ALA C 242 -29.45 -19.55 10.52
C ALA C 242 -29.68 -18.86 9.17
N ALA C 243 -28.84 -17.88 8.84
CA ALA C 243 -28.96 -17.14 7.60
C ALA C 243 -28.73 -17.97 6.36
N ILE C 244 -27.83 -18.95 6.45
CA ILE C 244 -27.57 -19.77 5.27
C ILE C 244 -28.49 -21.00 5.21
N SER C 245 -29.55 -21.04 6.03
CA SER C 245 -30.43 -22.21 6.06
C SER C 245 -31.94 -22.03 6.25
N GLY C 246 -32.45 -20.83 5.94
CA GLY C 246 -33.86 -20.57 6.08
C GLY C 246 -34.38 -20.55 7.51
N GLY C 247 -33.48 -20.72 8.46
CA GLY C 247 -33.92 -20.76 9.83
C GLY C 247 -34.17 -19.47 10.58
N LYS C 248 -34.58 -19.66 11.82
CA LYS C 248 -34.80 -18.58 12.75
C LYS C 248 -34.06 -18.93 14.03
N ILE C 249 -33.19 -18.03 14.47
CA ILE C 249 -32.45 -18.27 15.68
C ILE C 249 -32.51 -17.04 16.57
N VAL C 250 -32.42 -17.27 17.86
CA VAL C 250 -32.38 -16.20 18.83
C VAL C 250 -31.08 -16.50 19.59
N CYS C 251 -30.20 -15.53 19.68
CA CYS C 251 -28.95 -15.73 20.40
C CYS C 251 -29.19 -15.17 21.76
N ARG C 252 -28.92 -15.96 22.80
CA ARG C 252 -29.10 -15.51 24.19
C ARG C 252 -27.79 -15.02 24.79
N ASN C 253 -27.85 -14.17 25.81
CA ASN C 253 -26.63 -13.67 26.44
C ASN C 253 -25.71 -13.00 25.43
N ALA C 254 -26.33 -12.21 24.57
CA ALA C 254 -25.62 -11.50 23.52
C ALA C 254 -25.54 -10.02 23.82
N GLN C 255 -24.79 -9.30 22.98
CA GLN C 255 -24.62 -7.87 23.15
C GLN C 255 -24.63 -7.23 21.78
N PRO C 256 -25.83 -6.90 21.27
CA PRO C 256 -26.05 -6.27 19.96
C PRO C 256 -25.04 -5.21 19.57
N ASP C 257 -24.82 -4.22 20.43
CA ASP C 257 -23.87 -3.16 20.13
C ASP C 257 -22.46 -3.50 19.66
N THR C 258 -22.06 -4.76 19.82
CA THR C 258 -20.72 -5.16 19.39
C THR C 258 -20.78 -5.71 17.98
N LEU C 259 -21.99 -5.85 17.45
CA LEU C 259 -22.20 -6.39 16.11
C LEU C 259 -22.77 -5.47 15.04
N ASP C 260 -22.67 -4.17 15.25
CA ASP C 260 -23.20 -3.20 14.27
C ASP C 260 -23.03 -3.58 12.81
N ALA C 261 -21.78 -3.72 12.38
CA ALA C 261 -21.52 -4.03 10.98
C ALA C 261 -22.02 -5.37 10.54
N VAL C 262 -21.86 -6.39 11.37
CA VAL C 262 -22.34 -7.73 11.00
C VAL C 262 -23.85 -7.77 10.83
N LEU C 263 -24.57 -7.16 11.76
CA LEU C 263 -26.03 -7.13 11.67
C LEU C 263 -26.51 -6.41 10.40
N ALA C 264 -25.86 -5.28 10.10
CA ALA C 264 -26.19 -4.48 8.93
C ALA C 264 -26.01 -5.34 7.69
N LYS C 265 -24.90 -6.07 7.64
CA LYS C 265 -24.59 -6.96 6.52
C LYS C 265 -25.62 -8.07 6.36
N LEU C 266 -26.02 -8.69 7.47
CA LEU C 266 -27.05 -9.72 7.45
C LEU C 266 -28.36 -9.16 6.90
N ARG C 267 -28.73 -7.97 7.34
CA ARG C 267 -29.94 -7.36 6.80
C ARG C 267 -29.79 -7.25 5.28
N GLU C 268 -28.59 -6.89 4.84
CA GLU C 268 -28.30 -6.76 3.40
C GLU C 268 -28.60 -8.05 2.66
N ALA C 269 -28.35 -9.16 3.35
CA ALA C 269 -28.56 -10.49 2.79
C ALA C 269 -30.02 -10.93 2.83
N GLY C 270 -30.90 -10.09 3.35
CA GLY C 270 -32.30 -10.44 3.40
C GLY C 270 -32.80 -10.93 4.75
N ALA C 271 -31.94 -10.93 5.78
CA ALA C 271 -32.36 -11.40 7.11
C ALA C 271 -33.23 -10.38 7.84
N ASP C 272 -34.23 -10.89 8.56
CA ASP C 272 -35.15 -10.09 9.37
C ASP C 272 -34.60 -10.14 10.80
N ILE C 273 -33.98 -9.05 11.22
CA ILE C 273 -33.35 -8.99 12.52
C ILE C 273 -33.97 -8.07 13.53
N GLU C 274 -34.06 -8.57 14.76
CA GLU C 274 -34.57 -7.83 15.90
C GLU C 274 -33.56 -7.94 17.03
N THR C 275 -33.45 -6.92 17.85
CA THR C 275 -32.49 -6.99 18.93
C THR C 275 -33.09 -6.53 20.22
N GLY C 276 -32.53 -7.06 21.31
CA GLY C 276 -32.99 -6.66 22.62
C GLY C 276 -31.79 -6.25 23.45
N GLU C 277 -32.02 -6.07 24.72
CA GLU C 277 -30.97 -5.69 25.64
C GLU C 277 -29.82 -6.69 25.61
N ASP C 278 -30.19 -7.97 25.65
CA ASP C 278 -29.24 -9.08 25.69
C ASP C 278 -29.56 -10.22 24.74
N TRP C 279 -30.30 -9.94 23.67
CA TRP C 279 -30.62 -11.00 22.73
C TRP C 279 -30.62 -10.48 21.31
N ILE C 280 -30.49 -11.40 20.37
CA ILE C 280 -30.52 -11.06 18.96
C ILE C 280 -31.27 -12.16 18.24
N SER C 281 -32.28 -11.76 17.46
CA SER C 281 -33.07 -12.72 16.67
C SER C 281 -32.85 -12.54 15.18
N LEU C 282 -32.72 -13.65 14.46
CA LEU C 282 -32.55 -13.62 13.01
C LEU C 282 -33.53 -14.59 12.36
N ASP C 283 -34.31 -14.10 11.40
CA ASP C 283 -35.29 -14.92 10.72
C ASP C 283 -35.18 -14.84 9.21
N MET C 284 -34.90 -15.96 8.56
CA MET C 284 -34.80 -15.98 7.11
C MET C 284 -36.16 -16.15 6.43
N HIS C 285 -37.13 -16.65 7.19
CA HIS C 285 -38.47 -16.87 6.65
C HIS C 285 -38.41 -17.91 5.53
N GLY C 286 -37.53 -18.88 5.68
CA GLY C 286 -37.37 -19.92 4.66
C GLY C 286 -36.57 -19.46 3.46
N LYS C 287 -36.40 -18.16 3.32
CA LYS C 287 -35.67 -17.61 2.19
C LYS C 287 -34.17 -17.89 2.10
N ARG C 288 -33.67 -17.94 0.88
CA ARG C 288 -32.25 -18.15 0.61
C ARG C 288 -31.57 -16.77 0.81
N PRO C 289 -30.26 -16.75 1.09
CA PRO C 289 -29.61 -15.44 1.29
C PRO C 289 -29.27 -14.69 0.00
N LYS C 290 -29.22 -13.36 0.08
CA LYS C 290 -28.85 -12.53 -1.07
C LYS C 290 -27.34 -12.25 -0.99
N ALA C 291 -26.63 -12.35 -2.11
CA ALA C 291 -25.19 -12.11 -2.08
C ALA C 291 -24.94 -10.67 -1.62
N VAL C 292 -23.86 -10.46 -0.88
CA VAL C 292 -23.54 -9.14 -0.38
C VAL C 292 -22.10 -8.75 -0.71
N THR C 293 -21.77 -7.48 -0.50
CA THR C 293 -20.43 -6.96 -0.76
C THR C 293 -19.81 -6.71 0.60
N VAL C 294 -18.64 -7.28 0.84
CA VAL C 294 -17.98 -7.14 2.14
C VAL C 294 -16.55 -6.68 2.08
N ARG C 295 -16.23 -5.70 2.91
CA ARG C 295 -14.87 -5.16 3.04
C ARG C 295 -14.51 -5.20 4.51
N THR C 296 -13.52 -6.00 4.88
CA THR C 296 -13.15 -6.06 6.29
C THR C 296 -12.36 -4.82 6.62
N ALA C 297 -12.44 -4.39 7.87
CA ALA C 297 -11.73 -3.20 8.30
C ALA C 297 -11.71 -3.22 9.81
N PRO C 298 -10.88 -2.37 10.44
CA PRO C 298 -10.77 -2.30 11.89
C PRO C 298 -12.09 -2.00 12.66
N HIS C 299 -12.29 -2.61 13.82
CA HIS C 299 -13.49 -2.36 14.61
C HIS C 299 -13.65 -0.83 14.71
N PRO C 300 -14.88 -0.31 14.64
CA PRO C 300 -16.20 -0.96 14.52
C PRO C 300 -16.69 -1.35 13.13
N ALA C 301 -15.82 -1.32 12.12
CA ALA C 301 -16.24 -1.71 10.77
C ALA C 301 -16.34 -3.24 10.73
N PHE C 302 -16.50 -3.81 9.53
CA PHE C 302 -16.64 -5.26 9.37
C PHE C 302 -15.45 -6.09 9.90
N PRO C 303 -15.71 -7.09 10.74
CA PRO C 303 -14.61 -7.90 11.27
C PRO C 303 -14.03 -9.00 10.38
N THR C 304 -12.71 -9.05 10.33
CA THR C 304 -12.05 -10.06 9.54
C THR C 304 -12.43 -11.45 10.09
N ASP C 305 -12.64 -11.54 11.41
CA ASP C 305 -13.03 -12.80 12.05
C ASP C 305 -14.40 -13.37 11.63
N MET C 306 -15.13 -12.58 10.84
CA MET C 306 -16.44 -12.94 10.31
C MET C 306 -16.27 -13.25 8.81
N GLN C 307 -15.10 -12.89 8.29
CA GLN C 307 -14.79 -13.09 6.89
C GLN C 307 -15.16 -14.43 6.24
N ALA C 308 -14.55 -15.51 6.72
CA ALA C 308 -14.82 -16.85 6.21
C ALA C 308 -16.30 -17.18 6.29
N GLN C 309 -16.93 -16.79 7.38
CA GLN C 309 -18.36 -17.05 7.57
C GLN C 309 -19.21 -16.45 6.46
N PHE C 310 -18.91 -15.20 6.12
CA PHE C 310 -19.62 -14.49 5.06
C PHE C 310 -19.32 -15.07 3.68
N THR C 311 -18.15 -15.65 3.52
CA THR C 311 -17.80 -16.26 2.26
C THR C 311 -18.72 -17.46 2.09
N LEU C 312 -18.91 -18.23 3.15
CA LEU C 312 -19.82 -19.36 3.10
C LEU C 312 -21.20 -18.82 2.71
N LEU C 313 -21.55 -17.68 3.27
CA LEU C 313 -22.83 -17.06 2.96
C LEU C 313 -23.01 -16.73 1.46
N ASN C 314 -22.07 -16.00 0.88
CA ASN C 314 -22.11 -15.66 -0.54
C ASN C 314 -22.24 -16.92 -1.38
N LEU C 315 -21.35 -17.86 -1.12
CA LEU C 315 -21.34 -19.14 -1.83
C LEU C 315 -22.64 -19.92 -1.96
N VAL C 316 -23.66 -19.57 -1.17
CA VAL C 316 -24.93 -20.28 -1.30
C VAL C 316 -26.07 -19.28 -1.40
N ALA C 317 -25.72 -18.05 -1.76
CA ALA C 317 -26.68 -16.97 -1.90
C ALA C 317 -27.11 -16.75 -3.35
N GLU C 318 -28.16 -15.99 -3.54
CA GLU C 318 -28.61 -15.65 -4.87
C GLU C 318 -27.66 -14.57 -5.39
N GLY C 319 -26.95 -14.85 -6.47
CA GLY C 319 -26.05 -13.86 -7.03
C GLY C 319 -24.56 -13.97 -6.77
N THR C 320 -23.84 -12.94 -7.23
CA THR C 320 -22.38 -12.82 -7.10
C THR C 320 -22.03 -11.75 -6.09
N GLY C 321 -21.08 -12.06 -5.22
CA GLY C 321 -20.67 -11.10 -4.22
C GLY C 321 -19.17 -11.11 -4.10
N VAL C 322 -18.58 -10.03 -3.59
CA VAL C 322 -17.14 -9.94 -3.46
C VAL C 322 -16.70 -9.66 -2.02
N ILE C 323 -15.94 -10.58 -1.46
CA ILE C 323 -15.42 -10.45 -0.11
C ILE C 323 -14.01 -9.89 -0.25
N THR C 324 -13.78 -8.70 0.32
CA THR C 324 -12.47 -8.04 0.25
C THR C 324 -11.78 -8.00 1.61
N GLU C 325 -10.60 -8.59 1.68
CA GLU C 325 -9.78 -8.63 2.91
C GLU C 325 -8.69 -7.60 2.93
N THR C 326 -8.80 -6.64 3.85
CA THR C 326 -7.78 -5.61 3.92
C THR C 326 -6.98 -5.78 5.21
N ILE C 327 -7.39 -6.73 6.02
CA ILE C 327 -6.75 -6.96 7.28
C ILE C 327 -5.65 -8.03 7.24
N PHE C 328 -6.02 -9.29 7.10
CA PHE C 328 -5.07 -10.39 6.99
C PHE C 328 -4.91 -10.92 5.55
N GLU C 329 -3.69 -11.21 5.17
CA GLU C 329 -3.46 -11.86 3.90
C GLU C 329 -3.42 -13.33 4.11
N ASN C 330 -3.71 -14.07 3.06
CA ASN C 330 -3.71 -15.51 3.17
C ASN C 330 -4.85 -16.11 4.00
N ARG C 331 -5.93 -15.34 4.15
CA ARG C 331 -7.10 -15.82 4.89
C ARG C 331 -8.17 -16.39 3.98
N PHE C 332 -7.74 -16.96 2.86
CA PHE C 332 -8.66 -17.51 1.89
C PHE C 332 -8.68 -19.02 1.86
N MET C 333 -7.93 -19.63 2.76
CA MET C 333 -7.86 -21.08 2.84
C MET C 333 -9.14 -21.88 2.74
N HIS C 334 -10.23 -21.31 3.23
CA HIS C 334 -11.55 -21.96 3.21
C HIS C 334 -12.17 -22.12 1.82
N VAL C 335 -11.67 -21.38 0.83
CA VAL C 335 -12.23 -21.42 -0.51
C VAL C 335 -12.05 -22.76 -1.20
N PRO C 336 -10.82 -23.28 -1.27
CA PRO C 336 -10.59 -24.58 -1.92
C PRO C 336 -11.48 -25.67 -1.31
N GLU C 337 -11.64 -25.61 0.01
CA GLU C 337 -12.49 -26.59 0.71
C GLU C 337 -13.94 -26.43 0.26
N LEU C 338 -14.41 -25.20 0.28
CA LEU C 338 -15.77 -24.89 -0.14
C LEU C 338 -16.02 -25.25 -1.62
N ILE C 339 -14.97 -25.15 -2.43
CA ILE C 339 -15.07 -25.49 -3.85
C ILE C 339 -15.35 -26.98 -3.97
N ARG C 340 -14.51 -27.76 -3.30
CA ARG C 340 -14.64 -29.22 -3.29
C ARG C 340 -16.01 -29.67 -2.78
N MET C 341 -16.82 -28.69 -2.38
CA MET C 341 -18.17 -28.90 -1.89
C MET C 341 -19.26 -28.45 -2.87
N GLY C 342 -18.82 -27.93 -4.02
CA GLY C 342 -19.75 -27.52 -5.05
C GLY C 342 -19.88 -26.02 -5.30
N ALA C 343 -19.10 -25.22 -4.60
CA ALA C 343 -19.17 -23.76 -4.72
C ALA C 343 -18.25 -23.17 -5.77
N HIS C 344 -18.78 -22.17 -6.50
CA HIS C 344 -18.00 -21.50 -7.54
C HIS C 344 -17.45 -20.18 -7.05
N ALA C 345 -16.14 -20.06 -7.05
CA ALA C 345 -15.49 -18.86 -6.57
C ALA C 345 -14.15 -18.62 -7.23
N GLU C 346 -13.81 -17.34 -7.37
CA GLU C 346 -12.54 -16.90 -7.94
C GLU C 346 -11.79 -16.05 -6.92
N ILE C 347 -10.49 -16.21 -6.84
CA ILE C 347 -9.69 -15.42 -5.92
C ILE C 347 -8.84 -14.45 -6.72
N GLU C 348 -9.01 -13.17 -6.48
CA GLU C 348 -8.22 -12.17 -7.18
C GLU C 348 -7.61 -11.22 -6.17
N SER C 349 -6.31 -11.37 -5.93
CA SER C 349 -5.63 -10.51 -4.97
C SER C 349 -6.08 -10.70 -3.52
N ASN C 350 -6.56 -9.64 -2.88
CA ASN C 350 -7.04 -9.71 -1.51
C ASN C 350 -8.56 -9.81 -1.45
N THR C 351 -9.15 -10.36 -2.51
CA THR C 351 -10.60 -10.52 -2.58
C THR C 351 -10.98 -11.86 -3.19
N VAL C 352 -12.26 -12.20 -3.10
CA VAL C 352 -12.78 -13.44 -3.65
C VAL C 352 -14.18 -13.19 -4.20
N ILE C 353 -14.34 -13.48 -5.49
CA ILE C 353 -15.61 -13.30 -6.18
C ILE C 353 -16.43 -14.57 -5.89
N CYS C 354 -17.64 -14.40 -5.38
CA CYS C 354 -18.51 -15.53 -5.07
C CYS C 354 -19.67 -15.66 -6.05
N HIS C 355 -19.95 -16.89 -6.49
CA HIS C 355 -21.06 -17.16 -7.39
C HIS C 355 -22.03 -18.11 -6.69
N GLY C 356 -23.07 -17.54 -6.07
CA GLY C 356 -24.03 -18.33 -5.33
C GLY C 356 -24.64 -19.54 -6.02
N VAL C 357 -24.53 -20.70 -5.38
CA VAL C 357 -25.10 -21.93 -5.91
C VAL C 357 -26.26 -22.34 -5.03
N GLU C 358 -27.20 -23.08 -5.60
CA GLU C 358 -28.37 -23.52 -4.84
C GLU C 358 -28.03 -24.48 -3.69
N LYS C 359 -27.15 -25.42 -3.96
CA LYS C 359 -26.77 -26.41 -2.96
C LYS C 359 -25.33 -26.92 -2.98
N LEU C 360 -24.81 -27.20 -1.78
CA LEU C 360 -23.46 -27.73 -1.63
C LEU C 360 -23.60 -29.24 -1.50
N SER C 361 -22.49 -29.95 -1.57
CA SER C 361 -22.51 -31.41 -1.44
C SER C 361 -21.47 -31.92 -0.44
N GLY C 362 -21.77 -33.02 0.26
CA GLY C 362 -20.84 -33.57 1.23
C GLY C 362 -19.41 -33.66 0.70
N ALA C 363 -18.44 -33.70 1.61
CA ALA C 363 -17.04 -33.82 1.21
C ALA C 363 -16.13 -33.90 2.43
N GLN C 364 -14.85 -34.19 2.19
CA GLN C 364 -13.86 -34.29 3.25
C GLN C 364 -13.03 -33.06 3.34
N VAL C 365 -13.20 -32.30 4.42
CA VAL C 365 -12.48 -31.03 4.54
C VAL C 365 -11.62 -30.79 5.78
N MET C 366 -10.78 -29.78 5.67
CA MET C 366 -9.86 -29.38 6.74
C MET C 366 -9.33 -27.96 6.56
N ALA C 367 -9.29 -27.21 7.64
CA ALA C 367 -8.77 -25.85 7.61
C ALA C 367 -8.12 -25.57 8.96
N THR C 368 -6.92 -24.99 8.94
CA THR C 368 -6.21 -24.69 10.17
C THR C 368 -6.73 -23.42 10.85
N ASP C 369 -7.56 -22.66 10.14
CA ASP C 369 -8.13 -21.44 10.70
C ASP C 369 -9.40 -21.62 11.52
N LEU C 370 -9.35 -21.10 12.74
CA LEU C 370 -10.50 -21.15 13.64
C LEU C 370 -11.79 -20.88 12.87
N ARG C 371 -11.83 -19.71 12.24
CA ARG C 371 -12.99 -19.27 11.47
C ARG C 371 -13.37 -20.13 10.26
N ALA C 372 -12.38 -20.43 9.43
CA ALA C 372 -12.63 -21.26 8.25
C ALA C 372 -13.13 -22.63 8.72
N SER C 373 -12.47 -23.21 9.71
CA SER C 373 -12.92 -24.50 10.22
C SER C 373 -14.39 -24.49 10.61
N ALA C 374 -14.77 -23.52 11.43
CA ALA C 374 -16.16 -23.42 11.88
C ALA C 374 -17.05 -23.21 10.65
N SER C 375 -16.54 -22.50 9.66
CA SER C 375 -17.33 -22.28 8.44
C SER C 375 -17.59 -23.61 7.71
N LEU C 376 -16.58 -24.46 7.71
CA LEU C 376 -16.70 -25.78 7.10
C LEU C 376 -17.78 -26.61 7.78
N VAL C 377 -17.75 -26.64 9.12
CA VAL C 377 -18.77 -27.40 9.85
C VAL C 377 -20.12 -26.84 9.43
N LEU C 378 -20.19 -25.50 9.32
CA LEU C 378 -21.44 -24.87 8.90
C LEU C 378 -21.86 -25.36 7.51
N ALA C 379 -20.90 -25.41 6.60
CA ALA C 379 -21.14 -25.86 5.24
C ALA C 379 -21.72 -27.29 5.29
N GLY C 380 -21.06 -28.15 6.06
CA GLY C 380 -21.51 -29.52 6.19
C GLY C 380 -22.96 -29.59 6.60
N CYS C 381 -23.39 -28.69 7.47
CA CYS C 381 -24.79 -28.68 7.91
C CYS C 381 -25.81 -28.48 6.81
N ILE C 382 -25.47 -27.67 5.81
CA ILE C 382 -26.41 -27.45 4.71
C ILE C 382 -26.04 -28.19 3.43
N ALA C 383 -24.85 -28.77 3.39
CA ALA C 383 -24.44 -29.51 2.21
C ALA C 383 -25.22 -30.82 2.10
N GLU C 384 -25.47 -31.22 0.86
CA GLU C 384 -26.20 -32.46 0.58
C GLU C 384 -25.34 -33.67 0.95
N GLY C 385 -25.90 -34.59 1.73
CA GLY C 385 -25.14 -35.76 2.10
C GLY C 385 -24.32 -35.72 3.38
N THR C 386 -23.15 -36.34 3.34
CA THR C 386 -22.28 -36.45 4.50
C THR C 386 -20.93 -35.75 4.34
N THR C 387 -20.55 -34.97 5.35
CA THR C 387 -19.31 -34.21 5.34
C THR C 387 -18.42 -34.52 6.56
N VAL C 388 -17.11 -34.50 6.36
CA VAL C 388 -16.18 -34.77 7.44
C VAL C 388 -15.10 -33.70 7.58
N VAL C 389 -15.14 -32.97 8.70
CA VAL C 389 -14.17 -31.90 8.96
C VAL C 389 -13.10 -32.43 9.92
N ASP C 390 -11.87 -32.43 9.41
CA ASP C 390 -10.72 -32.93 10.15
C ASP C 390 -10.00 -31.89 11.01
N ARG C 391 -9.22 -32.36 11.99
CA ARG C 391 -8.47 -31.45 12.86
C ARG C 391 -9.36 -30.37 13.49
N ILE C 392 -10.54 -30.74 13.98
CA ILE C 392 -11.42 -29.74 14.57
C ILE C 392 -10.92 -29.17 15.90
N TYR C 393 -9.70 -29.56 16.30
CA TYR C 393 -9.14 -29.05 17.54
C TYR C 393 -8.98 -27.53 17.43
N HIS C 394 -8.89 -27.05 16.19
CA HIS C 394 -8.76 -25.61 15.94
C HIS C 394 -10.03 -24.90 16.41
N ILE C 395 -11.16 -25.55 16.16
CA ILE C 395 -12.45 -25.03 16.57
C ILE C 395 -12.62 -25.11 18.09
N ASP C 396 -12.14 -26.21 18.68
CA ASP C 396 -12.23 -26.42 20.12
C ASP C 396 -11.56 -25.34 20.94
N ARG C 397 -10.55 -24.71 20.34
CA ARG C 397 -9.80 -23.64 20.99
C ARG C 397 -10.51 -22.31 21.15
N GLY C 398 -11.38 -21.99 20.21
CA GLY C 398 -12.09 -20.73 20.24
C GLY C 398 -13.58 -20.89 20.37
N TYR C 399 -14.07 -22.11 20.25
CA TYR C 399 -15.49 -22.42 20.40
C TYR C 399 -15.75 -23.38 21.53
N GLU C 400 -16.61 -22.96 22.44
CA GLU C 400 -16.96 -23.79 23.57
C GLU C 400 -17.98 -24.87 23.18
N ARG C 401 -17.50 -26.10 22.98
CA ARG C 401 -18.35 -27.23 22.58
C ARG C 401 -19.39 -26.94 21.50
N ILE C 402 -18.90 -26.59 20.31
CA ILE C 402 -19.77 -26.23 19.20
C ILE C 402 -20.80 -27.31 18.79
N GLU C 403 -20.45 -28.59 18.93
CA GLU C 403 -21.38 -29.65 18.57
C GLU C 403 -22.70 -29.62 19.34
N ASP C 404 -22.59 -29.43 20.66
CA ASP C 404 -23.77 -29.35 21.52
C ASP C 404 -24.69 -28.23 21.06
N LYS C 405 -24.09 -27.09 20.77
CA LYS C 405 -24.82 -25.93 20.32
C LYS C 405 -25.53 -26.18 18.98
N LEU C 406 -24.78 -26.69 18.02
CA LEU C 406 -25.32 -27.01 16.71
C LEU C 406 -26.43 -28.04 16.79
N ARG C 407 -26.16 -29.10 17.56
CA ARG C 407 -27.12 -30.18 17.74
C ARG C 407 -28.43 -29.62 18.24
N ALA C 408 -28.33 -28.71 19.20
CA ALA C 408 -29.52 -28.09 19.77
C ALA C 408 -30.28 -27.23 18.77
N LEU C 409 -29.65 -26.92 17.64
CA LEU C 409 -30.30 -26.12 16.61
C LEU C 409 -30.93 -26.94 15.48
N GLY C 410 -30.74 -28.26 15.56
CA GLY C 410 -31.28 -29.16 14.55
C GLY C 410 -30.24 -29.88 13.74
N ALA C 411 -28.96 -29.64 14.05
CA ALA C 411 -27.88 -30.26 13.30
C ALA C 411 -27.65 -31.73 13.58
N ASN C 412 -27.10 -32.40 12.57
CA ASN C 412 -26.75 -33.82 12.67
C ASN C 412 -25.23 -33.83 12.65
N ILE C 413 -24.65 -33.80 13.83
CA ILE C 413 -23.20 -33.76 13.94
C ILE C 413 -22.65 -34.80 14.93
N GLU C 414 -21.44 -35.26 14.63
CA GLU C 414 -20.73 -36.28 15.43
C GLU C 414 -19.23 -36.10 15.66
N ARG C 415 -18.80 -36.14 16.91
CA ARG C 415 -17.38 -36.04 17.21
C ARG C 415 -16.78 -37.43 17.01
N VAL C 416 -15.50 -37.53 16.66
CA VAL C 416 -14.90 -38.85 16.45
C VAL C 416 -13.42 -38.98 16.82
N LYS C 417 -13.12 -39.92 17.72
CA LYS C 417 -11.75 -40.16 18.15
C LYS C 417 -11.04 -41.21 17.31
N GLY C 418 -9.75 -41.00 17.06
CA GLY C 418 -8.97 -41.95 16.27
C GLY C 418 -8.74 -41.55 14.82
N GLU C 419 -7.53 -41.82 14.31
CA GLU C 419 -7.17 -41.48 12.93
C GLU C 419 -6.83 -42.69 12.04
N MET D 1 -11.80 -36.19 -15.82
CA MET D 1 -10.90 -35.17 -15.19
C MET D 1 -9.48 -35.73 -15.15
N ASP D 2 -8.68 -35.27 -16.11
CA ASP D 2 -7.29 -35.70 -16.20
C ASP D 2 -6.47 -35.49 -14.93
N LYS D 3 -5.49 -36.35 -14.73
CA LYS D 3 -4.60 -36.27 -13.59
C LYS D 3 -3.24 -36.84 -13.89
N PHE D 4 -2.22 -36.34 -13.20
CA PHE D 4 -0.89 -36.87 -13.37
C PHE D 4 -0.56 -37.85 -12.25
N ARG D 5 -0.16 -39.07 -12.62
CA ARG D 5 0.24 -40.07 -11.64
C ARG D 5 1.74 -40.19 -11.72
N VAL D 6 2.43 -39.79 -10.65
CA VAL D 6 3.89 -39.79 -10.65
C VAL D 6 4.51 -40.75 -9.63
N GLN D 7 5.54 -41.46 -10.08
CA GLN D 7 6.25 -42.40 -9.22
C GLN D 7 7.64 -41.88 -8.89
N GLY D 8 7.89 -41.60 -7.63
CA GLY D 8 9.19 -41.11 -7.26
C GLY D 8 9.92 -41.97 -6.25
N PRO D 9 11.17 -41.63 -5.96
CA PRO D 9 11.86 -40.47 -6.54
C PRO D 9 12.61 -40.83 -7.80
N THR D 10 12.87 -39.84 -8.65
CA THR D 10 13.60 -40.05 -9.89
C THR D 10 14.45 -38.82 -10.12
N ARG D 11 15.67 -39.02 -10.61
CA ARG D 11 16.55 -37.89 -10.94
C ARG D 11 16.22 -37.35 -12.33
N LEU D 12 15.82 -36.09 -12.39
CA LEU D 12 15.50 -35.46 -13.66
C LEU D 12 16.76 -34.98 -14.36
N GLN D 13 17.09 -35.60 -15.49
CA GLN D 13 18.29 -35.22 -16.21
C GLN D 13 18.18 -35.37 -17.71
N GLY D 14 19.05 -34.70 -18.44
CA GLY D 14 19.04 -34.81 -19.89
C GLY D 14 18.79 -33.54 -20.65
N GLU D 15 17.95 -33.63 -21.67
CA GLU D 15 17.58 -32.51 -22.52
C GLU D 15 16.09 -32.20 -22.62
N VAL D 16 15.78 -30.94 -22.91
CA VAL D 16 14.42 -30.52 -23.11
C VAL D 16 14.42 -29.37 -24.09
N THR D 17 13.42 -29.33 -24.96
CA THR D 17 13.31 -28.27 -25.94
C THR D 17 12.19 -27.36 -25.48
N ILE D 18 12.52 -26.08 -25.26
CA ILE D 18 11.58 -25.08 -24.79
C ILE D 18 10.59 -24.62 -25.90
N SER D 19 9.31 -24.57 -25.56
CA SER D 19 8.31 -24.14 -26.51
C SER D 19 8.23 -22.63 -26.62
N GLY D 20 7.49 -22.16 -27.61
CA GLY D 20 7.32 -20.72 -27.77
C GLY D 20 6.48 -20.22 -26.61
N ALA D 21 6.70 -18.97 -26.24
CA ALA D 21 5.98 -18.36 -25.14
C ALA D 21 4.56 -18.05 -25.57
N LYS D 22 3.59 -18.61 -24.86
CA LYS D 22 2.16 -18.37 -25.13
C LYS D 22 1.88 -16.88 -25.07
N ASN D 23 2.48 -16.23 -24.08
CA ASN D 23 2.30 -14.80 -23.86
C ASN D 23 2.86 -13.80 -24.86
N ALA D 24 3.61 -14.32 -25.83
CA ALA D 24 4.15 -13.49 -26.92
C ALA D 24 3.40 -13.95 -28.19
N ALA D 25 3.08 -15.25 -28.28
CA ALA D 25 2.36 -15.79 -29.43
C ALA D 25 0.98 -15.12 -29.55
N LEU D 26 0.25 -15.03 -28.44
CA LEU D 26 -1.06 -14.39 -28.43
C LEU D 26 -1.10 -12.96 -28.97
N PRO D 27 -0.32 -12.03 -28.37
CA PRO D 27 -0.32 -10.64 -28.87
C PRO D 27 0.20 -10.54 -30.31
N ILE D 28 1.11 -11.43 -30.69
CA ILE D 28 1.63 -11.41 -32.06
C ILE D 28 0.55 -11.88 -33.06
N LEU D 29 -0.16 -12.97 -32.69
CA LEU D 29 -1.25 -13.52 -33.50
C LEU D 29 -2.27 -12.45 -33.82
N PHE D 30 -2.62 -11.67 -32.80
CA PHE D 30 -3.55 -10.56 -32.96
C PHE D 30 -2.95 -9.41 -33.77
N ALA D 31 -1.67 -9.16 -33.57
CA ALA D 31 -1.00 -8.11 -34.29
C ALA D 31 -0.99 -8.47 -35.79
N ALA D 32 -1.04 -9.76 -36.11
CA ALA D 32 -0.99 -10.14 -37.52
C ALA D 32 -2.18 -9.60 -38.30
N LEU D 33 -3.23 -9.16 -37.59
CA LEU D 33 -4.37 -8.56 -38.27
C LEU D 33 -3.93 -7.36 -39.08
N LEU D 34 -2.82 -6.74 -38.64
CA LEU D 34 -2.24 -5.57 -39.31
C LEU D 34 -1.48 -5.86 -40.62
N ALA D 35 -1.06 -7.12 -40.78
CA ALA D 35 -0.28 -7.55 -41.95
C ALA D 35 -1.09 -7.69 -43.23
N GLU D 36 -0.74 -6.91 -44.24
CA GLU D 36 -1.44 -6.94 -45.52
C GLU D 36 -0.96 -8.06 -46.43
N GLU D 37 0.11 -8.72 -45.99
CA GLU D 37 0.69 -9.82 -46.71
C GLU D 37 0.80 -11.07 -45.85
N PRO D 38 0.77 -12.25 -46.49
CA PRO D 38 0.88 -13.50 -45.73
C PRO D 38 2.01 -13.44 -44.71
N VAL D 39 1.76 -14.00 -43.53
CA VAL D 39 2.76 -14.04 -42.46
C VAL D 39 2.94 -15.44 -41.92
N GLU D 40 4.19 -15.80 -41.67
CA GLU D 40 4.50 -17.10 -41.07
C GLU D 40 5.02 -16.84 -39.66
N ILE D 41 4.30 -17.32 -38.66
CA ILE D 41 4.69 -17.13 -37.26
C ILE D 41 5.19 -18.47 -36.74
N GLN D 42 6.50 -18.57 -36.61
CA GLN D 42 7.15 -19.79 -36.12
C GLN D 42 7.25 -19.91 -34.60
N ASN D 43 7.48 -21.12 -34.12
CA ASN D 43 7.63 -21.37 -32.69
C ASN D 43 6.35 -21.14 -31.85
N VAL D 44 5.18 -21.42 -32.41
CA VAL D 44 3.92 -21.25 -31.68
C VAL D 44 3.53 -22.54 -30.96
N PRO D 45 3.37 -22.49 -29.64
CA PRO D 45 3.00 -23.72 -28.95
C PRO D 45 1.58 -24.19 -29.30
N LYS D 46 1.31 -25.46 -29.06
CA LYS D 46 0.00 -26.05 -29.30
C LYS D 46 -0.79 -26.01 -27.97
N LEU D 47 -1.56 -24.94 -27.81
CA LEU D 47 -2.32 -24.68 -26.58
C LEU D 47 -3.75 -24.24 -26.82
N LYS D 48 -4.60 -24.45 -25.81
CA LYS D 48 -6.00 -24.05 -25.90
C LYS D 48 -6.21 -22.64 -26.46
N ASP D 49 -5.47 -21.68 -25.92
CA ASP D 49 -5.59 -20.30 -26.38
C ASP D 49 -5.23 -20.06 -27.84
N ILE D 50 -4.20 -20.76 -28.32
CA ILE D 50 -3.82 -20.61 -29.71
C ILE D 50 -5.03 -21.02 -30.56
N ASP D 51 -5.59 -22.20 -30.28
CA ASP D 51 -6.78 -22.67 -31.00
C ASP D 51 -7.93 -21.67 -30.99
N THR D 52 -8.22 -21.13 -29.80
CA THR D 52 -9.28 -20.13 -29.65
C THR D 52 -9.03 -18.89 -30.49
N THR D 53 -7.77 -18.47 -30.55
CA THR D 53 -7.37 -17.30 -31.31
C THR D 53 -7.53 -17.60 -32.78
N MET D 54 -7.04 -18.75 -33.20
CA MET D 54 -7.20 -19.17 -34.58
C MET D 54 -8.67 -19.07 -35.02
N LYS D 55 -9.56 -19.64 -34.22
CA LYS D 55 -10.99 -19.58 -34.50
C LYS D 55 -11.48 -18.15 -34.60
N LEU D 56 -11.07 -17.33 -33.65
CA LEU D 56 -11.46 -15.94 -33.65
C LEU D 56 -10.98 -15.27 -34.95
N LEU D 57 -9.75 -15.59 -35.33
CA LEU D 57 -9.15 -15.07 -36.56
C LEU D 57 -9.95 -15.46 -37.80
N THR D 58 -10.23 -16.76 -37.94
CA THR D 58 -10.99 -17.25 -39.09
C THR D 58 -12.34 -16.50 -39.19
N GLN D 59 -13.03 -16.37 -38.06
CA GLN D 59 -14.29 -15.64 -37.97
C GLN D 59 -14.23 -14.21 -38.54
N LEU D 60 -13.05 -13.59 -38.47
CA LEU D 60 -12.86 -12.22 -38.96
C LEU D 60 -12.63 -12.17 -40.47
N GLY D 61 -12.35 -13.33 -41.06
CA GLY D 61 -12.11 -13.39 -42.48
C GLY D 61 -10.64 -13.67 -42.78
N THR D 62 -9.90 -14.05 -41.76
CA THR D 62 -8.48 -14.34 -41.92
C THR D 62 -8.30 -15.78 -42.34
N LYS D 63 -7.39 -16.02 -43.28
CA LYS D 63 -7.10 -17.39 -43.72
C LYS D 63 -6.04 -17.88 -42.74
N VAL D 64 -6.37 -18.92 -41.99
CA VAL D 64 -5.49 -19.44 -40.96
C VAL D 64 -5.22 -20.94 -40.98
N GLU D 65 -3.93 -21.29 -40.84
CA GLU D 65 -3.52 -22.68 -40.78
C GLU D 65 -2.27 -22.92 -39.92
N ARG D 66 -2.18 -24.08 -39.29
CA ARG D 66 -1.05 -24.39 -38.43
C ARG D 66 -0.46 -25.76 -38.63
N IAS D 67 0.57 -26.08 -37.84
CA IAS D 67 1.24 -27.39 -37.88
C IAS D 67 0.73 -28.32 -36.78
O IAS D 67 1.25 -29.45 -36.65
CB IAS D 67 2.76 -27.31 -37.96
CG IAS D 67 3.38 -26.65 -36.73
OD1 IAS D 67 2.67 -26.23 -35.81
OXT IAS D 67 -0.20 -27.90 -36.05
N GLY D 68 4.70 -26.57 -36.71
CA GLY D 68 5.36 -25.92 -35.60
C GLY D 68 4.94 -24.47 -35.72
N SER D 69 4.54 -24.11 -36.94
CA SER D 69 4.08 -22.77 -37.24
C SER D 69 2.61 -22.44 -37.49
N VAL D 70 2.28 -21.16 -37.42
CA VAL D 70 0.93 -20.73 -37.68
C VAL D 70 1.04 -19.79 -38.87
N TRP D 71 0.40 -20.17 -39.98
CA TRP D 71 0.38 -19.37 -41.21
C TRP D 71 -0.82 -18.43 -41.22
N ILE D 72 -0.57 -17.14 -41.44
CA ILE D 72 -1.65 -16.19 -41.41
C ILE D 72 -1.71 -15.33 -42.66
N ASP D 73 -2.92 -15.28 -43.23
CA ASP D 73 -3.19 -14.47 -44.40
C ASP D 73 -4.40 -13.60 -44.08
N ALA D 74 -4.13 -12.32 -43.82
CA ALA D 74 -5.15 -11.36 -43.47
C ALA D 74 -5.15 -10.19 -44.44
N SER D 75 -4.60 -10.42 -45.63
CA SER D 75 -4.59 -9.41 -46.69
C SER D 75 -6.03 -8.95 -46.86
N ASN D 76 -6.95 -9.87 -46.58
CA ASN D 76 -8.38 -9.64 -46.61
C ASN D 76 -9.02 -10.08 -45.28
N VAL D 77 -9.85 -9.22 -44.71
CA VAL D 77 -10.55 -9.48 -43.44
C VAL D 77 -11.88 -8.76 -43.56
N ASN D 78 -12.95 -9.54 -43.64
CA ASN D 78 -14.30 -9.01 -43.83
C ASN D 78 -15.25 -8.74 -42.65
N ASN D 79 -15.01 -9.41 -41.54
CA ASN D 79 -15.87 -9.26 -40.37
C ASN D 79 -15.15 -8.54 -39.23
N PHE D 80 -15.62 -7.34 -38.89
CA PHE D 80 -15.01 -6.52 -37.85
C PHE D 80 -15.49 -6.70 -36.40
N SER D 81 -15.94 -7.91 -36.08
CA SER D 81 -16.40 -8.17 -34.73
C SER D 81 -16.20 -9.55 -34.11
N ALA D 82 -15.67 -9.56 -32.89
CA ALA D 82 -15.42 -10.78 -32.15
C ALA D 82 -16.65 -11.02 -31.31
N PRO D 83 -17.41 -12.09 -31.63
CA PRO D 83 -18.65 -12.52 -30.96
C PRO D 83 -18.47 -13.17 -29.58
N TYR D 84 -19.50 -13.06 -28.76
CA TYR D 84 -19.50 -13.63 -27.41
C TYR D 84 -19.08 -15.10 -27.32
N ASP D 85 -19.64 -15.90 -28.22
CA ASP D 85 -19.33 -17.31 -28.29
C ASP D 85 -17.81 -17.58 -28.41
N LEU D 86 -17.13 -16.77 -29.23
CA LEU D 86 -15.68 -16.92 -29.42
C LEU D 86 -14.77 -16.28 -28.38
N VAL D 87 -15.20 -15.17 -27.78
CA VAL D 87 -14.38 -14.48 -26.80
C VAL D 87 -14.60 -14.90 -25.36
N LYS D 88 -15.68 -15.65 -25.14
CA LYS D 88 -16.08 -16.12 -23.82
C LYS D 88 -15.07 -16.88 -22.96
N THR D 89 -14.13 -17.57 -23.59
CA THR D 89 -13.14 -18.34 -22.82
C THR D 89 -11.76 -17.70 -22.87
N MET D 90 -11.69 -16.49 -23.44
CA MET D 90 -10.40 -15.83 -23.61
C MET D 90 -10.26 -14.31 -23.48
N ARG D 91 -9.82 -13.88 -22.32
CA ARG D 91 -9.64 -12.46 -22.05
C ARG D 91 -8.84 -11.71 -23.13
N ALA D 92 -7.82 -12.38 -23.66
CA ALA D 92 -6.93 -11.83 -24.68
C ALA D 92 -7.66 -11.46 -25.98
N SER D 93 -8.92 -11.85 -26.08
CA SER D 93 -9.77 -11.54 -27.22
C SER D 93 -9.79 -10.04 -27.46
N ILE D 94 -9.66 -9.27 -26.37
CA ILE D 94 -9.65 -7.81 -26.41
C ILE D 94 -8.58 -7.33 -27.38
N TRP D 95 -7.57 -8.15 -27.62
CA TRP D 95 -6.51 -7.76 -28.56
C TRP D 95 -6.89 -7.59 -30.05
N ALA D 96 -8.11 -7.97 -30.42
CA ALA D 96 -8.57 -7.86 -31.79
C ALA D 96 -8.99 -6.41 -32.06
N LEU D 97 -9.43 -5.74 -31.01
CA LEU D 97 -9.89 -4.36 -31.11
C LEU D 97 -8.99 -3.34 -31.79
N GLY D 98 -7.78 -3.19 -31.23
CA GLY D 98 -6.84 -2.23 -31.76
C GLY D 98 -6.49 -2.39 -33.23
N PRO D 99 -6.02 -3.58 -33.65
CA PRO D 99 -5.67 -3.81 -35.06
C PRO D 99 -6.86 -3.51 -35.97
N LEU D 100 -8.06 -3.96 -35.58
CA LEU D 100 -9.26 -3.71 -36.35
C LEU D 100 -9.52 -2.22 -36.64
N VAL D 101 -9.59 -1.41 -35.60
CA VAL D 101 -9.84 0.02 -35.78
C VAL D 101 -8.65 0.71 -36.45
N ALA D 102 -7.43 0.33 -36.11
CA ALA D 102 -6.28 0.97 -36.70
C ALA D 102 -6.18 0.69 -38.20
N ARG D 103 -6.42 -0.56 -38.59
CA ARG D 103 -6.35 -0.95 -39.97
C ARG D 103 -7.58 -0.74 -40.86
N PHE D 104 -8.75 -1.08 -40.33
CA PHE D 104 -10.02 -0.97 -41.08
C PHE D 104 -10.96 0.16 -40.68
N GLY D 105 -10.61 0.91 -39.65
CA GLY D 105 -11.48 1.99 -39.22
C GLY D 105 -12.58 1.52 -38.27
N GLN D 106 -12.59 0.23 -37.93
CA GLN D 106 -13.61 -0.27 -37.02
C GLN D 106 -13.43 -1.65 -36.44
N GLY D 107 -13.78 -1.77 -35.18
CA GLY D 107 -13.69 -3.04 -34.50
C GLY D 107 -14.73 -3.07 -33.40
N GLN D 108 -15.21 -4.26 -33.10
CA GLN D 108 -16.19 -4.45 -32.06
C GLN D 108 -15.84 -5.76 -31.34
N VAL D 109 -15.76 -5.73 -30.02
CA VAL D 109 -15.47 -6.96 -29.31
C VAL D 109 -16.52 -7.14 -28.23
N SER D 110 -16.92 -8.39 -28.03
CA SER D 110 -17.90 -8.68 -27.00
C SER D 110 -17.24 -8.78 -25.63
N LEU D 111 -17.94 -8.28 -24.63
CA LEU D 111 -17.42 -8.27 -23.26
C LEU D 111 -18.30 -9.03 -22.29
N PRO D 112 -17.75 -10.05 -21.61
CA PRO D 112 -18.53 -10.82 -20.64
C PRO D 112 -18.99 -9.94 -19.50
N GLY D 113 -20.23 -10.17 -19.04
CA GLY D 113 -20.77 -9.38 -17.94
C GLY D 113 -19.97 -9.50 -16.66
N GLY D 114 -20.11 -8.49 -15.79
CA GLY D 114 -19.39 -8.46 -14.53
C GLY D 114 -19.35 -9.76 -13.71
N ASP D 115 -20.49 -10.44 -13.64
CA ASP D 115 -20.56 -11.69 -12.89
C ASP D 115 -19.82 -12.90 -13.46
N ALA D 116 -19.64 -12.90 -14.78
CA ALA D 116 -18.97 -13.99 -15.47
C ALA D 116 -17.63 -14.34 -14.83
N ILE D 117 -17.28 -15.62 -14.91
CA ILE D 117 -16.03 -16.12 -14.35
C ILE D 117 -14.82 -15.61 -15.15
N GLY D 118 -13.83 -15.08 -14.43
CA GLY D 118 -12.63 -14.55 -15.06
C GLY D 118 -12.82 -13.21 -15.76
N ALA D 119 -13.95 -12.54 -15.50
CA ALA D 119 -14.25 -11.24 -16.11
C ALA D 119 -13.53 -10.09 -15.40
N ARG D 120 -12.75 -9.31 -16.14
CA ARG D 120 -12.07 -8.13 -15.59
C ARG D 120 -12.14 -6.92 -16.48
N PRO D 121 -11.78 -5.76 -15.97
CA PRO D 121 -11.90 -4.52 -16.75
C PRO D 121 -10.91 -4.46 -17.91
N VAL D 122 -11.34 -3.80 -19.00
CA VAL D 122 -10.52 -3.60 -20.18
C VAL D 122 -10.49 -2.10 -20.45
N ASP D 123 -10.80 -1.33 -19.42
CA ASP D 123 -10.79 0.13 -19.46
C ASP D 123 -9.56 0.77 -20.09
N LEU D 124 -8.38 0.26 -19.72
CA LEU D 124 -7.12 0.76 -20.23
C LEU D 124 -7.01 0.62 -21.73
N HIS D 125 -7.42 -0.54 -22.25
CA HIS D 125 -7.41 -0.80 -23.70
C HIS D 125 -8.27 0.26 -24.42
N ILE D 126 -9.53 0.36 -23.99
CA ILE D 126 -10.52 1.27 -24.56
C ILE D 126 -10.11 2.75 -24.50
N PHE D 127 -9.73 3.23 -23.32
CA PHE D 127 -9.31 4.61 -23.19
C PHE D 127 -7.99 4.91 -23.90
N GLY D 128 -7.18 3.88 -24.06
CA GLY D 128 -5.93 4.04 -24.78
C GLY D 128 -6.25 4.23 -26.26
N LEU D 129 -7.22 3.49 -26.78
CA LEU D 129 -7.59 3.63 -28.18
C LEU D 129 -8.22 5.00 -28.36
N GLU D 130 -8.96 5.44 -27.34
CA GLU D 130 -9.60 6.75 -27.38
C GLU D 130 -8.59 7.88 -27.49
N LYS D 131 -7.45 7.73 -26.82
CA LYS D 131 -6.39 8.73 -26.85
C LYS D 131 -5.78 8.84 -28.24
N LEU D 132 -5.91 7.75 -29.00
CA LEU D 132 -5.40 7.64 -30.36
C LEU D 132 -6.38 8.16 -31.41
N GLY D 133 -7.47 8.77 -30.99
CA GLY D 133 -8.42 9.30 -31.95
C GLY D 133 -9.64 8.44 -32.25
N ALA D 134 -9.69 7.23 -31.68
CA ALA D 134 -10.83 6.37 -31.90
C ALA D 134 -12.09 6.87 -31.19
N GLU D 135 -13.22 6.77 -31.88
CA GLU D 135 -14.53 7.14 -31.33
C GLU D 135 -14.98 5.87 -30.61
N ILE D 136 -15.43 6.01 -29.38
CA ILE D 136 -15.85 4.86 -28.63
C ILE D 136 -17.35 4.74 -28.41
N LYS D 137 -17.84 3.52 -28.56
CA LYS D 137 -19.24 3.23 -28.33
C LYS D 137 -19.40 2.13 -27.30
N LEU D 138 -19.98 2.48 -26.16
CA LEU D 138 -20.18 1.55 -25.06
C LEU D 138 -21.62 1.22 -24.69
N GLU D 139 -21.88 -0.07 -24.58
CA GLU D 139 -23.15 -0.60 -24.12
C GLU D 139 -22.83 -1.85 -23.34
N GLU D 140 -23.49 -2.03 -22.20
CA GLU D 140 -23.26 -3.22 -21.37
C GLU D 140 -23.01 -4.49 -22.20
N GLY D 141 -21.82 -5.07 -22.08
CA GLY D 141 -21.52 -6.29 -22.80
C GLY D 141 -20.77 -6.17 -24.12
N TYR D 142 -20.38 -4.96 -24.50
CA TYR D 142 -19.64 -4.78 -25.74
C TYR D 142 -18.95 -3.45 -25.84
N VAL D 143 -17.90 -3.41 -26.65
CA VAL D 143 -17.16 -2.18 -26.89
C VAL D 143 -16.88 -2.05 -28.38
N LYS D 144 -17.28 -0.93 -28.95
CA LYS D 144 -17.04 -0.66 -30.36
C LYS D 144 -16.08 0.49 -30.49
N ALA D 145 -15.18 0.40 -31.47
CA ALA D 145 -14.23 1.48 -31.70
C ALA D 145 -14.21 1.79 -33.17
N SER D 146 -14.23 3.07 -33.49
CA SER D 146 -14.19 3.45 -34.89
C SER D 146 -13.46 4.75 -35.22
N VAL D 147 -12.93 4.84 -36.43
CA VAL D 147 -12.25 6.05 -36.78
C VAL D 147 -12.42 6.36 -38.26
N ASN D 148 -12.47 7.65 -38.57
CA ASN D 148 -12.58 8.09 -39.96
C ASN D 148 -11.21 8.38 -40.52
N GLY D 149 -10.69 7.40 -41.25
CA GLY D 149 -9.36 7.52 -41.81
C GLY D 149 -8.39 6.82 -40.89
N ARG D 150 -7.29 7.49 -40.56
CA ARG D 150 -6.29 6.91 -39.68
C ARG D 150 -6.32 7.44 -38.27
N LEU D 151 -5.82 6.63 -37.33
CA LEU D 151 -5.72 7.04 -35.93
C LEU D 151 -4.66 8.14 -35.89
N LYS D 152 -4.67 8.93 -34.82
CA LYS D 152 -3.70 10.01 -34.62
C LYS D 152 -2.77 9.73 -33.44
N GLY D 153 -1.47 9.72 -33.71
CA GLY D 153 -0.51 9.48 -32.66
C GLY D 153 -0.76 10.43 -31.52
N ALA D 154 -0.49 9.98 -30.30
CA ALA D 154 -0.69 10.81 -29.12
C ALA D 154 0.29 10.50 -27.98
N HIS D 155 0.33 11.41 -27.02
CA HIS D 155 1.18 11.28 -25.84
C HIS D 155 0.33 10.65 -24.74
N ILE D 156 0.64 9.40 -24.42
CA ILE D 156 -0.16 8.66 -23.45
C ILE D 156 0.58 8.29 -22.19
N VAL D 157 0.09 8.80 -21.08
CA VAL D 157 0.69 8.48 -19.80
C VAL D 157 -0.15 7.44 -19.11
N MET D 158 0.42 6.27 -18.91
CA MET D 158 -0.31 5.21 -18.23
C MET D 158 -0.18 5.34 -16.73
N ASP D 159 -1.29 5.47 -16.02
CA ASP D 159 -1.28 5.58 -14.57
C ASP D 159 -1.14 4.22 -13.88
N LYS D 160 -1.53 3.17 -14.60
CA LYS D 160 -1.42 1.80 -14.11
C LYS D 160 -0.66 1.01 -15.18
N VAL D 161 0.31 0.22 -14.77
CA VAL D 161 1.09 -0.54 -15.73
C VAL D 161 0.34 -1.80 -16.19
N SER D 162 0.14 -1.88 -17.50
CA SER D 162 -0.59 -3.00 -18.11
C SER D 162 0.06 -3.61 -19.36
N VAL D 163 0.37 -4.91 -19.30
CA VAL D 163 0.95 -5.63 -20.42
C VAL D 163 -0.10 -5.54 -21.52
N GLY D 164 -1.34 -5.91 -21.16
CA GLY D 164 -2.44 -5.90 -22.10
C GLY D 164 -2.63 -4.59 -22.86
N ALA D 165 -2.75 -3.49 -22.11
CA ALA D 165 -2.98 -2.18 -22.73
C ALA D 165 -1.76 -1.69 -23.50
N THR D 166 -0.57 -2.11 -23.10
CA THR D 166 0.64 -1.71 -23.81
C THR D 166 0.59 -2.37 -25.18
N VAL D 167 0.11 -3.62 -25.25
CA VAL D 167 0.05 -4.30 -26.55
C VAL D 167 -1.00 -3.64 -27.46
N THR D 168 -2.15 -3.31 -26.87
CA THR D 168 -3.22 -2.68 -27.64
C THR D 168 -2.77 -1.32 -28.17
N ILE D 169 -2.25 -0.47 -27.28
CA ILE D 169 -1.82 0.86 -27.69
C ILE D 169 -0.65 0.87 -28.68
N MET D 170 0.38 0.08 -28.42
CA MET D 170 1.54 -0.04 -29.29
C MET D 170 1.19 -0.58 -30.69
N SER D 171 0.28 -1.56 -30.70
CA SER D 171 -0.16 -2.17 -31.94
C SER D 171 -0.88 -1.21 -32.87
N ALA D 172 -1.90 -0.54 -32.35
CA ALA D 172 -2.68 0.39 -33.15
C ALA D 172 -1.91 1.63 -33.55
N ALA D 173 -0.93 2.01 -32.75
CA ALA D 173 -0.16 3.21 -33.04
C ALA D 173 0.75 3.07 -34.27
N THR D 174 1.03 1.83 -34.68
CA THR D 174 1.89 1.53 -35.82
C THR D 174 1.26 2.01 -37.14
N LEU D 175 -0.05 2.21 -37.12
CA LEU D 175 -0.76 2.68 -38.30
C LEU D 175 -1.28 4.11 -38.14
N ALA D 176 -1.13 4.69 -36.95
CA ALA D 176 -1.63 6.04 -36.74
C ALA D 176 -0.79 7.06 -37.49
N GLU D 177 -1.34 8.26 -37.60
CA GLU D 177 -0.63 9.34 -38.23
C GLU D 177 0.21 10.07 -37.16
N GLY D 178 1.52 10.04 -37.33
CA GLY D 178 2.38 10.72 -36.37
C GLY D 178 3.06 9.79 -35.38
N THR D 179 3.55 10.40 -34.30
CA THR D 179 4.27 9.67 -33.26
C THR D 179 3.44 9.44 -31.99
N THR D 180 3.51 8.23 -31.48
CA THR D 180 2.80 7.88 -30.25
C THR D 180 3.86 7.54 -29.20
N ILE D 181 3.69 8.08 -27.99
CA ILE D 181 4.61 7.80 -26.90
C ILE D 181 3.81 7.21 -25.76
N ILE D 182 4.24 6.05 -25.28
CA ILE D 182 3.58 5.39 -24.16
C ILE D 182 4.43 5.50 -22.90
N GLU D 183 3.96 6.27 -21.93
CA GLU D 183 4.68 6.40 -20.67
C GLU D 183 4.22 5.36 -19.66
N ASN D 184 5.18 4.72 -19.00
CA ASN D 184 4.88 3.69 -18.02
C ASN D 184 4.43 2.41 -18.70
N ALA D 185 5.11 2.07 -19.79
CA ALA D 185 4.76 0.88 -20.55
C ALA D 185 5.30 -0.37 -19.85
N ALA D 186 4.57 -1.47 -19.96
CA ALA D 186 4.99 -2.73 -19.37
C ALA D 186 6.33 -3.08 -19.99
N ARG D 187 7.21 -3.68 -19.20
CA ARG D 187 8.55 -4.01 -19.66
C ARG D 187 8.82 -5.44 -20.09
N GLU D 188 7.88 -6.34 -19.82
CA GLU D 188 8.02 -7.74 -20.17
C GLU D 188 8.71 -8.13 -21.47
N PRO D 189 9.44 -9.26 -21.46
CA PRO D 189 10.14 -9.75 -22.64
C PRO D 189 9.10 -10.03 -23.75
N GLU D 190 7.88 -10.32 -23.35
CA GLU D 190 6.81 -10.56 -24.32
C GLU D 190 6.42 -9.28 -25.05
N ILE D 191 6.54 -8.14 -24.38
CA ILE D 191 6.23 -6.86 -24.99
C ILE D 191 7.34 -6.50 -25.99
N VAL D 192 8.58 -6.88 -25.69
CA VAL D 192 9.72 -6.59 -26.58
C VAL D 192 9.56 -7.43 -27.84
N ASP D 193 9.13 -8.66 -27.64
CA ASP D 193 8.92 -9.60 -28.72
C ASP D 193 7.79 -9.18 -29.65
N THR D 194 6.70 -8.68 -29.07
CA THR D 194 5.58 -8.23 -29.89
C THR D 194 6.05 -7.05 -30.73
N ALA D 195 6.75 -6.12 -30.09
CA ALA D 195 7.27 -4.94 -30.76
C ALA D 195 8.23 -5.31 -31.88
N ASN D 196 9.10 -6.29 -31.63
CA ASN D 196 10.04 -6.73 -32.65
C ASN D 196 9.33 -7.29 -33.88
N PHE D 197 8.24 -8.01 -33.62
CA PHE D 197 7.40 -8.60 -34.65
C PHE D 197 6.86 -7.50 -35.58
N LEU D 198 6.30 -6.46 -34.97
CA LEU D 198 5.75 -5.34 -35.68
C LEU D 198 6.83 -4.66 -36.53
N VAL D 199 7.99 -4.46 -35.92
CA VAL D 199 9.10 -3.85 -36.61
C VAL D 199 9.51 -4.75 -37.78
N ALA D 200 9.43 -6.06 -37.58
CA ALA D 200 9.79 -6.93 -38.68
C ALA D 200 8.81 -6.72 -39.86
N LEU D 201 7.57 -6.29 -39.58
CA LEU D 201 6.59 -6.03 -40.65
C LEU D 201 6.69 -4.62 -41.25
N GLY D 202 7.62 -3.83 -40.76
CA GLY D 202 7.77 -2.48 -41.23
C GLY D 202 7.38 -1.41 -40.21
N ALA D 203 7.04 -1.80 -38.98
CA ALA D 203 6.67 -0.79 -37.99
C ALA D 203 7.91 -0.03 -37.51
N LYS D 204 7.68 1.17 -36.98
CA LYS D 204 8.75 2.00 -36.45
C LYS D 204 8.53 2.15 -34.95
N ILE D 205 9.28 1.36 -34.19
CA ILE D 205 9.16 1.32 -32.76
C ILE D 205 10.50 1.26 -32.05
N SER D 206 10.60 2.01 -30.96
CA SER D 206 11.82 2.02 -30.14
C SER D 206 11.50 2.19 -28.65
N GLY D 207 12.36 1.66 -27.79
CA GLY D 207 12.14 1.79 -26.36
C GLY D 207 11.48 0.56 -25.73
N GLN D 208 11.05 -0.38 -26.57
CA GLN D 208 10.42 -1.60 -26.10
C GLN D 208 11.27 -2.28 -25.02
N GLY D 209 10.67 -2.56 -23.85
CA GLY D 209 11.42 -3.20 -22.77
C GLY D 209 11.88 -2.20 -21.70
N THR D 210 11.62 -0.93 -21.95
CA THR D 210 11.96 0.14 -21.03
C THR D 210 10.63 0.75 -20.61
N ASP D 211 10.69 1.82 -19.82
CA ASP D 211 9.50 2.50 -19.35
C ASP D 211 8.82 3.38 -20.41
N ARG D 212 9.54 3.65 -21.50
CA ARG D 212 9.05 4.55 -22.55
C ARG D 212 9.19 3.97 -23.97
N ILE D 213 8.05 3.71 -24.60
CA ILE D 213 8.02 3.15 -25.95
C ILE D 213 7.59 4.23 -26.92
N THR D 214 8.35 4.40 -28.00
CA THR D 214 7.98 5.40 -28.99
C THR D 214 7.62 4.75 -30.32
N ILE D 215 6.45 5.12 -30.84
CA ILE D 215 5.99 4.57 -32.10
C ILE D 215 5.79 5.66 -33.16
N GLU D 216 6.45 5.50 -34.30
CA GLU D 216 6.28 6.44 -35.40
C GLU D 216 5.37 5.73 -36.40
N GLY D 217 4.17 6.27 -36.60
CA GLY D 217 3.21 5.64 -37.49
C GLY D 217 3.65 5.48 -38.95
N VAL D 218 3.17 4.42 -39.61
CA VAL D 218 3.49 4.19 -41.01
C VAL D 218 2.28 3.86 -41.85
N GLU D 219 2.50 3.91 -43.16
CA GLU D 219 1.52 3.63 -44.21
C GLU D 219 0.77 2.32 -43.99
N ARG D 220 1.53 1.23 -43.99
CA ARG D 220 0.98 -0.10 -43.81
C ARG D 220 2.01 -1.11 -43.39
N LEU D 221 1.55 -2.28 -42.94
CA LEU D 221 2.46 -3.35 -42.55
C LEU D 221 2.48 -4.42 -43.63
N GLY D 222 3.64 -5.04 -43.83
CA GLY D 222 3.79 -6.07 -44.84
C GLY D 222 3.56 -7.48 -44.34
N GLY D 223 4.44 -8.39 -44.74
CA GLY D 223 4.30 -9.77 -44.33
C GLY D 223 5.65 -10.31 -43.97
N GLY D 224 5.80 -11.63 -43.91
CA GLY D 224 7.10 -12.18 -43.58
C GLY D 224 7.12 -13.40 -42.67
N VAL D 225 8.30 -13.69 -42.15
CA VAL D 225 8.49 -14.81 -41.26
C VAL D 225 9.02 -14.25 -39.94
N TYR D 226 8.42 -14.69 -38.83
CA TYR D 226 8.78 -14.26 -37.47
C TYR D 226 8.78 -15.38 -36.46
N ARG D 227 9.86 -15.48 -35.70
CA ARG D 227 9.96 -16.54 -34.71
C ARG D 227 9.69 -16.07 -33.29
N VAL D 228 8.60 -16.59 -32.70
CA VAL D 228 8.19 -16.24 -31.36
C VAL D 228 9.24 -16.65 -30.33
N LEU D 229 9.52 -15.78 -29.37
CA LEU D 229 10.51 -16.10 -28.34
C LEU D 229 10.24 -17.31 -27.44
N PRO D 230 11.30 -17.86 -26.84
CA PRO D 230 11.10 -19.02 -25.95
C PRO D 230 10.29 -18.64 -24.70
N ASP D 231 9.60 -19.61 -24.14
CA ASP D 231 8.81 -19.44 -22.92
C ASP D 231 9.78 -19.39 -21.73
N ARG D 232 10.02 -18.19 -21.21
CA ARG D 232 10.94 -17.99 -20.08
C ARG D 232 10.63 -18.76 -18.78
N ILE D 233 9.34 -18.83 -18.46
CA ILE D 233 8.86 -19.50 -17.27
C ILE D 233 8.98 -21.01 -17.46
N GLU D 234 8.64 -21.49 -18.65
CA GLU D 234 8.81 -22.91 -18.89
C GLU D 234 10.28 -23.30 -18.67
N THR D 235 11.18 -22.47 -19.22
CA THR D 235 12.62 -22.68 -19.08
C THR D 235 12.97 -22.71 -17.58
N GLY D 236 12.40 -21.79 -16.81
CA GLY D 236 12.66 -21.77 -15.38
C GLY D 236 12.21 -23.06 -14.72
N THR D 237 11.00 -23.50 -15.06
CA THR D 237 10.46 -24.73 -14.49
C THR D 237 11.45 -25.90 -14.69
N PHE D 238 11.89 -26.12 -15.93
CA PHE D 238 12.85 -27.18 -16.19
C PHE D 238 14.19 -27.02 -15.50
N LEU D 239 14.66 -25.78 -15.39
CA LEU D 239 15.92 -25.56 -14.69
C LEU D 239 15.78 -26.04 -13.26
N VAL D 240 14.66 -25.67 -12.63
CA VAL D 240 14.40 -26.05 -11.25
C VAL D 240 14.18 -27.56 -11.14
N ALA D 241 13.66 -28.17 -12.20
CA ALA D 241 13.42 -29.63 -12.16
C ALA D 241 14.74 -30.38 -11.94
N ALA D 242 15.80 -29.90 -12.59
CA ALA D 242 17.11 -30.52 -12.44
C ALA D 242 17.73 -30.07 -11.10
N ALA D 243 17.68 -28.76 -10.83
CA ALA D 243 18.24 -28.22 -9.60
C ALA D 243 17.77 -28.90 -8.31
N ILE D 244 16.52 -29.37 -8.27
CA ILE D 244 15.99 -30.01 -7.07
C ILE D 244 16.16 -31.54 -7.01
N SER D 245 16.56 -32.14 -8.12
CA SER D 245 16.72 -33.59 -8.22
C SER D 245 18.17 -34.06 -8.34
N GLY D 246 19.09 -33.14 -8.19
CA GLY D 246 20.50 -33.46 -8.30
C GLY D 246 20.86 -33.74 -9.74
N GLY D 247 19.98 -33.35 -10.66
CA GLY D 247 20.23 -33.60 -12.06
C GLY D 247 21.04 -32.55 -12.82
N LYS D 248 21.24 -32.85 -14.10
CA LYS D 248 21.93 -32.01 -15.07
C LYS D 248 20.99 -31.91 -16.27
N ILE D 249 20.81 -30.70 -16.80
CA ILE D 249 19.91 -30.55 -17.93
C ILE D 249 20.33 -29.48 -18.91
N VAL D 250 20.01 -29.68 -20.18
CA VAL D 250 20.30 -28.67 -21.18
C VAL D 250 18.95 -28.31 -21.79
N CYS D 251 18.65 -27.03 -21.82
CA CYS D 251 17.41 -26.53 -22.37
C CYS D 251 17.71 -25.99 -23.74
N ARG D 252 17.09 -26.56 -24.76
CA ARG D 252 17.26 -26.14 -26.16
C ARG D 252 16.26 -25.04 -26.50
N ASN D 253 16.52 -24.23 -27.52
CA ASN D 253 15.58 -23.18 -27.90
C ASN D 253 15.26 -22.17 -26.78
N ALA D 254 16.26 -21.80 -25.99
CA ALA D 254 16.08 -20.87 -24.90
C ALA D 254 16.68 -19.52 -25.25
N GLN D 255 16.44 -18.57 -24.37
CA GLN D 255 16.93 -17.21 -24.54
C GLN D 255 17.36 -16.68 -23.18
N PRO D 256 18.61 -16.99 -22.78
CA PRO D 256 19.20 -16.58 -21.50
C PRO D 256 18.89 -15.18 -21.01
N ASP D 257 18.92 -14.20 -21.90
CA ASP D 257 18.67 -12.78 -21.53
C ASP D 257 17.33 -12.39 -20.90
N THR D 258 16.35 -13.29 -20.98
CA THR D 258 15.04 -13.06 -20.42
C THR D 258 14.97 -13.64 -19.00
N LEU D 259 16.09 -14.24 -18.56
CA LEU D 259 16.18 -14.90 -17.26
C LEU D 259 17.30 -14.48 -16.30
N ASP D 260 17.92 -13.34 -16.52
CA ASP D 260 19.00 -12.91 -15.62
C ASP D 260 18.75 -13.20 -14.13
N ALA D 261 17.63 -12.70 -13.60
CA ALA D 261 17.34 -12.89 -12.18
C ALA D 261 17.20 -14.37 -11.75
N VAL D 262 16.51 -15.18 -12.56
CA VAL D 262 16.32 -16.59 -12.26
C VAL D 262 17.71 -17.29 -12.31
N LEU D 263 18.51 -16.99 -13.33
CA LEU D 263 19.83 -17.61 -13.43
C LEU D 263 20.69 -17.26 -12.22
N ALA D 264 20.73 -15.98 -11.87
CA ALA D 264 21.50 -15.57 -10.72
C ALA D 264 20.99 -16.31 -9.47
N LYS D 265 19.67 -16.33 -9.27
CA LYS D 265 19.07 -17.02 -8.13
C LYS D 265 19.48 -18.50 -8.04
N LEU D 266 19.56 -19.14 -9.20
CA LEU D 266 19.98 -20.54 -9.29
C LEU D 266 21.46 -20.75 -8.87
N ARG D 267 22.33 -19.82 -9.27
CA ARG D 267 23.73 -19.91 -8.86
C ARG D 267 23.81 -19.80 -7.32
N GLU D 268 22.98 -18.93 -6.74
CA GLU D 268 22.92 -18.78 -5.28
C GLU D 268 22.58 -20.10 -4.62
N ALA D 269 21.78 -20.92 -5.32
CA ALA D 269 21.37 -22.23 -4.81
C ALA D 269 22.44 -23.28 -5.06
N GLY D 270 23.61 -22.83 -5.53
CA GLY D 270 24.72 -23.74 -5.78
C GLY D 270 24.71 -24.40 -7.15
N ALA D 271 23.85 -23.95 -8.03
CA ALA D 271 23.81 -24.55 -9.35
C ALA D 271 24.99 -24.09 -10.22
N ASP D 272 25.51 -25.02 -11.00
CA ASP D 272 26.61 -24.74 -11.94
C ASP D 272 25.96 -24.46 -13.28
N ILE D 273 25.95 -23.20 -13.68
CA ILE D 273 25.29 -22.80 -14.91
C ILE D 273 26.14 -22.27 -16.07
N GLU D 274 25.75 -22.65 -17.28
CA GLU D 274 26.40 -22.19 -18.52
C GLU D 274 25.33 -21.74 -19.51
N THR D 275 25.63 -20.73 -20.30
CA THR D 275 24.69 -20.26 -21.29
C THR D 275 25.31 -20.04 -22.67
N GLY D 276 24.45 -20.09 -23.67
CA GLY D 276 24.84 -19.86 -25.04
C GLY D 276 23.81 -18.88 -25.57
N GLU D 277 23.87 -18.57 -26.86
CA GLU D 277 22.89 -17.66 -27.45
C GLU D 277 21.48 -18.25 -27.43
N ASP D 278 21.39 -19.57 -27.58
CA ASP D 278 20.12 -20.29 -27.60
C ASP D 278 20.04 -21.52 -26.68
N TRP D 279 20.85 -21.53 -25.63
CA TRP D 279 20.85 -22.66 -24.73
C TRP D 279 21.26 -22.30 -23.31
N ILE D 280 20.79 -23.11 -22.35
CA ILE D 280 21.13 -22.92 -20.96
C ILE D 280 21.34 -24.28 -20.34
N SER D 281 22.45 -24.45 -19.62
CA SER D 281 22.74 -25.70 -18.94
C SER D 281 22.81 -25.53 -17.42
N LEU D 282 22.24 -26.49 -16.71
CA LEU D 282 22.26 -26.47 -15.27
C LEU D 282 22.72 -27.85 -14.77
N ASP D 283 23.76 -27.84 -13.93
CA ASP D 283 24.34 -29.05 -13.38
C ASP D 283 24.45 -28.95 -11.86
N MET D 284 23.77 -29.86 -11.15
CA MET D 284 23.83 -29.89 -9.68
C MET D 284 24.97 -30.76 -9.18
N HIS D 285 25.53 -31.57 -10.08
CA HIS D 285 26.62 -32.46 -9.70
C HIS D 285 26.18 -33.41 -8.58
N GLY D 286 24.93 -33.85 -8.65
CA GLY D 286 24.39 -34.76 -7.65
C GLY D 286 24.11 -34.13 -6.30
N LYS D 287 24.46 -32.84 -6.16
CA LYS D 287 24.24 -32.15 -4.90
C LYS D 287 22.84 -31.61 -4.67
N ARG D 288 22.44 -31.61 -3.40
CA ARG D 288 21.17 -31.08 -2.98
C ARG D 288 21.29 -29.55 -3.05
N PRO D 289 20.22 -28.83 -3.43
CA PRO D 289 20.37 -27.38 -3.48
C PRO D 289 20.53 -26.65 -2.13
N LYS D 290 21.07 -25.43 -2.17
CA LYS D 290 21.25 -24.60 -0.99
C LYS D 290 20.04 -23.67 -0.87
N ALA D 291 19.55 -23.43 0.33
CA ALA D 291 18.41 -22.53 0.48
C ALA D 291 18.79 -21.10 0.04
N VAL D 292 17.85 -20.42 -0.62
CA VAL D 292 18.10 -19.07 -1.06
C VAL D 292 17.05 -18.11 -0.51
N THR D 293 17.33 -16.82 -0.62
CA THR D 293 16.41 -15.78 -0.21
C THR D 293 15.88 -15.19 -1.53
N VAL D 294 14.56 -15.03 -1.64
CA VAL D 294 13.90 -14.53 -2.85
C VAL D 294 12.89 -13.41 -2.59
N ARG D 295 12.97 -12.37 -3.43
CA ARG D 295 12.06 -11.23 -3.39
C ARG D 295 11.53 -11.05 -4.80
N THR D 296 10.26 -11.35 -5.03
CA THR D 296 9.71 -11.19 -6.37
C THR D 296 9.48 -9.70 -6.55
N ALA D 297 9.60 -9.23 -7.79
CA ALA D 297 9.39 -7.82 -8.11
C ALA D 297 9.22 -7.71 -9.62
N PRO D 298 8.84 -6.57 -10.14
CA PRO D 298 8.70 -6.36 -11.57
C PRO D 298 9.94 -6.61 -12.40
N HIS D 299 9.73 -7.01 -13.62
CA HIS D 299 10.75 -7.20 -14.59
C HIS D 299 11.61 -5.99 -14.76
N PRO D 300 12.91 -6.18 -14.75
CA PRO D 300 13.50 -7.49 -14.84
C PRO D 300 14.07 -8.09 -13.54
N ALA D 301 13.47 -7.79 -12.42
CA ALA D 301 13.74 -8.49 -11.21
C ALA D 301 13.19 -9.91 -11.18
N PHE D 302 13.39 -10.57 -10.08
CA PHE D 302 12.86 -11.92 -9.91
C PHE D 302 11.33 -12.03 -10.17
N PRO D 303 10.93 -12.85 -11.16
CA PRO D 303 9.51 -13.00 -11.52
C PRO D 303 8.62 -13.84 -10.59
N THR D 304 7.44 -13.28 -10.29
CA THR D 304 6.44 -13.90 -9.45
C THR D 304 5.99 -15.25 -10.05
N ASP D 305 6.08 -15.37 -11.37
CA ASP D 305 5.75 -16.63 -12.06
C ASP D 305 6.73 -17.77 -11.76
N MET D 306 7.82 -17.45 -11.06
CA MET D 306 8.84 -18.42 -10.67
C MET D 306 8.73 -18.81 -9.19
N GLN D 307 7.91 -18.06 -8.48
CA GLN D 307 7.69 -18.26 -7.05
C GLN D 307 7.41 -19.64 -6.51
N ALA D 308 6.34 -20.25 -7.00
CA ALA D 308 5.97 -21.59 -6.54
C ALA D 308 7.13 -22.54 -6.78
N GLN D 309 7.76 -22.43 -7.94
CA GLN D 309 8.89 -23.29 -8.28
C GLN D 309 10.06 -23.18 -7.29
N PHE D 310 10.38 -21.94 -6.92
CA PHE D 310 11.46 -21.69 -6.00
C PHE D 310 11.11 -22.08 -4.55
N THR D 311 9.84 -21.96 -4.22
CA THR D 311 9.37 -22.33 -2.89
C THR D 311 9.67 -23.81 -2.77
N LEU D 312 9.30 -24.55 -3.81
CA LEU D 312 9.58 -25.98 -3.86
C LEU D 312 11.07 -26.26 -3.62
N LEU D 313 11.92 -25.57 -4.38
CA LEU D 313 13.36 -25.71 -4.26
C LEU D 313 13.84 -25.54 -2.81
N ASN D 314 13.38 -24.49 -2.14
CA ASN D 314 13.75 -24.27 -0.75
C ASN D 314 13.32 -25.40 0.16
N LEU D 315 12.12 -25.94 -0.12
CA LEU D 315 11.55 -27.03 0.68
C LEU D 315 12.32 -28.34 0.69
N VAL D 316 13.26 -28.47 -0.24
CA VAL D 316 14.07 -29.66 -0.30
C VAL D 316 15.55 -29.27 -0.32
N ALA D 317 15.83 -28.00 -0.06
CA ALA D 317 17.20 -27.51 -0.02
C ALA D 317 17.83 -27.68 1.37
N GLU D 318 19.13 -27.44 1.44
CA GLU D 318 19.82 -27.49 2.71
C GLU D 318 19.65 -26.16 3.43
N GLY D 319 18.98 -26.17 4.56
CA GLY D 319 18.82 -24.92 5.28
C GLY D 319 17.46 -24.26 5.23
N THR D 320 17.45 -23.00 5.67
CA THR D 320 16.25 -22.18 5.75
C THR D 320 16.33 -21.03 4.76
N GLY D 321 15.21 -20.75 4.10
CA GLY D 321 15.19 -19.65 3.16
C GLY D 321 13.82 -19.04 3.09
N VAL D 322 13.74 -17.71 2.92
CA VAL D 322 12.45 -17.03 2.84
C VAL D 322 12.16 -16.45 1.45
N ILE D 323 10.89 -16.57 1.05
CA ILE D 323 10.41 -16.07 -0.22
C ILE D 323 9.39 -15.00 0.11
N THR D 324 9.61 -13.80 -0.43
CA THR D 324 8.71 -12.68 -0.18
C THR D 324 8.06 -12.22 -1.48
N GLU D 325 6.74 -12.06 -1.48
CA GLU D 325 6.00 -11.56 -2.65
C GLU D 325 5.86 -10.09 -2.35
N THR D 326 6.59 -9.20 -3.04
CA THR D 326 6.52 -7.77 -2.75
C THR D 326 5.34 -6.99 -3.32
N ILE D 327 4.71 -7.51 -4.37
CA ILE D 327 3.58 -6.81 -4.98
C ILE D 327 2.23 -7.52 -4.77
N PHE D 328 2.17 -8.80 -5.11
CA PHE D 328 0.94 -9.60 -5.00
C PHE D 328 0.62 -10.29 -3.68
N GLU D 329 -0.68 -10.42 -3.38
CA GLU D 329 -1.15 -11.12 -2.18
C GLU D 329 -1.59 -12.56 -2.33
N ASN D 330 -1.64 -13.30 -1.22
CA ASN D 330 -2.03 -14.71 -1.28
C ASN D 330 -1.60 -15.58 -2.45
N ARG D 331 -0.30 -15.70 -2.61
CA ARG D 331 0.31 -16.47 -3.68
C ARG D 331 0.87 -17.81 -3.19
N PHE D 332 0.52 -18.14 -1.96
CA PHE D 332 0.99 -19.33 -1.29
C PHE D 332 -0.04 -20.42 -1.04
N MET D 333 -1.18 -20.33 -1.70
CA MET D 333 -2.21 -21.33 -1.48
C MET D 333 -1.85 -22.82 -1.63
N HIS D 334 -0.81 -23.07 -2.41
CA HIS D 334 -0.32 -24.41 -2.67
C HIS D 334 0.57 -24.97 -1.55
N VAL D 335 1.16 -24.10 -0.72
CA VAL D 335 2.05 -24.56 0.35
C VAL D 335 1.44 -25.67 1.22
N PRO D 336 0.16 -25.55 1.62
CA PRO D 336 -0.42 -26.62 2.44
C PRO D 336 -0.29 -27.96 1.71
N GLU D 337 -0.47 -27.94 0.39
CA GLU D 337 -0.31 -29.14 -0.44
C GLU D 337 1.10 -29.71 -0.23
N LEU D 338 2.09 -28.82 -0.34
CA LEU D 338 3.48 -29.22 -0.16
C LEU D 338 3.69 -29.79 1.24
N ILE D 339 3.13 -29.11 2.23
CA ILE D 339 3.26 -29.56 3.60
C ILE D 339 2.63 -30.93 3.77
N ARG D 340 1.66 -31.27 2.94
CA ARG D 340 1.06 -32.62 2.99
C ARG D 340 2.03 -33.68 2.46
N MET D 341 3.00 -33.22 1.70
CA MET D 341 4.04 -34.10 1.15
C MET D 341 5.24 -34.22 2.07
N GLY D 342 5.10 -33.66 3.27
CA GLY D 342 6.16 -33.72 4.27
C GLY D 342 7.09 -32.53 4.32
N ALA D 343 6.65 -31.38 3.80
CA ALA D 343 7.48 -30.18 3.78
C ALA D 343 7.33 -29.40 5.07
N HIS D 344 8.34 -28.61 5.39
CA HIS D 344 8.31 -27.79 6.60
C HIS D 344 8.33 -26.30 6.28
N ALA D 345 7.17 -25.66 6.39
CA ALA D 345 7.08 -24.25 6.09
C ALA D 345 6.05 -23.51 6.93
N GLU D 346 6.20 -22.19 6.97
CA GLU D 346 5.32 -21.27 7.66
C GLU D 346 4.98 -20.08 6.75
N ILE D 347 3.71 -19.79 6.63
CA ILE D 347 3.30 -18.68 5.80
C ILE D 347 3.10 -17.51 6.74
N GLU D 348 3.90 -16.47 6.55
CA GLU D 348 3.78 -15.29 7.39
C GLU D 348 3.58 -13.99 6.61
N SER D 349 2.31 -13.60 6.46
CA SER D 349 1.97 -12.40 5.72
C SER D 349 2.24 -12.60 4.21
N ASN D 350 3.05 -11.72 3.62
CA ASN D 350 3.40 -11.83 2.20
C ASN D 350 4.66 -12.70 1.98
N THR D 351 4.96 -13.59 2.93
CA THR D 351 6.14 -14.45 2.82
C THR D 351 5.92 -15.90 3.25
N VAL D 352 6.83 -16.76 2.78
CA VAL D 352 6.81 -18.17 3.13
C VAL D 352 8.20 -18.50 3.67
N ILE D 353 8.26 -19.00 4.91
CA ILE D 353 9.53 -19.36 5.53
C ILE D 353 9.77 -20.84 5.27
N CYS D 354 10.83 -21.16 4.54
CA CYS D 354 11.13 -22.56 4.20
C CYS D 354 12.20 -23.28 5.04
N HIS D 355 11.89 -24.50 5.44
CA HIS D 355 12.80 -25.35 6.22
C HIS D 355 13.03 -26.62 5.42
N GLY D 356 14.11 -26.66 4.66
CA GLY D 356 14.39 -27.80 3.80
C GLY D 356 14.42 -29.19 4.43
N VAL D 357 13.73 -30.13 3.79
CA VAL D 357 13.71 -31.50 4.26
C VAL D 357 14.40 -32.42 3.26
N GLU D 358 14.85 -33.57 3.73
CA GLU D 358 15.51 -34.55 2.87
C GLU D 358 14.67 -35.05 1.70
N LYS D 359 13.55 -35.67 2.04
CA LYS D 359 12.66 -36.26 1.04
C LYS D 359 11.17 -35.97 1.24
N LEU D 360 10.45 -35.80 0.15
CA LEU D 360 9.01 -35.59 0.22
C LEU D 360 8.34 -36.97 0.15
N SER D 361 7.10 -37.05 0.60
CA SER D 361 6.36 -38.30 0.53
C SER D 361 5.15 -38.12 -0.39
N GLY D 362 4.89 -39.14 -1.21
CA GLY D 362 3.77 -39.07 -2.13
C GLY D 362 2.44 -38.74 -1.47
N ALA D 363 1.55 -38.09 -2.21
CA ALA D 363 0.24 -37.72 -1.70
C ALA D 363 -0.67 -37.30 -2.82
N GLN D 364 -1.95 -37.16 -2.49
CA GLN D 364 -2.96 -36.74 -3.45
C GLN D 364 -3.04 -35.23 -3.31
N VAL D 365 -2.59 -34.51 -4.33
CA VAL D 365 -2.58 -33.06 -4.22
C VAL D 365 -3.24 -32.36 -5.39
N MET D 366 -3.41 -31.05 -5.23
CA MET D 366 -4.05 -30.23 -6.25
C MET D 366 -3.89 -28.71 -6.03
N ALA D 367 -3.76 -27.96 -7.11
CA ALA D 367 -3.67 -26.50 -7.03
C ALA D 367 -4.27 -25.98 -8.32
N THR D 368 -4.82 -24.79 -8.25
CA THR D 368 -5.45 -24.22 -9.43
C THR D 368 -4.48 -23.41 -10.26
N ASP D 369 -3.44 -22.91 -9.61
CA ASP D 369 -2.43 -22.14 -10.31
C ASP D 369 -1.57 -22.96 -11.28
N LEU D 370 -1.42 -22.45 -12.49
CA LEU D 370 -0.61 -23.09 -13.51
C LEU D 370 0.77 -23.45 -12.93
N ARG D 371 1.45 -22.45 -12.41
CA ARG D 371 2.78 -22.62 -11.84
C ARG D 371 2.81 -23.53 -10.63
N ALA D 372 1.89 -23.25 -9.71
CA ALA D 372 1.81 -24.02 -8.49
C ALA D 372 1.51 -25.45 -8.87
N SER D 373 0.60 -25.62 -9.84
CA SER D 373 0.27 -26.97 -10.27
C SER D 373 1.49 -27.68 -10.78
N ALA D 374 2.27 -26.97 -11.61
CA ALA D 374 3.49 -27.54 -12.17
C ALA D 374 4.50 -27.89 -11.06
N SER D 375 4.52 -27.09 -10.00
CA SER D 375 5.44 -27.36 -8.90
C SER D 375 5.04 -28.67 -8.21
N LEU D 376 3.73 -28.91 -8.12
CA LEU D 376 3.25 -30.13 -7.51
C LEU D 376 3.77 -31.35 -8.29
N VAL D 377 3.70 -31.26 -9.61
CA VAL D 377 4.18 -32.36 -10.45
C VAL D 377 5.68 -32.53 -10.24
N LEU D 378 6.44 -31.44 -10.18
CA LEU D 378 7.87 -31.56 -9.91
C LEU D 378 8.14 -32.23 -8.56
N ALA D 379 7.29 -31.94 -7.57
CA ALA D 379 7.42 -32.55 -6.24
C ALA D 379 7.12 -34.04 -6.32
N GLY D 380 6.10 -34.39 -7.11
CA GLY D 380 5.78 -35.80 -7.27
C GLY D 380 7.02 -36.54 -7.79
N CYS D 381 7.73 -35.93 -8.74
CA CYS D 381 8.93 -36.53 -9.32
C CYS D 381 10.04 -36.94 -8.36
N ILE D 382 10.25 -36.12 -7.34
CA ILE D 382 11.31 -36.37 -6.38
C ILE D 382 10.83 -36.96 -5.06
N ALA D 383 9.50 -36.98 -4.86
CA ALA D 383 8.92 -37.53 -3.63
C ALA D 383 8.99 -39.05 -3.55
N GLU D 384 8.84 -39.55 -2.33
CA GLU D 384 8.87 -40.96 -2.08
C GLU D 384 7.53 -41.60 -2.36
N GLY D 385 7.50 -42.48 -3.35
CA GLY D 385 6.28 -43.18 -3.69
C GLY D 385 5.37 -42.59 -4.74
N THR D 386 4.08 -42.73 -4.49
CA THR D 386 3.03 -42.28 -5.41
C THR D 386 2.40 -40.94 -5.09
N THR D 387 2.37 -40.06 -6.09
CA THR D 387 1.77 -38.75 -5.97
C THR D 387 0.75 -38.64 -7.09
N VAL D 388 -0.39 -38.05 -6.78
CA VAL D 388 -1.43 -37.88 -7.76
C VAL D 388 -1.79 -36.40 -7.78
N VAL D 389 -1.59 -35.77 -8.92
CA VAL D 389 -1.90 -34.36 -9.03
C VAL D 389 -3.23 -34.25 -9.74
N ASP D 390 -4.17 -33.57 -9.11
CA ASP D 390 -5.48 -33.41 -9.69
C ASP D 390 -5.68 -32.19 -10.57
N ARG D 391 -6.64 -32.29 -11.49
CA ARG D 391 -7.01 -31.19 -12.38
C ARG D 391 -5.85 -30.59 -13.14
N ILE D 392 -5.07 -31.44 -13.81
CA ILE D 392 -3.94 -30.94 -14.54
C ILE D 392 -4.26 -30.15 -15.81
N TYR D 393 -5.54 -29.97 -16.11
CA TYR D 393 -5.91 -29.17 -17.29
C TYR D 393 -5.30 -27.77 -17.16
N HIS D 394 -5.11 -27.33 -15.92
CA HIS D 394 -4.50 -26.02 -15.63
C HIS D 394 -3.14 -25.94 -16.30
N ILE D 395 -2.32 -26.96 -16.06
CA ILE D 395 -1.00 -27.05 -16.63
C ILE D 395 -1.12 -27.17 -18.16
N ASP D 396 -2.06 -28.00 -18.64
CA ASP D 396 -2.28 -28.17 -20.08
C ASP D 396 -2.51 -26.88 -20.84
N ARG D 397 -3.04 -25.87 -20.15
CA ARG D 397 -3.29 -24.55 -20.71
C ARG D 397 -2.05 -23.66 -20.95
N GLY D 398 -1.01 -23.90 -20.16
CA GLY D 398 0.22 -23.13 -20.30
C GLY D 398 1.48 -23.90 -20.62
N TYR D 399 1.45 -25.21 -20.52
CA TYR D 399 2.61 -26.06 -20.82
C TYR D 399 2.29 -27.03 -21.96
N GLU D 400 3.19 -27.09 -22.93
CA GLU D 400 3.05 -28.00 -24.08
C GLU D 400 3.43 -29.45 -23.70
N ARG D 401 2.44 -30.30 -23.45
CA ARG D 401 2.67 -31.69 -23.07
C ARG D 401 3.84 -31.94 -22.09
N ILE D 402 3.70 -31.36 -20.90
CA ILE D 402 4.71 -31.47 -19.88
C ILE D 402 5.06 -32.93 -19.50
N GLU D 403 4.08 -33.84 -19.53
CA GLU D 403 4.38 -35.24 -19.21
C GLU D 403 5.43 -35.86 -20.16
N ASP D 404 5.31 -35.51 -21.43
CA ASP D 404 6.25 -35.99 -22.45
C ASP D 404 7.67 -35.48 -22.18
N LYS D 405 7.80 -34.20 -21.90
CA LYS D 405 9.09 -33.62 -21.62
C LYS D 405 9.70 -34.22 -20.35
N LEU D 406 8.86 -34.30 -19.31
CA LEU D 406 9.26 -34.88 -18.04
C LEU D 406 9.74 -36.34 -18.20
N ARG D 407 8.97 -37.13 -18.94
CA ARG D 407 9.31 -38.52 -19.22
C ARG D 407 10.69 -38.67 -19.87
N ALA D 408 11.00 -37.78 -20.82
CA ALA D 408 12.28 -37.80 -21.50
C ALA D 408 13.41 -37.42 -20.54
N LEU D 409 13.06 -36.77 -19.44
CA LEU D 409 14.04 -36.38 -18.43
C LEU D 409 14.25 -37.49 -17.40
N GLY D 410 13.48 -38.56 -17.55
CA GLY D 410 13.58 -39.68 -16.65
C GLY D 410 12.44 -39.79 -15.65
N ALA D 411 11.38 -39.00 -15.83
CA ALA D 411 10.28 -39.07 -14.87
C ALA D 411 9.42 -40.31 -15.08
N ASN D 412 8.84 -40.79 -13.99
CA ASN D 412 7.93 -41.94 -14.02
C ASN D 412 6.58 -41.24 -13.88
N ILE D 413 6.00 -40.86 -15.01
CA ILE D 413 4.75 -40.11 -15.01
C ILE D 413 3.71 -40.63 -15.99
N GLU D 414 2.46 -40.61 -15.54
CA GLU D 414 1.35 -41.06 -16.37
C GLU D 414 0.09 -40.19 -16.29
N ARG D 415 -0.54 -40.01 -17.44
CA ARG D 415 -1.78 -39.24 -17.51
C ARG D 415 -2.96 -40.18 -17.30
N VAL D 416 -3.64 -40.06 -16.16
CA VAL D 416 -4.74 -40.96 -15.84
C VAL D 416 -6.07 -40.28 -15.54
N LYS D 417 -7.13 -41.09 -15.53
CA LYS D 417 -8.48 -40.59 -15.28
C LYS D 417 -9.14 -40.82 -13.92
N GLY D 418 -10.20 -40.06 -13.65
CA GLY D 418 -10.92 -40.19 -12.39
C GLY D 418 -12.05 -39.19 -12.19
N GLU D 419 -13.27 -39.72 -12.14
CA GLU D 419 -14.47 -38.89 -11.93
C GLU D 419 -15.50 -39.54 -11.01
C1 EDO E . 38.52 9.36 -21.01
O1 EDO E . 38.02 10.14 -22.11
C2 EDO E . 39.76 8.58 -21.45
O2 EDO E . 40.59 8.30 -20.32
C ACT F . 21.81 4.84 9.30
O ACT F . 22.12 6.03 9.23
OXT ACT F . 21.67 4.30 10.39
CH3 ACT F . 21.57 4.05 8.02
N1 UPG G . 14.16 1.28 10.20
C2 UPG G . 13.50 0.90 11.35
N3 UPG G . 14.21 0.53 12.45
C4 UPG G . 15.58 0.53 12.43
C5 UPG G . 16.29 0.92 11.26
C6 UPG G . 15.56 1.29 10.17
O2 UPG G . 12.28 0.89 11.40
O4 UPG G . 16.19 0.19 13.42
C1C UPG G . 13.40 1.69 9.00
C2C UPG G . 13.53 3.22 8.79
O2C UPG G . 12.49 3.94 9.47
C3C UPG G . 13.53 3.38 7.25
C4C UPG G . 13.82 1.97 6.69
O4C UPG G . 13.95 1.07 7.81
O3C UPG G . 12.26 3.90 6.80
C5C UPG G . 15.12 1.98 5.86
O5C UPG G . 16.27 1.63 6.68
PA UPG G . 17.71 2.26 6.12
O1A UPG G . 18.21 1.67 7.37
O2A UPG G . 17.43 1.43 4.77
O3A UPG G . 16.99 3.71 6.25
PB UPG G . 17.99 4.73 7.01
O1B UPG G . 19.26 4.87 6.21
O2B UPG G . 18.33 4.15 8.49
O3B UPG G . 17.24 6.16 7.18
C1' UPG G . 17.71 7.08 6.17
C2' UPG G . 17.88 8.49 6.81
C3' UPG G . 16.49 9.01 7.27
C4' UPG G . 15.55 9.05 6.03
C5' UPG G . 15.45 7.61 5.44
C6' UPG G . 14.51 7.62 4.20
O2' UPG G . 18.79 8.43 7.93
O3' UPG G . 16.62 10.32 7.87
O4' UPG G . 14.24 9.54 6.42
O5' UPG G . 16.78 7.13 5.04
O6' UPG G . 14.42 6.30 3.67
C1 EDO H . -16.99 7.38 2.78
O1 EDO H . -17.00 8.19 1.60
C2 EDO H . -16.33 6.02 2.46
O2 EDO H . -16.64 5.06 3.49
C1 EDO I . -39.56 29.18 2.17
O1 EDO I . -39.34 29.68 0.84
C2 EDO I . -41.01 28.70 2.31
O2 EDO I . -41.03 27.30 2.63
C1 EDO J . -10.03 10.48 25.39
O1 EDO J . -9.29 9.91 26.47
C2 EDO J . -9.84 12.00 25.32
O2 EDO J . -9.74 12.39 23.94
C1 EDO K . 1.64 -5.81 16.02
O1 EDO K . 0.56 -5.28 15.24
C2 EDO K . 1.08 -6.26 17.38
O2 EDO K . 1.81 -5.62 18.44
C1 EDO L . 12.95 -18.15 -30.52
O1 EDO L . 13.58 -16.93 -30.94
C2 EDO L . 14.03 -19.22 -30.28
O2 EDO L . 13.42 -20.54 -30.24
C1 EDO M . -18.87 5.46 -33.82
O1 EDO M . -19.84 6.51 -33.67
C2 EDO M . -19.09 4.38 -32.75
O2 EDO M . -17.85 3.74 -32.43
C1 EDO N . -4.98 -9.77 -22.48
O1 EDO N . -4.86 -8.45 -21.98
C2 EDO N . -4.29 -10.74 -21.52
O2 EDO N . -5.09 -10.91 -20.34
C1 EDO O . 11.11 -27.28 11.14
O1 EDO O . 11.51 -27.95 9.94
C2 EDO O . 9.62 -27.51 11.40
O2 EDO O . 8.84 -26.72 10.50
C1 EDO P . -6.50 -42.41 -10.40
O1 EDO P . -7.72 -41.92 -9.80
C2 EDO P . -5.42 -42.65 -9.32
O2 EDO P . -6.01 -43.31 -8.17
C1 EDO Q . -20.91 -7.36 -29.71
O1 EDO Q . -21.06 -8.24 -28.58
C2 EDO Q . -19.50 -7.47 -30.26
O2 EDO Q . -19.48 -8.33 -31.40
C ACT R . 2.11 -7.53 -15.30
O ACT R . 1.07 -8.07 -15.68
OXT ACT R . 3.13 -8.20 -15.14
CH3 ACT R . 2.14 -6.04 -15.01
N1 UPG S . -6.01 -3.48 -15.62
C2 UPG S . -7.16 -2.72 -15.55
N3 UPG S . -7.83 -2.38 -16.67
C4 UPG S . -7.39 -2.78 -17.90
C5 UPG S . -6.20 -3.57 -18.02
C6 UPG S . -5.53 -3.90 -16.87
O2 UPG S . -7.60 -2.34 -14.47
O4 UPG S . -8.00 -2.46 -18.89
C1C UPG S . -5.26 -3.87 -14.39
C2C UPG S . -5.64 -5.35 -14.05
O2C UPG S . -6.57 -5.39 -12.97
C3C UPG S . -4.31 -6.05 -13.70
C4C UPG S . -3.20 -5.05 -14.06
O4C UPG S . -3.81 -3.83 -14.59
O3C UPG S . -4.29 -6.44 -12.34
C5C UPG S . -2.18 -5.69 -15.07
O5C UPG S . -2.70 -5.76 -16.45
PA UPG S . -1.90 -6.86 -17.40
O1A UPG S . -2.75 -6.25 -18.44
O2A UPG S . -0.52 -6.19 -16.95
O3A UPG S . -2.57 -7.97 -16.42
PB UPG S . -3.58 -8.96 -17.24
O1B UPG S . -2.88 -9.56 -18.42
O2B UPG S . -4.87 -8.12 -17.73
O3B UPG S . -4.13 -10.10 -16.25
C1' UPG S . -3.16 -11.17 -16.08
C2' UPG S . -3.93 -12.37 -15.46
C3' UPG S . -4.52 -11.91 -14.09
C4' UPG S . -3.35 -11.46 -13.18
C5' UPG S . -2.57 -10.32 -13.89
C6' UPG S . -1.39 -9.88 -13.00
O2' UPG S . -4.99 -12.81 -16.33
O3' UPG S . -5.27 -12.97 -13.46
O4' UPG S . -3.84 -11.00 -11.91
O5' UPG S . -2.07 -10.76 -15.18
O6' UPG S . -0.66 -8.83 -13.66
#